data_1NXB
# 
_entry.id   1NXB 
# 
_audit_conform.dict_name       mmcif_pdbx.dic 
_audit_conform.dict_version    5.399 
_audit_conform.dict_location   http://mmcif.pdb.org/dictionaries/ascii/mmcif_pdbx.dic 
# 
loop_
_database_2.database_id 
_database_2.database_code 
_database_2.pdbx_database_accession 
_database_2.pdbx_DOI 
PDB   1NXB         pdb_00001nxb 10.2210/pdb1nxb/pdb 
WWPDB D_1000175407 ?            ?                   
# 
loop_
_pdbx_audit_revision_history.ordinal 
_pdbx_audit_revision_history.data_content_type 
_pdbx_audit_revision_history.major_revision 
_pdbx_audit_revision_history.minor_revision 
_pdbx_audit_revision_history.revision_date 
1 'Structure model' 1 0 1981-01-27 
2 'Structure model' 1 1 2008-03-03 
3 'Structure model' 1 2 2011-07-13 
4 'Structure model' 1 3 2017-11-29 
5 'Structure model' 1 4 2024-12-25 
# 
_pdbx_audit_revision_details.ordinal             1 
_pdbx_audit_revision_details.revision_ordinal    1 
_pdbx_audit_revision_details.data_content_type   'Structure model' 
_pdbx_audit_revision_details.provider            repository 
_pdbx_audit_revision_details.type                'Initial release' 
_pdbx_audit_revision_details.description         ? 
_pdbx_audit_revision_details.details             ? 
# 
loop_
_pdbx_audit_revision_group.ordinal 
_pdbx_audit_revision_group.revision_ordinal 
_pdbx_audit_revision_group.data_content_type 
_pdbx_audit_revision_group.group 
1 2 'Structure model' 'Version format compliance' 
2 3 'Structure model' 'Version format compliance' 
3 4 'Structure model' 'Derived calculations'      
4 4 'Structure model' Other                       
5 5 'Structure model' Advisory                    
6 5 'Structure model' 'Data collection'           
7 5 'Structure model' 'Database references'       
8 5 'Structure model' 'Derived calculations'      
9 5 'Structure model' 'Structure summary'         
# 
loop_
_pdbx_audit_revision_category.ordinal 
_pdbx_audit_revision_category.revision_ordinal 
_pdbx_audit_revision_category.data_content_type 
_pdbx_audit_revision_category.category 
1  4 'Structure model' pdbx_database_status         
2  4 'Structure model' struct_conf                  
3  5 'Structure model' chem_comp_atom               
4  5 'Structure model' chem_comp_bond               
5  5 'Structure model' database_2                   
6  5 'Structure model' database_PDB_caveat          
7  5 'Structure model' pdbx_distant_solvent_atoms   
8  5 'Structure model' pdbx_entry_details           
9  5 'Structure model' pdbx_modification_feature    
10 5 'Structure model' pdbx_unobs_or_zero_occ_atoms 
11 5 'Structure model' pdbx_validate_close_contact  
12 5 'Structure model' struct_conn                  
13 5 'Structure model' struct_conn_type             
14 5 'Structure model' struct_ref_seq_dif           
15 5 'Structure model' struct_site                  
# 
loop_
_pdbx_audit_revision_item.ordinal 
_pdbx_audit_revision_item.revision_ordinal 
_pdbx_audit_revision_item.data_content_type 
_pdbx_audit_revision_item.item 
1 4 'Structure model' '_pdbx_database_status.process_site'           
2 5 'Structure model' '_database_2.pdbx_DOI'                         
3 5 'Structure model' '_database_2.pdbx_database_accession'          
4 5 'Structure model' '_pdbx_entry_details.has_protein_modification' 
5 5 'Structure model' '_struct_ref_seq_dif.details'                  
6 5 'Structure model' '_struct_site.pdbx_auth_asym_id'               
7 5 'Structure model' '_struct_site.pdbx_auth_comp_id'               
8 5 'Structure model' '_struct_site.pdbx_auth_seq_id'                
# 
loop_
_database_PDB_caveat.id 
_database_PDB_caveat.text 
1 'ARG A 1 HAS WRONG CHIRALITY AT ATOM CA'  
2 'HIS A 7 HAS WRONG CHIRALITY AT ATOM CA'  
3 'THR A 14 HAS WRONG CHIRALITY AT ATOM CB' 
4 'PHE A 32 HAS WRONG CHIRALITY AT ATOM CA' 
5 'PRO A 44 HAS WRONG CHIRALITY AT ATOM CA' 
6 'LYS A 51 HAS WRONG CHIRALITY AT ATOM CA' 
7 'LEU A 52 HAS WRONG CHIRALITY AT ATOM CA' 
8 'GLU A 56 HAS WRONG CHIRALITY AT ATOM CA' 
9 'CYS A 60 HAS WRONG CHIRALITY AT ATOM CA' 
# 
_pdbx_database_status.status_code                     REL 
_pdbx_database_status.entry_id                        1NXB 
_pdbx_database_status.recvd_initial_deposition_date   1980-08-08 
_pdbx_database_status.deposit_site                    ? 
_pdbx_database_status.process_site                    BNL 
_pdbx_database_status.SG_entry                        . 
_pdbx_database_status.pdb_format_compatible           Y 
_pdbx_database_status.status_code_mr                  ? 
_pdbx_database_status.status_code_sf                  ? 
_pdbx_database_status.status_code_cs                  ? 
_pdbx_database_status.methods_development_category    ? 
_pdbx_database_status.status_code_nmr_data            ? 
# 
loop_
_audit_author.name 
_audit_author.pdbx_ordinal 
'Tsernoglou, D.' 1 
'Petsko, G.A.'   2 
# 
loop_
_citation.id 
_citation.title 
_citation.journal_abbrev 
_citation.journal_volume 
_citation.page_first 
_citation.page_last 
_citation.year 
_citation.journal_id_ASTM 
_citation.country 
_citation.journal_id_ISSN 
_citation.journal_id_CSD 
_citation.book_publisher 
_citation.pdbx_database_id_PubMed 
_citation.pdbx_database_id_DOI 
primary 'Structure and function of snake venom curarimimetic neurotoxins.'                               Mol.Pharmacol.         14 
710  716 1978 MOPMA3 US 0026-895X 0197 ? 683181 ? 
1       'Molecular Graphics. Application to the Structure Determination of a Snake Venom Neurotoxin'     Science                
197 1378 ?   1977 SCIEAS US 0036-8075 0038 ? ?      ? 
2       'Protein Sequencing by Computer Graphics'                                                        Biochim.Biophys.Acta   
491 605  ?   1977 BBACAQ NE 0006-3002 0113 ? ?      ? 
3       'Three-Dimensional Structure of Neurotoxin a from Venom of the Philippines Sea Snake'            Proc.Natl.Acad.Sci.USA 74 
971  ?   1977 PNASA6 US 0027-8424 0040 ? ?      ? 
4       'The Crystal Structure of a Post-Synaptic Neurotoxin from Sea Snake at 2.2 Angstroms Resolution' 'FEBS Lett.'           68 
1    ?   1976 FEBLAL NE 0014-5793 0165 ? ?      ? 
# 
loop_
_citation_author.citation_id 
_citation_author.name 
_citation_author.ordinal 
_citation_author.identifier_ORCID 
primary 'Tsernoglou, D.'      1  ? 
primary 'Petsko, G.A.'        2  ? 
primary 'Hudson, R.A.'        3  ? 
1       'Tsernoglou, D.'      4  ? 
1       'Petsko, G.A.'        5  ? 
1       'Mcqueenjunior, J.E.' 6  ? 
1       'Hermans, J.'         7  ? 
2       'Tsernoglou, D.'      8  ? 
2       'Petsko, G.A.'        9  ? 
2       'TU, A.T.'            10 ? 
3       'Tsernoglou, D.'      11 ? 
3       'Petsko, G.A.'        12 ? 
4       'Tsernoglou, D.'      13 ? 
4       'Petsko, G.A.'        14 ? 
# 
loop_
_entity.id 
_entity.type 
_entity.src_method 
_entity.pdbx_description 
_entity.formula_weight 
_entity.pdbx_number_of_molecules 
_entity.pdbx_ec 
_entity.pdbx_mutation 
_entity.pdbx_fragment 
_entity.details 
1 polymer     man 'NEUROTOXIN B' 6877.759 1  ? ? ? ? 
2 non-polymer syn 'SULFATE ION'  96.063   2  ? ? ? ? 
3 water       nat water          18.015   67 ? ? ? ? 
# 
_entity_poly.entity_id                      1 
_entity_poly.type                           'polypeptide(L)' 
_entity_poly.nstd_linkage                   no 
_entity_poly.nstd_monomer                   no 
_entity_poly.pdbx_seq_one_letter_code       RICFNQHSSQPQTTKTCSPGESSCYHKQWSDFRGTIIERGCGCPTVKPGIKLSCCESEVCNN 
_entity_poly.pdbx_seq_one_letter_code_can   RICFNQHSSQPQTTKTCSPGESSCYHKQWSDFRGTIIERGCGCPTVKPGIKLSCCESEVCNN 
_entity_poly.pdbx_strand_id                 A 
_entity_poly.pdbx_target_identifier         ? 
# 
loop_
_pdbx_entity_nonpoly.entity_id 
_pdbx_entity_nonpoly.name 
_pdbx_entity_nonpoly.comp_id 
2 'SULFATE ION' SO4 
3 water         HOH 
# 
loop_
_entity_poly_seq.entity_id 
_entity_poly_seq.num 
_entity_poly_seq.mon_id 
_entity_poly_seq.hetero 
1 1  ARG n 
1 2  ILE n 
1 3  CYS n 
1 4  PHE n 
1 5  ASN n 
1 6  GLN n 
1 7  HIS n 
1 8  SER n 
1 9  SER n 
1 10 GLN n 
1 11 PRO n 
1 12 GLN n 
1 13 THR n 
1 14 THR n 
1 15 LYS n 
1 16 THR n 
1 17 CYS n 
1 18 SER n 
1 19 PRO n 
1 20 GLY n 
1 21 GLU n 
1 22 SER n 
1 23 SER n 
1 24 CYS n 
1 25 TYR n 
1 26 HIS n 
1 27 LYS n 
1 28 GLN n 
1 29 TRP n 
1 30 SER n 
1 31 ASP n 
1 32 PHE n 
1 33 ARG n 
1 34 GLY n 
1 35 THR n 
1 36 ILE n 
1 37 ILE n 
1 38 GLU n 
1 39 ARG n 
1 40 GLY n 
1 41 CYS n 
1 42 GLY n 
1 43 CYS n 
1 44 PRO n 
1 45 THR n 
1 46 VAL n 
1 47 LYS n 
1 48 PRO n 
1 49 GLY n 
1 50 ILE n 
1 51 LYS n 
1 52 LEU n 
1 53 SER n 
1 54 CYS n 
1 55 CYS n 
1 56 GLU n 
1 57 SER n 
1 58 GLU n 
1 59 VAL n 
1 60 CYS n 
1 61 ASN n 
1 62 ASN n 
# 
_entity_src_gen.entity_id                          1 
_entity_src_gen.pdbx_src_id                        1 
_entity_src_gen.pdbx_alt_source_flag               sample 
_entity_src_gen.pdbx_seq_type                      ? 
_entity_src_gen.pdbx_beg_seq_num                   ? 
_entity_src_gen.pdbx_end_seq_num                   ? 
_entity_src_gen.gene_src_common_name               'broad-banded blue sea krait' 
_entity_src_gen.gene_src_genus                     Laticauda 
_entity_src_gen.pdbx_gene_src_gene                 ? 
_entity_src_gen.gene_src_species                   ? 
_entity_src_gen.gene_src_strain                    ? 
_entity_src_gen.gene_src_tissue                    ? 
_entity_src_gen.gene_src_tissue_fraction           ? 
_entity_src_gen.gene_src_details                   ? 
_entity_src_gen.pdbx_gene_src_fragment             ? 
_entity_src_gen.pdbx_gene_src_scientific_name      'Laticauda semifasciata' 
_entity_src_gen.pdbx_gene_src_ncbi_taxonomy_id     8631 
_entity_src_gen.pdbx_gene_src_variant              ? 
_entity_src_gen.pdbx_gene_src_cell_line            ? 
_entity_src_gen.pdbx_gene_src_atcc                 ? 
_entity_src_gen.pdbx_gene_src_organ                ? 
_entity_src_gen.pdbx_gene_src_organelle            ? 
_entity_src_gen.pdbx_gene_src_cell                 ? 
_entity_src_gen.pdbx_gene_src_cellular_location    ? 
_entity_src_gen.host_org_common_name               ? 
_entity_src_gen.pdbx_host_org_scientific_name      ? 
_entity_src_gen.pdbx_host_org_ncbi_taxonomy_id     ? 
_entity_src_gen.host_org_genus                     ? 
_entity_src_gen.pdbx_host_org_gene                 ? 
_entity_src_gen.pdbx_host_org_organ                ? 
_entity_src_gen.host_org_species                   ? 
_entity_src_gen.pdbx_host_org_tissue               ? 
_entity_src_gen.pdbx_host_org_tissue_fraction      ? 
_entity_src_gen.pdbx_host_org_strain               ? 
_entity_src_gen.pdbx_host_org_variant              ? 
_entity_src_gen.pdbx_host_org_cell_line            ? 
_entity_src_gen.pdbx_host_org_atcc                 ? 
_entity_src_gen.pdbx_host_org_culture_collection   ? 
_entity_src_gen.pdbx_host_org_cell                 ? 
_entity_src_gen.pdbx_host_org_organelle            ? 
_entity_src_gen.pdbx_host_org_cellular_location    ? 
_entity_src_gen.pdbx_host_org_vector_type          ? 
_entity_src_gen.pdbx_host_org_vector               ? 
_entity_src_gen.host_org_details                   ? 
_entity_src_gen.expression_system_id               ? 
_entity_src_gen.plasmid_name                       ? 
_entity_src_gen.plasmid_details                    ? 
_entity_src_gen.pdbx_description                   ? 
# 
loop_
_chem_comp.id 
_chem_comp.type 
_chem_comp.mon_nstd_flag 
_chem_comp.name 
_chem_comp.pdbx_synonyms 
_chem_comp.formula 
_chem_comp.formula_weight 
ARG 'L-peptide linking' y ARGININE        ? 'C6 H15 N4 O2 1' 175.209 
ASN 'L-peptide linking' y ASPARAGINE      ? 'C4 H8 N2 O3'    132.118 
ASP 'L-peptide linking' y 'ASPARTIC ACID' ? 'C4 H7 N O4'     133.103 
CYS 'L-peptide linking' y CYSTEINE        ? 'C3 H7 N O2 S'   121.158 
GLN 'L-peptide linking' y GLUTAMINE       ? 'C5 H10 N2 O3'   146.144 
GLU 'L-peptide linking' y 'GLUTAMIC ACID' ? 'C5 H9 N O4'     147.129 
GLY 'peptide linking'   y GLYCINE         ? 'C2 H5 N O2'     75.067  
HIS 'L-peptide linking' y HISTIDINE       ? 'C6 H10 N3 O2 1' 156.162 
HOH non-polymer         . WATER           ? 'H2 O'           18.015  
ILE 'L-peptide linking' y ISOLEUCINE      ? 'C6 H13 N O2'    131.173 
LEU 'L-peptide linking' y LEUCINE         ? 'C6 H13 N O2'    131.173 
LYS 'L-peptide linking' y LYSINE          ? 'C6 H15 N2 O2 1' 147.195 
PHE 'L-peptide linking' y PHENYLALANINE   ? 'C9 H11 N O2'    165.189 
PRO 'L-peptide linking' y PROLINE         ? 'C5 H9 N O2'     115.130 
SER 'L-peptide linking' y SERINE          ? 'C3 H7 N O3'     105.093 
SO4 non-polymer         . 'SULFATE ION'   ? 'O4 S -2'        96.063  
THR 'L-peptide linking' y THREONINE       ? 'C4 H9 N O3'     119.119 
TRP 'L-peptide linking' y TRYPTOPHAN      ? 'C11 H12 N2 O2'  204.225 
TYR 'L-peptide linking' y TYROSINE        ? 'C9 H11 N O3'    181.189 
VAL 'L-peptide linking' y VALINE          ? 'C5 H11 N O2'    117.146 
# 
loop_
_pdbx_poly_seq_scheme.asym_id 
_pdbx_poly_seq_scheme.entity_id 
_pdbx_poly_seq_scheme.seq_id 
_pdbx_poly_seq_scheme.mon_id 
_pdbx_poly_seq_scheme.ndb_seq_num 
_pdbx_poly_seq_scheme.pdb_seq_num 
_pdbx_poly_seq_scheme.auth_seq_num 
_pdbx_poly_seq_scheme.pdb_mon_id 
_pdbx_poly_seq_scheme.auth_mon_id 
_pdbx_poly_seq_scheme.pdb_strand_id 
_pdbx_poly_seq_scheme.pdb_ins_code 
_pdbx_poly_seq_scheme.hetero 
A 1 1  ARG 1  1  1  ARG ARG A . n 
A 1 2  ILE 2  2  2  ILE ILE A . n 
A 1 3  CYS 3  3  3  CYS CYS A . n 
A 1 4  PHE 4  4  4  PHE PHE A . n 
A 1 5  ASN 5  5  5  ASN ASN A . n 
A 1 6  GLN 6  6  6  GLN GLN A . n 
A 1 7  HIS 7  7  7  HIS HIS A . n 
A 1 8  SER 8  8  8  SER SER A . n 
A 1 9  SER 9  9  9  SER SER A . n 
A 1 10 GLN 10 10 10 GLN GLN A . n 
A 1 11 PRO 11 11 11 PRO PRO A . n 
A 1 12 GLN 12 12 12 GLN GLN A . n 
A 1 13 THR 13 13 13 THR THR A . n 
A 1 14 THR 14 14 14 THR THR A . n 
A 1 15 LYS 15 15 15 LYS LYS A . n 
A 1 16 THR 16 16 16 THR THR A . n 
A 1 17 CYS 17 17 17 CYS CYS A . n 
A 1 18 SER 18 18 18 SER SER A . n 
A 1 19 PRO 19 19 19 PRO PRO A . n 
A 1 20 GLY 20 20 20 GLY GLY A . n 
A 1 21 GLU 21 21 21 GLU GLU A . n 
A 1 22 SER 22 22 22 SER SER A . n 
A 1 23 SER 23 23 23 SER SER A . n 
A 1 24 CYS 24 24 24 CYS CYS A . n 
A 1 25 TYR 25 25 25 TYR TYR A . n 
A 1 26 HIS 26 26 26 HIS HIS A . n 
A 1 27 LYS 27 27 27 LYS LYS A . n 
A 1 28 GLN 28 28 28 GLN GLN A . n 
A 1 29 TRP 29 29 29 TRP TRP A . n 
A 1 30 SER 30 30 30 SER SER A . n 
A 1 31 ASP 31 31 31 ASP ASP A . n 
A 1 32 PHE 32 32 32 PHE PHE A . n 
A 1 33 ARG 33 33 33 ARG ARG A . n 
A 1 34 GLY 34 34 34 GLY GLY A . n 
A 1 35 THR 35 35 35 THR THR A . n 
A 1 36 ILE 36 36 36 ILE ILE A . n 
A 1 37 ILE 37 37 37 ILE ILE A . n 
A 1 38 GLU 38 38 38 GLU GLU A . n 
A 1 39 ARG 39 39 39 ARG ARG A . n 
A 1 40 GLY 40 40 40 GLY GLY A . n 
A 1 41 CYS 41 41 41 CYS CYS A . n 
A 1 42 GLY 42 42 42 GLY GLY A . n 
A 1 43 CYS 43 43 43 CYS CYS A . n 
A 1 44 PRO 44 44 44 PRO PRO A . n 
A 1 45 THR 45 45 45 THR THR A . n 
A 1 46 VAL 46 46 46 VAL VAL A . n 
A 1 47 LYS 47 47 47 LYS LYS A . n 
A 1 48 PRO 48 48 48 PRO PRO A . n 
A 1 49 GLY 49 49 49 GLY GLY A . n 
A 1 50 ILE 50 50 50 ILE ILE A . n 
A 1 51 LYS 51 51 51 LYS LYS A . n 
A 1 52 LEU 52 52 52 LEU LEU A . n 
A 1 53 SER 53 53 53 SER SER A . n 
A 1 54 CYS 54 54 54 CYS CYS A . n 
A 1 55 CYS 55 55 55 CYS CYS A . n 
A 1 56 GLU 56 56 56 GLU GLU A . n 
A 1 57 SER 57 57 57 SER SER A . n 
A 1 58 GLU 58 58 58 GLU GLU A . n 
A 1 59 VAL 59 59 59 VAL VAL A . n 
A 1 60 CYS 60 60 60 CYS CYS A . n 
A 1 61 ASN 61 61 61 ASN ASN A . n 
A 1 62 ASN 62 62 62 ASN ASN A . n 
# 
loop_
_pdbx_nonpoly_scheme.asym_id 
_pdbx_nonpoly_scheme.entity_id 
_pdbx_nonpoly_scheme.mon_id 
_pdbx_nonpoly_scheme.ndb_seq_num 
_pdbx_nonpoly_scheme.pdb_seq_num 
_pdbx_nonpoly_scheme.auth_seq_num 
_pdbx_nonpoly_scheme.pdb_mon_id 
_pdbx_nonpoly_scheme.auth_mon_id 
_pdbx_nonpoly_scheme.pdb_strand_id 
_pdbx_nonpoly_scheme.pdb_ins_code 
B 2 SO4 1  63  1  SO4 SO4 A . 
C 2 SO4 1  64  2  SO4 SO4 A . 
D 3 HOH 1  65  3  HOH HOH A . 
D 3 HOH 2  66  4  HOH HOH A . 
D 3 HOH 3  67  5  HOH HOH A . 
D 3 HOH 4  68  6  HOH HOH A . 
D 3 HOH 5  69  7  HOH HOH A . 
D 3 HOH 6  70  8  HOH HOH A . 
D 3 HOH 7  71  9  HOH HOH A . 
D 3 HOH 8  72  10 HOH HOH A . 
D 3 HOH 9  73  11 HOH HOH A . 
D 3 HOH 10 74  12 HOH HOH A . 
D 3 HOH 11 75  13 HOH HOH A . 
D 3 HOH 12 76  14 HOH HOH A . 
D 3 HOH 13 77  15 HOH HOH A . 
D 3 HOH 14 78  16 HOH HOH A . 
D 3 HOH 15 79  17 HOH HOH A . 
D 3 HOH 16 80  18 HOH HOH A . 
D 3 HOH 17 81  19 HOH HOH A . 
D 3 HOH 18 82  20 HOH HOH A . 
D 3 HOH 19 83  21 HOH HOH A . 
D 3 HOH 20 84  22 HOH HOH A . 
D 3 HOH 21 85  23 HOH HOH A . 
D 3 HOH 22 86  24 HOH HOH A . 
D 3 HOH 23 87  25 HOH HOH A . 
D 3 HOH 24 88  26 HOH HOH A . 
D 3 HOH 25 89  27 HOH HOH A . 
D 3 HOH 26 90  28 HOH HOH A . 
D 3 HOH 27 91  29 HOH HOH A . 
D 3 HOH 28 92  30 HOH HOH A . 
D 3 HOH 29 93  31 HOH HOH A . 
D 3 HOH 30 94  32 HOH HOH A . 
D 3 HOH 31 95  33 HOH HOH A . 
D 3 HOH 32 96  34 HOH HOH A . 
D 3 HOH 33 97  35 HOH HOH A . 
D 3 HOH 34 98  36 HOH HOH A . 
D 3 HOH 35 99  37 HOH HOH A . 
D 3 HOH 36 100 38 HOH HOH A . 
D 3 HOH 37 101 39 HOH HOH A . 
D 3 HOH 38 102 40 HOH HOH A . 
D 3 HOH 39 103 41 HOH HOH A . 
D 3 HOH 40 104 42 HOH HOH A . 
D 3 HOH 41 105 43 HOH HOH A . 
D 3 HOH 42 106 44 HOH HOH A . 
D 3 HOH 43 107 45 HOH HOH A . 
D 3 HOH 44 108 46 HOH HOH A . 
D 3 HOH 45 109 47 HOH HOH A . 
D 3 HOH 46 110 48 HOH HOH A . 
D 3 HOH 47 111 49 HOH HOH A . 
D 3 HOH 48 112 50 HOH HOH A . 
D 3 HOH 49 113 51 HOH HOH A . 
D 3 HOH 50 114 52 HOH HOH A . 
D 3 HOH 51 115 53 HOH HOH A . 
D 3 HOH 52 116 54 HOH HOH A . 
D 3 HOH 53 117 55 HOH HOH A . 
D 3 HOH 54 118 56 HOH HOH A . 
D 3 HOH 55 119 57 HOH HOH A . 
D 3 HOH 56 120 58 HOH HOH A . 
D 3 HOH 57 121 59 HOH HOH A . 
D 3 HOH 58 122 60 HOH HOH A . 
D 3 HOH 59 123 61 HOH HOH A . 
D 3 HOH 60 124 62 HOH HOH A . 
D 3 HOH 61 125 63 HOH HOH A . 
D 3 HOH 62 126 64 HOH HOH A . 
D 3 HOH 63 127 65 HOH HOH A . 
D 3 HOH 64 128 66 HOH HOH A . 
D 3 HOH 65 129 67 HOH HOH A . 
D 3 HOH 66 130 68 HOH HOH A . 
D 3 HOH 67 131 69 HOH HOH A . 
# 
loop_
_pdbx_unobs_or_zero_occ_atoms.id 
_pdbx_unobs_or_zero_occ_atoms.PDB_model_num 
_pdbx_unobs_or_zero_occ_atoms.polymer_flag 
_pdbx_unobs_or_zero_occ_atoms.occupancy_flag 
_pdbx_unobs_or_zero_occ_atoms.auth_asym_id 
_pdbx_unobs_or_zero_occ_atoms.auth_comp_id 
_pdbx_unobs_or_zero_occ_atoms.auth_seq_id 
_pdbx_unobs_or_zero_occ_atoms.PDB_ins_code 
_pdbx_unobs_or_zero_occ_atoms.auth_atom_id 
_pdbx_unobs_or_zero_occ_atoms.label_alt_id 
_pdbx_unobs_or_zero_occ_atoms.label_asym_id 
_pdbx_unobs_or_zero_occ_atoms.label_comp_id 
_pdbx_unobs_or_zero_occ_atoms.label_seq_id 
_pdbx_unobs_or_zero_occ_atoms.label_atom_id 
1 1 Y 1 A VAL 59 ? CB  ? A VAL 59 CB  
2 1 Y 1 A VAL 59 ? CG1 ? A VAL 59 CG1 
3 1 Y 1 A VAL 59 ? CG2 ? A VAL 59 CG2 
4 1 N 1 A SO4 63 ? O3  ? B SO4 1  O3  
5 1 N 1 A SO4 63 ? O4  ? B SO4 1  O4  
6 1 N 1 A SO4 64 ? O1  ? C SO4 1  O1  
7 1 N 1 A SO4 64 ? O2  ? C SO4 1  O2  
8 1 N 1 A SO4 64 ? O3  ? C SO4 1  O3  
9 1 N 1 A SO4 64 ? O4  ? C SO4 1  O4  
# 
_software.name             PROLSQ 
_software.classification   refinement 
_software.version          . 
_software.citation_id      ? 
_software.pdbx_ordinal     1 
# 
_cell.entry_id           1NXB 
_cell.length_a           49.900 
_cell.length_b           46.600 
_cell.length_c           21.300 
_cell.angle_alpha        90.00 
_cell.angle_beta         90.00 
_cell.angle_gamma        90.00 
_cell.Z_PDB              4 
_cell.pdbx_unique_axis   ? 
# 
_symmetry.entry_id                         1NXB 
_symmetry.space_group_name_H-M             'P 21 21 21' 
_symmetry.pdbx_full_space_group_name_H-M   ? 
_symmetry.cell_setting                     ? 
_symmetry.Int_Tables_number                19 
# 
_exptl.entry_id          1NXB 
_exptl.method            'X-RAY DIFFRACTION' 
_exptl.crystals_number   ? 
# 
_exptl_crystal.id                    1 
_exptl_crystal.density_meas          ? 
_exptl_crystal.density_Matthews      1.80 
_exptl_crystal.density_percent_sol   31.64 
_exptl_crystal.description           ? 
# 
_diffrn.id                     1 
_diffrn.ambient_temp           ? 
_diffrn.ambient_temp_details   ? 
_diffrn.crystal_id             1 
# 
_diffrn_radiation.diffrn_id                        1 
_diffrn_radiation.wavelength_id                    1 
_diffrn_radiation.pdbx_monochromatic_or_laue_m_l   ? 
_diffrn_radiation.monochromator                    ? 
_diffrn_radiation.pdbx_diffrn_protocol             ? 
_diffrn_radiation.pdbx_scattering_type             x-ray 
# 
_diffrn_radiation_wavelength.id           1 
_diffrn_radiation_wavelength.wavelength   . 
_diffrn_radiation_wavelength.wt           1.0 
# 
_refine.entry_id                                 1NXB 
_refine.ls_number_reflns_obs                     ? 
_refine.ls_number_reflns_all                     ? 
_refine.pdbx_ls_sigma_I                          ? 
_refine.pdbx_ls_sigma_F                          ? 
_refine.pdbx_data_cutoff_high_absF               ? 
_refine.pdbx_data_cutoff_low_absF                ? 
_refine.pdbx_data_cutoff_high_rms_absF           ? 
_refine.ls_d_res_low                             ? 
_refine.ls_d_res_high                            1.38 
_refine.ls_percent_reflns_obs                    ? 
_refine.ls_R_factor_obs                          ? 
_refine.ls_R_factor_all                          ? 
_refine.ls_R_factor_R_work                       ? 
_refine.ls_R_factor_R_free                       ? 
_refine.ls_R_factor_R_free_error                 ? 
_refine.ls_R_factor_R_free_error_details         ? 
_refine.ls_percent_reflns_R_free                 ? 
_refine.ls_number_reflns_R_free                  ? 
_refine.ls_number_parameters                     ? 
_refine.ls_number_restraints                     ? 
_refine.occupancy_min                            ? 
_refine.occupancy_max                            ? 
_refine.B_iso_mean                               ? 
_refine.aniso_B[1][1]                            ? 
_refine.aniso_B[2][2]                            ? 
_refine.aniso_B[3][3]                            ? 
_refine.aniso_B[1][2]                            ? 
_refine.aniso_B[1][3]                            ? 
_refine.aniso_B[2][3]                            ? 
_refine.solvent_model_details                    ? 
_refine.solvent_model_param_ksol                 ? 
_refine.solvent_model_param_bsol                 ? 
_refine.pdbx_ls_cross_valid_method               ? 
_refine.details                                  ? 
_refine.pdbx_starting_model                      ? 
_refine.pdbx_method_to_determine_struct          ? 
_refine.pdbx_isotropic_thermal_model             ? 
_refine.pdbx_stereochemistry_target_values       ? 
_refine.pdbx_stereochem_target_val_spec_case     ? 
_refine.pdbx_R_Free_selection_details            ? 
_refine.pdbx_overall_ESU_R                       ? 
_refine.pdbx_overall_ESU_R_Free                  ? 
_refine.overall_SU_ML                            ? 
_refine.overall_SU_B                             ? 
_refine.pdbx_refine_id                           'X-RAY DIFFRACTION' 
_refine.pdbx_diffrn_id                           1 
_refine.pdbx_TLS_residual_ADP_flag               ? 
_refine.correlation_coeff_Fo_to_Fc               ? 
_refine.correlation_coeff_Fo_to_Fc_free          ? 
_refine.pdbx_solvent_vdw_probe_radii             ? 
_refine.pdbx_solvent_ion_probe_radii             ? 
_refine.pdbx_solvent_shrinkage_radii             ? 
_refine.pdbx_overall_phase_error                 ? 
_refine.overall_SU_R_Cruickshank_DPI             ? 
_refine.pdbx_overall_SU_R_free_Cruickshank_DPI   ? 
_refine.pdbx_overall_SU_R_Blow_DPI               ? 
_refine.pdbx_overall_SU_R_free_Blow_DPI          ? 
# 
_refine_hist.pdbx_refine_id                   'X-RAY DIFFRACTION' 
_refine_hist.cycle_id                         LAST 
_refine_hist.pdbx_number_atoms_protein        472 
_refine_hist.pdbx_number_atoms_nucleic_acid   0 
_refine_hist.pdbx_number_atoms_ligand         4 
_refine_hist.number_atoms_solvent             67 
_refine_hist.number_atoms_total               543 
_refine_hist.d_res_high                       1.38 
_refine_hist.d_res_low                        . 
# 
_struct.entry_id                  1NXB 
_struct.title                     'STRUCTURE AND FUNCTION OF SNAKE VENOM CURARIMIMETIC NEUROTOXINS' 
_struct.pdbx_model_details        ? 
_struct.pdbx_CASP_flag            ? 
_struct.pdbx_model_type_details   ? 
# 
_struct_keywords.entry_id        1NXB 
_struct_keywords.pdbx_keywords   'NEUROTOXIN (POST-SYNAPTIC)' 
_struct_keywords.text            'NEUROTOXIN (POST-SYNAPTIC)' 
# 
loop_
_struct_asym.id 
_struct_asym.pdbx_blank_PDB_chainid_flag 
_struct_asym.pdbx_modified 
_struct_asym.entity_id 
_struct_asym.details 
A N N 1 ? 
B N N 2 ? 
C N N 2 ? 
D N N 3 ? 
# 
_struct_ref.id                         1 
_struct_ref.db_name                    UNP 
_struct_ref.db_code                    NXSB_LATSE 
_struct_ref.entity_id                  1 
_struct_ref.pdbx_db_accession          Q90VW1 
_struct_ref.pdbx_align_begin           1 
_struct_ref.pdbx_seq_one_letter_code   
;MKTLLLTLVVVTIVCLDLGYTRICFNHQSSQPQTTKTCSPGESSCYNKQWSDFRGTIIERGCGCPTVKPGIKLSCCESEV
CNN
;
_struct_ref.pdbx_db_isoform            ? 
# 
_struct_ref_seq.align_id                      1 
_struct_ref_seq.ref_id                        1 
_struct_ref_seq.pdbx_PDB_id_code              1NXB 
_struct_ref_seq.pdbx_strand_id                A 
_struct_ref_seq.seq_align_beg                 1 
_struct_ref_seq.pdbx_seq_align_beg_ins_code   ? 
_struct_ref_seq.seq_align_end                 62 
_struct_ref_seq.pdbx_seq_align_end_ins_code   ? 
_struct_ref_seq.pdbx_db_accession             Q90VW1 
_struct_ref_seq.db_align_beg                  22 
_struct_ref_seq.pdbx_db_align_beg_ins_code    ? 
_struct_ref_seq.db_align_end                  83 
_struct_ref_seq.pdbx_db_align_end_ins_code    ? 
_struct_ref_seq.pdbx_auth_seq_align_beg       1 
_struct_ref_seq.pdbx_auth_seq_align_end       62 
# 
loop_
_struct_ref_seq_dif.align_id 
_struct_ref_seq_dif.pdbx_pdb_id_code 
_struct_ref_seq_dif.mon_id 
_struct_ref_seq_dif.pdbx_pdb_strand_id 
_struct_ref_seq_dif.seq_num 
_struct_ref_seq_dif.pdbx_pdb_ins_code 
_struct_ref_seq_dif.pdbx_seq_db_name 
_struct_ref_seq_dif.pdbx_seq_db_accession_code 
_struct_ref_seq_dif.db_mon_id 
_struct_ref_seq_dif.pdbx_seq_db_seq_num 
_struct_ref_seq_dif.details 
_struct_ref_seq_dif.pdbx_auth_seq_num 
_struct_ref_seq_dif.pdbx_ordinal 
1 1NXB GLN A 6  ? UNP Q90VW1 HIS 27 conflict 6  1 
1 1NXB HIS A 7  ? UNP Q90VW1 GLN 28 conflict 7  2 
1 1NXB HIS A 26 ? UNP Q90VW1 ASN 47 conflict 26 3 
# 
_pdbx_struct_assembly.id                   1 
_pdbx_struct_assembly.details              author_defined_assembly 
_pdbx_struct_assembly.method_details       ? 
_pdbx_struct_assembly.oligomeric_details   monomeric 
_pdbx_struct_assembly.oligomeric_count     1 
# 
_pdbx_struct_assembly_gen.assembly_id       1 
_pdbx_struct_assembly_gen.oper_expression   1 
_pdbx_struct_assembly_gen.asym_id_list      A,B,C,D 
# 
_pdbx_struct_oper_list.id                   1 
_pdbx_struct_oper_list.type                 'identity operation' 
_pdbx_struct_oper_list.name                 1_555 
_pdbx_struct_oper_list.symmetry_operation   x,y,z 
_pdbx_struct_oper_list.matrix[1][1]         1.0000000000 
_pdbx_struct_oper_list.matrix[1][2]         0.0000000000 
_pdbx_struct_oper_list.matrix[1][3]         0.0000000000 
_pdbx_struct_oper_list.vector[1]            0.0000000000 
_pdbx_struct_oper_list.matrix[2][1]         0.0000000000 
_pdbx_struct_oper_list.matrix[2][2]         1.0000000000 
_pdbx_struct_oper_list.matrix[2][3]         0.0000000000 
_pdbx_struct_oper_list.vector[2]            0.0000000000 
_pdbx_struct_oper_list.matrix[3][1]         0.0000000000 
_pdbx_struct_oper_list.matrix[3][2]         0.0000000000 
_pdbx_struct_oper_list.matrix[3][3]         1.0000000000 
_pdbx_struct_oper_list.vector[3]            0.0000000000 
# 
_struct_biol.id   1 
# 
loop_
_struct_conn.id 
_struct_conn.conn_type_id 
_struct_conn.pdbx_leaving_atom_flag 
_struct_conn.pdbx_PDB_id 
_struct_conn.ptnr1_label_asym_id 
_struct_conn.ptnr1_label_comp_id 
_struct_conn.ptnr1_label_seq_id 
_struct_conn.ptnr1_label_atom_id 
_struct_conn.pdbx_ptnr1_label_alt_id 
_struct_conn.pdbx_ptnr1_PDB_ins_code 
_struct_conn.pdbx_ptnr1_standard_comp_id 
_struct_conn.ptnr1_symmetry 
_struct_conn.ptnr2_label_asym_id 
_struct_conn.ptnr2_label_comp_id 
_struct_conn.ptnr2_label_seq_id 
_struct_conn.ptnr2_label_atom_id 
_struct_conn.pdbx_ptnr2_label_alt_id 
_struct_conn.pdbx_ptnr2_PDB_ins_code 
_struct_conn.ptnr1_auth_asym_id 
_struct_conn.ptnr1_auth_comp_id 
_struct_conn.ptnr1_auth_seq_id 
_struct_conn.ptnr2_auth_asym_id 
_struct_conn.ptnr2_auth_comp_id 
_struct_conn.ptnr2_auth_seq_id 
_struct_conn.ptnr2_symmetry 
_struct_conn.pdbx_ptnr3_label_atom_id 
_struct_conn.pdbx_ptnr3_label_seq_id 
_struct_conn.pdbx_ptnr3_label_comp_id 
_struct_conn.pdbx_ptnr3_label_asym_id 
_struct_conn.pdbx_ptnr3_label_alt_id 
_struct_conn.pdbx_ptnr3_PDB_ins_code 
_struct_conn.details 
_struct_conn.pdbx_dist_value 
_struct_conn.pdbx_value_order 
_struct_conn.pdbx_role 
disulf1 disulf ? ? A CYS 3  SG ? ? ? 1_555 A CYS 24 SG ? ? A CYS 3  A CYS 24 1_555 ? ? ? ? ? ? ? 1.949 ? ? 
disulf2 disulf ? ? A CYS 17 SG ? ? ? 1_555 A CYS 41 SG ? ? A CYS 17 A CYS 41 1_555 ? ? ? ? ? ? ? 1.597 ? ? 
disulf3 disulf ? ? A CYS 43 SG ? ? ? 1_555 A CYS 54 SG ? ? A CYS 43 A CYS 54 1_555 ? ? ? ? ? ? ? 1.970 ? ? 
disulf4 disulf ? ? A CYS 55 SG ? ? ? 1_555 A CYS 60 SG ? ? A CYS 55 A CYS 60 1_555 ? ? ? ? ? ? ? 2.135 ? ? 
# 
_struct_conn_type.id          disulf 
_struct_conn_type.criteria    ? 
_struct_conn_type.reference   ? 
# 
loop_
_pdbx_modification_feature.ordinal 
_pdbx_modification_feature.label_comp_id 
_pdbx_modification_feature.label_asym_id 
_pdbx_modification_feature.label_seq_id 
_pdbx_modification_feature.label_alt_id 
_pdbx_modification_feature.modified_residue_label_comp_id 
_pdbx_modification_feature.modified_residue_label_asym_id 
_pdbx_modification_feature.modified_residue_label_seq_id 
_pdbx_modification_feature.modified_residue_label_alt_id 
_pdbx_modification_feature.auth_comp_id 
_pdbx_modification_feature.auth_asym_id 
_pdbx_modification_feature.auth_seq_id 
_pdbx_modification_feature.PDB_ins_code 
_pdbx_modification_feature.symmetry 
_pdbx_modification_feature.modified_residue_auth_comp_id 
_pdbx_modification_feature.modified_residue_auth_asym_id 
_pdbx_modification_feature.modified_residue_auth_seq_id 
_pdbx_modification_feature.modified_residue_PDB_ins_code 
_pdbx_modification_feature.modified_residue_symmetry 
_pdbx_modification_feature.comp_id_linking_atom 
_pdbx_modification_feature.modified_residue_id_linking_atom 
_pdbx_modification_feature.modified_residue_id 
_pdbx_modification_feature.ref_pcm_id 
_pdbx_modification_feature.ref_comp_id 
_pdbx_modification_feature.type 
_pdbx_modification_feature.category 
1 CYS A 3  ? CYS A 24 ? CYS A 3  ? 1_555 CYS A 24 ? 1_555 SG SG . . . None 'Disulfide bridge' 
2 CYS A 17 ? CYS A 41 ? CYS A 17 ? 1_555 CYS A 41 ? 1_555 SG SG . . . None 'Disulfide bridge' 
3 CYS A 43 ? CYS A 54 ? CYS A 43 ? 1_555 CYS A 54 ? 1_555 SG SG . . . None 'Disulfide bridge' 
4 CYS A 55 ? CYS A 60 ? CYS A 55 ? 1_555 CYS A 60 ? 1_555 SG SG . . . None 'Disulfide bridge' 
# 
_struct_sheet.id               A 
_struct_sheet.type             ? 
_struct_sheet.number_strands   5 
_struct_sheet.details          ? 
# 
loop_
_struct_sheet_order.sheet_id 
_struct_sheet_order.range_id_1 
_struct_sheet_order.range_id_2 
_struct_sheet_order.offset 
_struct_sheet_order.sense 
A 1 2 ? anti-parallel 
A 2 3 ? anti-parallel 
A 3 4 ? anti-parallel 
A 4 5 ? anti-parallel 
# 
loop_
_struct_sheet_range.sheet_id 
_struct_sheet_range.id 
_struct_sheet_range.beg_label_comp_id 
_struct_sheet_range.beg_label_asym_id 
_struct_sheet_range.beg_label_seq_id 
_struct_sheet_range.pdbx_beg_PDB_ins_code 
_struct_sheet_range.end_label_comp_id 
_struct_sheet_range.end_label_asym_id 
_struct_sheet_range.end_label_seq_id 
_struct_sheet_range.pdbx_end_PDB_ins_code 
_struct_sheet_range.beg_auth_comp_id 
_struct_sheet_range.beg_auth_asym_id 
_struct_sheet_range.beg_auth_seq_id 
_struct_sheet_range.end_auth_comp_id 
_struct_sheet_range.end_auth_asym_id 
_struct_sheet_range.end_auth_seq_id 
A 1 THR A 13 ? CYS A 17 ? THR A 13 CYS A 17 
A 2 ILE A 2  ? HIS A 7  ? ILE A 2  HIS A 7  
A 3 GLY A 34 ? GLY A 40 ? GLY A 34 GLY A 40 
A 4 TYR A 25 ? ASP A 31 ? TYR A 25 ASP A 31 
A 5 LYS A 51 ? CYS A 54 ? LYS A 51 CYS A 54 
# 
loop_
_pdbx_struct_sheet_hbond.sheet_id 
_pdbx_struct_sheet_hbond.range_id_1 
_pdbx_struct_sheet_hbond.range_id_2 
_pdbx_struct_sheet_hbond.range_1_label_atom_id 
_pdbx_struct_sheet_hbond.range_1_label_comp_id 
_pdbx_struct_sheet_hbond.range_1_label_asym_id 
_pdbx_struct_sheet_hbond.range_1_label_seq_id 
_pdbx_struct_sheet_hbond.range_1_PDB_ins_code 
_pdbx_struct_sheet_hbond.range_1_auth_atom_id 
_pdbx_struct_sheet_hbond.range_1_auth_comp_id 
_pdbx_struct_sheet_hbond.range_1_auth_asym_id 
_pdbx_struct_sheet_hbond.range_1_auth_seq_id 
_pdbx_struct_sheet_hbond.range_2_label_atom_id 
_pdbx_struct_sheet_hbond.range_2_label_comp_id 
_pdbx_struct_sheet_hbond.range_2_label_asym_id 
_pdbx_struct_sheet_hbond.range_2_label_seq_id 
_pdbx_struct_sheet_hbond.range_2_PDB_ins_code 
_pdbx_struct_sheet_hbond.range_2_auth_atom_id 
_pdbx_struct_sheet_hbond.range_2_auth_comp_id 
_pdbx_struct_sheet_hbond.range_2_auth_asym_id 
_pdbx_struct_sheet_hbond.range_2_auth_seq_id 
A 1 2 O LYS A 15 ? O LYS A 15 N CYS A 3  ? N CYS A 3  
A 2 3 N SER A 8  ? N SER A 8  O ILE A 37 ? O ILE A 37 
A 3 4 O GLY A 40 ? O GLY A 40 N TYR A 25 ? N TYR A 25 
A 4 5 O HIS A 26 ? O HIS A 26 N SER A 53 ? N SER A 53 
# 
loop_
_struct_site.id 
_struct_site.pdbx_evidence_code 
_struct_site.pdbx_auth_asym_id 
_struct_site.pdbx_auth_comp_id 
_struct_site.pdbx_auth_seq_id 
_struct_site.pdbx_auth_ins_code 
_struct_site.pdbx_num_residues 
_struct_site.details 
AMS Author   ? ?   ?  ? 3 'RESIDUES FORMING THE PUTATIVE ACETYLCHOLINEMIMETIC SITE' 
ETS Author   ? ?   ?  ? 1 'ESSENTIAL TRYPTOPHAN'                                    
ELS Author   ? ?   ?  ? 2 'RESIDUES FORMING THE ESSENTIAL LYSINE SURFACE'           
AC1 Software A SO4 63 ? 5 'BINDING SITE FOR RESIDUE SO4 A 63'                       
AC2 Software A SO4 64 ? 3 'BINDING SITE FOR RESIDUE SO4 A 64'                       
# 
loop_
_struct_site_gen.id 
_struct_site_gen.site_id 
_struct_site_gen.pdbx_num_res 
_struct_site_gen.label_comp_id 
_struct_site_gen.label_asym_id 
_struct_site_gen.label_seq_id 
_struct_site_gen.pdbx_auth_ins_code 
_struct_site_gen.auth_comp_id 
_struct_site_gen.auth_asym_id 
_struct_site_gen.auth_seq_id 
_struct_site_gen.label_atom_id 
_struct_site_gen.label_alt_id 
_struct_site_gen.symmetry 
_struct_site_gen.details 
1  AMS 3 ASP A 31 ? ASP A 31  . ? 1_555 ? 
2  AMS 3 PHE A 32 ? PHE A 32  . ? 1_555 ? 
3  AMS 3 ARG A 33 ? ARG A 33  . ? 1_555 ? 
4  ETS 1 TRP A 29 ? TRP A 29  . ? 1_555 ? 
5  ELS 2 LYS A 27 ? LYS A 27  . ? 1_555 ? 
6  ELS 2 LYS A 47 ? LYS A 47  . ? 1_555 ? 
7  AC1 5 ARG A 1  ? ARG A 1   . ? 1_555 ? 
8  AC1 5 ILE A 2  ? ILE A 2   . ? 1_555 ? 
9  AC1 5 GLU A 58 ? GLU A 58  . ? 1_555 ? 
10 AC1 5 HOH D .  ? HOH A 65  . ? 1_556 ? 
11 AC1 5 HOH D .  ? HOH A 129 . ? 1_556 ? 
12 AC2 3 ASN A 5  ? ASN A 5   . ? 1_555 ? 
13 AC2 3 LYS A 15 ? LYS A 15  . ? 1_555 ? 
14 AC2 3 HOH D .  ? HOH A 82  . ? 1_555 ? 
# 
_pdbx_entry_details.entry_id                   1NXB 
_pdbx_entry_details.compound_details           
;THE PROTEIN IS PROBABLY IDENTICAL TO ERABUTOXIN FROM
JAPANESE SEA SNAKES.  THIS POINT IS DISCUSSED IN REFERENCES
3 AND 4 ABOVE.
;
_pdbx_entry_details.source_details             ? 
_pdbx_entry_details.nonpolymer_details         
;COORDINATES FOR TWO SULFATE IONS ARE INCLUDED BELOW.  THERE
IS PROBABLY AT LEAST ONE OTHER BOUND SULFATE WHICH IS
INCLUDED BELOW AS A WATER MOLECULE.
;
_pdbx_entry_details.sequence_details           
;RESIDUE NUMBERING IS SEQUENTIAL.  IN PUBLISHED PAPERS A
GENERAL HOMOLOGY SEQUENCE NUMBERING IS USED OFTEN INSTEAD
OF SEQUENTIAL NUMBERING OF RESIDUES.  SEE REFERENCE 1 FOR
DETAILS.

RESIDUE 59 IS PROBABLY VALINE BUT THIS IS STILL UNDER
INVESTIGATION.  RESIDUES 18 AND 19 WERE ORDERED FROM THE
2.2 AND 1.38 ANGSTROM MAPS AFTER REFINEMENT.  THE CHEMICAL
SEQUENCE HAS THEM REVERSED.  THE SAME IS TRUE OF RESIDUES
21 AND 22.  SEE REFERENCE 3 ABOVE.
;
_pdbx_entry_details.has_ligand_of_interest     ? 
_pdbx_entry_details.has_protein_modification   Y 
# 
loop_
_pdbx_validate_close_contact.id 
_pdbx_validate_close_contact.PDB_model_num 
_pdbx_validate_close_contact.auth_atom_id_1 
_pdbx_validate_close_contact.auth_asym_id_1 
_pdbx_validate_close_contact.auth_comp_id_1 
_pdbx_validate_close_contact.auth_seq_id_1 
_pdbx_validate_close_contact.PDB_ins_code_1 
_pdbx_validate_close_contact.label_alt_id_1 
_pdbx_validate_close_contact.auth_atom_id_2 
_pdbx_validate_close_contact.auth_asym_id_2 
_pdbx_validate_close_contact.auth_comp_id_2 
_pdbx_validate_close_contact.auth_seq_id_2 
_pdbx_validate_close_contact.PDB_ins_code_2 
_pdbx_validate_close_contact.label_alt_id_2 
_pdbx_validate_close_contact.dist 
1   1 CB  A SER 30  ? ? O   A HOH 109 ? ? 0.59 
2   1 O   A HOH 85  ? ? O   A HOH 112 ? ? 0.83 
3   1 OG1 A THR 13  ? ? O   A HOH 70  ? ? 0.89 
4   1 C   A LYS 47  ? ? O   A HOH 120 ? ? 0.90 
5   1 CE1 A TYR 25  ? ? O   A HOH 99  ? ? 0.91 
6   1 O   A HOH 66  ? ? O   A HOH 128 ? ? 0.96 
7   1 O   A ILE 50  ? ? O   A HOH 121 ? ? 0.96 
8   1 O   A HOH 70  ? ? O   A HOH 80  ? ? 0.97 
9   1 CA  A SER 30  ? ? O   A HOH 109 ? ? 0.98 
10  1 ND2 A ASN 5   ? ? O   A HOH 82  ? ? 0.99 
11  1 CB  A ASN 62  ? ? O   A HOH 131 ? ? 1.01 
12  1 OG1 A THR 14  ? ? O   A HOH 68  ? ? 1.04 
13  1 CB  A HIS 7   ? ? O   A HOH 75  ? ? 1.06 
14  1 CG  A HIS 7   ? ? O   A HOH 75  ? ? 1.13 
15  1 CG  A ASN 62  ? ? O   A HOH 131 ? ? 1.17 
16  1 CB  A LYS 27  ? ? O   A HOH 103 ? ? 1.23 
17  1 C   A VAL 46  ? ? O   A HOH 123 ? ? 1.28 
18  1 CB  A SER 9   ? ? O   A HOH 111 ? ? 1.31 
19  1 ND2 A ASN 61  ? ? O   A HOH 97  ? ? 1.31 
20  1 O   A PRO 44  ? ? O   A HOH 115 ? ? 1.32 
21  1 CD2 A TYR 25  ? ? O   A HOH 113 ? ? 1.35 
22  1 CZ  A TYR 25  ? ? O   A HOH 99  ? ? 1.35 
23  1 N   A CYS 3   ? ? O   A HOH 67  ? ? 1.36 
24  1 CD2 A HIS 7   ? ? O   A HOH 73  ? ? 1.36 
25  1 O   A HOH 69  ? ? O   A HOH 130 ? ? 1.37 
26  1 OE2 A GLU 58  ? ? O2  A SO4 63  ? ? 1.39 
27  1 N   A SER 9   ? ? O   A HOH 111 ? ? 1.39 
28  1 OE2 A GLU 58  ? ? S   A SO4 63  ? ? 1.40 
29  1 CG  A ASN 61  ? ? O   A HOH 97  ? ? 1.47 
30  1 OG1 A THR 13  ? ? O   A HOH 80  ? ? 1.47 
31  1 ND2 A ASN 61  ? ? O   A HOH 98  ? ? 1.49 
32  1 OD1 A ASN 5   ? ? O   A HOH 80  ? ? 1.50 
33  1 CG  A HIS 7   ? ? O   A HOH 73  ? ? 1.51 
34  1 SG  A CYS 3   ? ? O   A HOH 67  ? ? 1.52 
35  1 O   A THR 14  ? ? O   A HOH 81  ? ? 1.53 
36  1 CG  A TYR 25  ? ? O   A HOH 113 ? ? 1.54 
37  1 O   A HIS 26  ? ? O   A HOH 100 ? ? 1.55 
38  1 CA  A LYS 47  ? ? O   A HOH 120 ? ? 1.56 
39  1 CB  A CYS 54  ? ? O   A HOH 96  ? ? 1.56 
40  1 CE3 A TRP 29  ? ? O   A HOH 102 ? ? 1.56 
41  1 CA  A CYS 3   ? ? O   A HOH 67  ? ? 1.56 
42  1 CA  A SER 9   ? ? O   A HOH 111 ? ? 1.56 
43  1 NH1 A ARG 1   ? ? O   A SER 22  ? ? 1.56 
44  1 CG  A LYS 47  ? ? O   A HOH 120 ? ? 1.59 
45  1 ND2 A ASN 62  ? ? O   A HOH 131 ? ? 1.59 
46  1 C   A ILE 50  ? ? O   A HOH 121 ? ? 1.59 
47  1 OG  A SER 30  ? ? O   A HOH 109 ? ? 1.59 
48  1 CG2 A ILE 50  ? ? O   A HOH 122 ? ? 1.60 
49  1 CD  A GLU 58  ? ? S   A SO4 63  ? ? 1.61 
50  1 CA  A ASN 62  ? ? O   A HOH 131 ? ? 1.61 
51  1 O   A VAL 46  ? ? O   A HOH 123 ? ? 1.62 
52  1 O   A HOH 73  ? ? O   A HOH 75  ? ? 1.66 
53  1 CB  A TYR 25  ? ? O   A HOH 113 ? ? 1.67 
54  1 CD2 A HIS 7   ? ? O   A HOH 75  ? ? 1.68 
55  1 CB  A THR 14  ? ? O   A HOH 68  ? ? 1.71 
56  1 CG  A LYS 27  ? ? O   A HOH 103 ? ? 1.71 
57  1 OE1 A GLN 10  ? ? O   A HOH 76  ? ? 1.72 
58  1 CB  A CYS 3   ? ? O   A HOH 67  ? ? 1.72 
59  1 CD  A LYS 47  ? ? O   A HOH 120 ? ? 1.72 
60  1 CD1 A PHE 4   ? ? O   A HOH 130 ? ? 1.72 
61  1 O   A LYS 47  ? ? O   A HOH 120 ? ? 1.73 
62  1 O   A GLY 42  ? ? CB  A CYS 43  ? ? 1.73 
63  1 NE2 A GLN 10  ? ? O   A HOH 76  ? ? 1.74 
64  1 CD  A GLN 10  ? ? O   A HOH 76  ? ? 1.75 
65  1 CB  A ASN 61  ? ? O   A HOH 97  ? ? 1.76 
66  1 CA  A CYS 54  ? ? O   A HOH 96  ? ? 1.76 
67  1 CG1 A ILE 50  ? ? N   A LYS 51  ? ? 1.77 
68  1 NZ  A LYS 27  ? ? OE1 A GLU 38  ? ? 1.77 
69  1 O   A HOH 104 ? ? O   A HOH 105 ? ? 1.78 
70  1 CB  A ILE 50  ? ? O   A HOH 122 ? ? 1.78 
71  1 O   A TRP 29  ? ? O   A HOH 104 ? ? 1.78 
72  1 N   A LYS 47  ? ? O   A HOH 123 ? ? 1.79 
73  1 O   A SER 53  ? ? O   A HOH 108 ? ? 1.80 
74  1 C   A SER 53  ? ? O   A HOH 108 ? ? 1.80 
75  1 NH2 A ARG 1   ? ? OE1 A GLU 58  ? ? 1.80 
76  1 N   A PRO 48  ? ? O   A HOH 120 ? ? 1.80 
77  1 CD2 A LEU 52  ? ? O   A HOH 100 ? ? 1.81 
78  1 CG  A ASN 5   ? ? O   A HOH 82  ? ? 1.82 
79  1 CB  A LYS 47  ? ? O   A HOH 120 ? ? 1.84 
80  1 OH  A TYR 25  ? ? O   A HOH 99  ? ? 1.85 
81  1 CA  A VAL 59  ? ? O   A HOH 69  ? ? 1.85 
82  1 O   A PRO 19  ? ? O   A HOH 91  ? ? 1.86 
83  1 CG  A GLU 58  ? ? S   A SO4 63  ? ? 1.87 
84  1 CB  A GLN 6   ? ? O   A HOH 72  ? ? 1.87 
85  1 OD1 A ASN 5   ? ? O   A HOH 70  ? ? 1.88 
86  1 C   A SER 30  ? ? O   A HOH 109 ? ? 1.90 
87  1 O   A CYS 43  ? ? O   A HOH 115 ? ? 1.91 
88  1 CA  A ILE 50  ? ? O   A HOH 121 ? ? 1.97 
89  1 CD  A LYS 27  ? ? O   A HOH 103 ? ? 1.98 
90  1 C   A ILE 2   ? ? O   A HOH 67  ? ? 1.99 
91  1 N   A PHE 4   ? ? O   A HOH 130 ? ? 1.99 
92  1 O   A THR 16  ? ? O   A HOH 87  ? ? 2.00 
93  1 O   A SER 22  ? ? CG  A GLU 56  ? ? 2.01 
94  1 N   A SER 53  ? ? O   A HOH 100 ? ? 2.01 
95  1 C   A THR 13  ? ? O   A HOH 80  ? ? 2.02 
96  1 CA  A TYR 25  ? ? O   A HOH 113 ? ? 2.03 
97  1 C   A TRP 29  ? ? O   A HOH 105 ? ? 2.04 
98  1 CD  A GLU 58  ? ? O2  A SO4 63  ? ? 2.05 
99  1 O   A THR 45  ? ? O   A HOH 125 ? ? 2.06 
100 1 CB  A LEU 52  ? ? O   A HOH 100 ? ? 2.06 
101 1 SG  A CYS 54  ? ? O   A HOH 96  ? ? 2.07 
102 1 CH2 A TRP 29  ? ? O   A HOH 101 ? ? 2.07 
103 1 O   A VAL 46  ? ? O   A HOH 124 ? ? 2.07 
104 1 CB  A ASN 5   ? ? O   A HOH 82  ? ? 2.08 
105 1 CA  A LYS 27  ? ? O   A HOH 103 ? ? 2.08 
106 1 NZ  A LYS 27  ? ? CD  A GLU 38  ? ? 2.09 
107 1 CD1 A TYR 25  ? ? O   A HOH 99  ? ? 2.09 
108 1 CZ3 A TRP 29  ? ? O   A HOH 102 ? ? 2.10 
109 1 O   A HOH 116 ? ? O   A HOH 124 ? ? 2.10 
110 1 N   A SER 30  ? ? O   A HOH 109 ? ? 2.11 
111 1 O   A PHE 4   ? ? O   A HOH 98  ? ? 2.12 
112 1 N   A TYR 25  ? ? O   A HOH 113 ? ? 2.12 
113 1 CB  A THR 13  ? ? O   A HOH 70  ? ? 2.13 
114 1 CG1 A VAL 46  ? ? O   A HOH 122 ? ? 2.14 
115 1 OE2 A GLU 38  ? ? O   A HOH 101 ? ? 2.15 
116 1 NZ  A LYS 15  ? ? S   A SO4 64  ? ? 2.16 
117 1 CG  A PHE 4   ? ? O   A HOH 130 ? ? 2.16 
118 1 OE2 A GLU 58  ? ? O1  A SO4 63  ? ? 2.16 
119 1 CG1 A VAL 46  ? ? O   A HOH 123 ? ? 2.17 
120 1 O   A TYR 25  ? ? O   A HOH 97  ? ? 2.17 
121 1 CA  A TRP 29  ? ? O   A HOH 105 ? ? 2.18 
122 1 SG  A CYS 41  ? ? O   A HOH 88  ? ? 2.18 
# 
loop_
_pdbx_validate_symm_contact.id 
_pdbx_validate_symm_contact.PDB_model_num 
_pdbx_validate_symm_contact.auth_atom_id_1 
_pdbx_validate_symm_contact.auth_asym_id_1 
_pdbx_validate_symm_contact.auth_comp_id_1 
_pdbx_validate_symm_contact.auth_seq_id_1 
_pdbx_validate_symm_contact.PDB_ins_code_1 
_pdbx_validate_symm_contact.label_alt_id_1 
_pdbx_validate_symm_contact.site_symmetry_1 
_pdbx_validate_symm_contact.auth_atom_id_2 
_pdbx_validate_symm_contact.auth_asym_id_2 
_pdbx_validate_symm_contact.auth_comp_id_2 
_pdbx_validate_symm_contact.auth_seq_id_2 
_pdbx_validate_symm_contact.PDB_ins_code_2 
_pdbx_validate_symm_contact.label_alt_id_2 
_pdbx_validate_symm_contact.site_symmetry_2 
_pdbx_validate_symm_contact.dist 
1  1 NH1 A ARG 1   ? ? 1_555 O   A HOH 95  ? ? 1_556 0.23 
2  1 O   A HOH 114 ? ? 1_555 O   A HOH 119 ? ? 2_665 0.27 
3  1 O   A HOH 89  ? ? 1_555 O   A HOH 110 ? ? 4_556 0.51 
4  1 C   A CYS 55  ? ? 1_555 O   A HOH 66  ? ? 1_556 0.61 
5  1 C   A CYS 55  ? ? 1_555 O   A HOH 128 ? ? 1_556 0.69 
6  1 O   A CYS 55  ? ? 1_555 O   A HOH 128 ? ? 1_556 0.92 
7  1 N   A GLU 56  ? ? 1_555 O   A HOH 66  ? ? 1_556 0.93 
8  1 CB  A CYS 60  ? ? 1_555 O   A HOH 74  ? ? 1_556 1.09 
9  1 N   A GLU 56  ? ? 1_555 O   A HOH 128 ? ? 1_556 1.10 
10 1 CZ  A ARG 1   ? ? 1_555 O   A HOH 95  ? ? 1_556 1.15 
11 1 OE1 A GLU 58  ? ? 1_555 O   A HOH 65  ? ? 1_556 1.37 
12 1 O   A HOH 86  ? ? 1_555 O   A HOH 107 ? ? 4_556 1.43 
13 1 O   A CYS 55  ? ? 1_555 O   A HOH 66  ? ? 1_556 1.43 
14 1 CB  A GLU 58  ? ? 1_555 O   A HOH 129 ? ? 1_556 1.44 
15 1 CA  A GLU 58  ? ? 1_555 O   A HOH 129 ? ? 1_556 1.52 
16 1 OE2 A GLU 58  ? ? 1_555 O   A HOH 65  ? ? 1_556 1.53 
17 1 CG  A GLU 56  ? ? 1_555 O   A HOH 94  ? ? 1_556 1.54 
18 1 NH1 A ARG 33  ? ? 1_555 O   A HOH 108 ? ? 1_554 1.64 
19 1 C   A GLU 58  ? ? 1_555 O   A HOH 129 ? ? 1_556 1.65 
20 1 NH1 A ARG 33  ? ? 1_555 OG  A SER 53  ? ? 1_554 1.69 
21 1 O   A SER 22  ? ? 1_555 O   A HOH 95  ? ? 1_556 1.74 
22 1 O   A THR 35  ? ? 1_555 O   A HOH 89  ? ? 4_456 1.84 
23 1 CA  A CYS 55  ? ? 1_555 O   A HOH 66  ? ? 1_556 1.85 
24 1 CD  A PRO 48  ? ? 1_555 O   A HOH 92  ? ? 2_665 1.88 
25 1 CD  A GLU 56  ? ? 1_555 O   A HOH 94  ? ? 1_556 1.89 
26 1 CD  A GLU 58  ? ? 1_555 O   A HOH 65  ? ? 1_556 1.91 
27 1 CA  A GLU 56  ? ? 1_555 O   A HOH 66  ? ? 1_556 1.92 
28 1 NE  A ARG 1   ? ? 1_555 O   A HOH 65  ? ? 1_556 1.95 
29 1 OE1 A GLN 12  ? ? 1_555 CD1 A ILE 50  ? ? 3_646 1.95 
30 1 CB  A THR 35  ? ? 1_555 O   A HOH 89  ? ? 4_456 1.98 
31 1 CA  A CYS 60  ? ? 1_555 O   A HOH 74  ? ? 1_556 2.03 
32 1 CE2 A PHE 4   ? ? 1_555 CE  A LYS 51  ? ? 3_646 2.13 
33 1 NE  A ARG 1   ? ? 1_555 O   A HOH 95  ? ? 1_556 2.14 
34 1 CA  A CYS 55  ? ? 1_555 O   A HOH 128 ? ? 1_556 2.16 
35 1 C   A THR 35  ? ? 1_555 O   A HOH 89  ? ? 4_456 2.16 
# 
loop_
_pdbx_validate_rmsd_bond.id 
_pdbx_validate_rmsd_bond.PDB_model_num 
_pdbx_validate_rmsd_bond.auth_atom_id_1 
_pdbx_validate_rmsd_bond.auth_asym_id_1 
_pdbx_validate_rmsd_bond.auth_comp_id_1 
_pdbx_validate_rmsd_bond.auth_seq_id_1 
_pdbx_validate_rmsd_bond.PDB_ins_code_1 
_pdbx_validate_rmsd_bond.label_alt_id_1 
_pdbx_validate_rmsd_bond.auth_atom_id_2 
_pdbx_validate_rmsd_bond.auth_asym_id_2 
_pdbx_validate_rmsd_bond.auth_comp_id_2 
_pdbx_validate_rmsd_bond.auth_seq_id_2 
_pdbx_validate_rmsd_bond.PDB_ins_code_2 
_pdbx_validate_rmsd_bond.label_alt_id_2 
_pdbx_validate_rmsd_bond.bond_value 
_pdbx_validate_rmsd_bond.bond_target_value 
_pdbx_validate_rmsd_bond.bond_deviation 
_pdbx_validate_rmsd_bond.bond_standard_deviation 
_pdbx_validate_rmsd_bond.linker_flag 
1  1 CZ  A ARG 1  ? ? NH2 A ARG 1  ? ? 1.425 1.326 0.099  0.013 N 
2  1 CB  A SER 8  ? ? OG  A SER 8  ? ? 1.504 1.418 0.086  0.013 N 
3  1 N   A PRO 11 ? ? CA  A PRO 11 ? ? 1.331 1.468 -0.137 0.017 N 
4  1 C   A PRO 11 ? ? O   A PRO 11 ? ? 1.100 1.228 -0.128 0.020 N 
5  1 CD  A GLN 12 ? ? OE1 A GLN 12 ? ? 1.378 1.235 0.143  0.022 N 
6  1 C   A THR 16 ? ? N   A CYS 17 ? ? 0.831 1.336 -0.505 0.023 Y 
7  1 CB  A CYS 17 ? ? SG  A CYS 17 ? ? 1.557 1.812 -0.255 0.016 N 
8  1 C   A SER 23 ? ? N   A CYS 24 ? ? 1.510 1.336 0.174  0.023 Y 
9  1 CB  A CYS 24 ? ? SG  A CYS 24 ? ? 1.712 1.812 -0.100 0.016 N 
10 1 CG  A TYR 25 ? ? CD1 A TYR 25 ? ? 1.466 1.387 0.079  0.013 N 
11 1 CE1 A HIS 26 ? ? NE2 A HIS 26 ? ? 1.180 1.317 -0.137 0.011 N 
12 1 CD1 A TRP 29 ? ? NE1 A TRP 29 ? ? 1.482 1.375 0.107  0.017 N 
13 1 CB  A ASP 31 ? ? CG  A ASP 31 ? ? 1.349 1.513 -0.164 0.021 N 
14 1 CE2 A PHE 32 ? ? CD2 A PHE 32 ? ? 1.531 1.388 0.143  0.020 N 
15 1 NE  A ARG 33 ? ? CZ  A ARG 33 ? ? 1.413 1.326 0.087  0.013 N 
16 1 CZ  A ARG 33 ? ? NH1 A ARG 33 ? ? 1.434 1.326 0.108  0.013 N 
17 1 N   A GLY 34 ? ? CA  A GLY 34 ? ? 1.550 1.456 0.094  0.015 N 
18 1 N   A ILE 36 ? ? CA  A ILE 36 ? ? 1.579 1.459 0.120  0.020 N 
19 1 CG  A GLU 38 ? ? CD  A GLU 38 ? ? 1.623 1.515 0.108  0.015 N 
20 1 C   A ARG 39 ? ? O   A ARG 39 ? ? 1.110 1.229 -0.119 0.019 N 
21 1 C   A GLY 42 ? ? O   A GLY 42 ? ? 1.386 1.232 0.154  0.016 N 
22 1 CA  A CYS 43 ? ? CB  A CYS 43 ? ? 1.437 1.526 -0.089 0.013 N 
23 1 CA  A PRO 48 ? ? C   A PRO 48 ? ? 1.403 1.524 -0.121 0.020 N 
24 1 N   A GLY 49 ? ? CA  A GLY 49 ? ? 1.568 1.456 0.112  0.015 N 
25 1 CD  A GLU 56 ? ? OE2 A GLU 56 ? ? 1.182 1.252 -0.070 0.011 N 
26 1 CD  A GLU 58 ? ? OE2 A GLU 58 ? ? 1.135 1.252 -0.117 0.011 N 
27 1 CA  A CYS 60 ? ? CB  A CYS 60 ? ? 1.412 1.526 -0.114 0.013 N 
28 1 CG  A ASN 61 ? ? ND2 A ASN 61 ? ? 1.065 1.324 -0.259 0.025 N 
29 1 CG  A ASN 62 ? ? ND2 A ASN 62 ? ? 1.167 1.324 -0.157 0.025 N 
30 1 C   A ASN 62 ? ? OXT A ASN 62 ? ? 1.375 1.229 0.146  0.019 N 
# 
loop_
_pdbx_validate_rmsd_angle.id 
_pdbx_validate_rmsd_angle.PDB_model_num 
_pdbx_validate_rmsd_angle.auth_atom_id_1 
_pdbx_validate_rmsd_angle.auth_asym_id_1 
_pdbx_validate_rmsd_angle.auth_comp_id_1 
_pdbx_validate_rmsd_angle.auth_seq_id_1 
_pdbx_validate_rmsd_angle.PDB_ins_code_1 
_pdbx_validate_rmsd_angle.label_alt_id_1 
_pdbx_validate_rmsd_angle.auth_atom_id_2 
_pdbx_validate_rmsd_angle.auth_asym_id_2 
_pdbx_validate_rmsd_angle.auth_comp_id_2 
_pdbx_validate_rmsd_angle.auth_seq_id_2 
_pdbx_validate_rmsd_angle.PDB_ins_code_2 
_pdbx_validate_rmsd_angle.label_alt_id_2 
_pdbx_validate_rmsd_angle.auth_atom_id_3 
_pdbx_validate_rmsd_angle.auth_asym_id_3 
_pdbx_validate_rmsd_angle.auth_comp_id_3 
_pdbx_validate_rmsd_angle.auth_seq_id_3 
_pdbx_validate_rmsd_angle.PDB_ins_code_3 
_pdbx_validate_rmsd_angle.label_alt_id_3 
_pdbx_validate_rmsd_angle.angle_value 
_pdbx_validate_rmsd_angle.angle_target_value 
_pdbx_validate_rmsd_angle.angle_deviation 
_pdbx_validate_rmsd_angle.angle_standard_deviation 
_pdbx_validate_rmsd_angle.linker_flag 
1   1 NE  A ARG 1  ? ? CZ  A ARG 1  ? ? NH1 A ARG 1  ? ? 116.71 120.30 -3.59  0.50 N 
2   1 CA  A ARG 1  ? ? C   A ARG 1  ? ? N   A ILE 2  ? ? 100.09 117.20 -17.11 2.20 Y 
3   1 CA  A ILE 2  ? ? C   A ILE 2  ? ? O   A ILE 2  ? ? 106.73 120.10 -13.37 2.10 N 
4   1 O   A ILE 2  ? ? C   A ILE 2  ? ? N   A CYS 3  ? ? 134.00 122.70 11.30  1.60 Y 
5   1 CD1 A PHE 4  ? ? CG  A PHE 4  ? ? CD2 A PHE 4  ? ? 126.25 118.30 7.95   1.30 N 
6   1 CB  A PHE 4  ? ? CG  A PHE 4  ? ? CD1 A PHE 4  ? ? 108.63 120.80 -12.17 0.70 N 
7   1 CG  A PHE 4  ? ? CD1 A PHE 4  ? ? CE1 A PHE 4  ? ? 113.07 120.80 -7.73  1.10 N 
8   1 CE1 A PHE 4  ? ? CZ  A PHE 4  ? ? CE2 A PHE 4  ? ? 131.43 120.00 11.43  1.80 N 
9   1 CZ  A PHE 4  ? ? CE2 A PHE 4  ? ? CD2 A PHE 4  ? ? 107.65 120.10 -12.45 1.20 N 
10  1 CA  A ASN 5  ? ? CB  A ASN 5  ? ? CG  A ASN 5  ? ? 99.48  113.40 -13.92 2.20 N 
11  1 OD1 A ASN 5  ? ? CG  A ASN 5  ? ? ND2 A ASN 5  ? ? 101.75 121.90 -20.15 2.30 N 
12  1 CB  A ASN 5  ? ? CG  A ASN 5  ? ? OD1 A ASN 5  ? ? 147.65 121.60 26.05  2.00 N 
13  1 OE1 A GLN 6  ? ? CD  A GLN 6  ? ? NE2 A GLN 6  ? ? 161.94 121.90 40.04  2.30 N 
14  1 CG  A GLN 6  ? ? CD  A GLN 6  ? ? NE2 A GLN 6  ? ? 79.90  116.70 -36.80 2.40 N 
15  1 C   A GLN 6  ? ? N   A HIS 7  ? ? CA  A HIS 7  ? ? 147.98 121.70 26.28  2.50 Y 
16  1 N   A HIS 7  ? ? CA  A HIS 7  ? ? CB  A HIS 7  ? ? 139.13 110.60 28.53  1.80 N 
17  1 CE1 A HIS 7  ? ? NE2 A HIS 7  ? ? CD2 A HIS 7  ? ? 113.37 109.00 4.37   0.70 N 
18  1 O   A HIS 7  ? ? C   A HIS 7  ? ? N   A SER 8  ? ? 139.00 122.70 16.30  1.60 Y 
19  1 CA  A SER 8  ? ? C   A SER 8  ? ? O   A SER 8  ? ? 133.53 120.10 13.43  2.10 N 
20  1 CA  A SER 8  ? ? C   A SER 8  ? ? N   A SER 9  ? ? 99.19  117.20 -18.01 2.20 Y 
21  1 N   A SER 9  ? ? CA  A SER 9  ? ? CB  A SER 9  ? ? 90.92  110.50 -19.58 1.50 N 
22  1 O   A SER 9  ? ? C   A SER 9  ? ? N   A GLN 10 ? ? 110.52 122.70 -12.18 1.60 Y 
23  1 OE1 A GLN 10 ? ? CD  A GLN 10 ? ? NE2 A GLN 10 ? ? 102.55 121.90 -19.35 2.30 N 
24  1 CG  A GLN 10 ? ? CD  A GLN 10 ? ? OE1 A GLN 10 ? ? 153.93 121.60 32.33  2.00 N 
25  1 N   A GLN 10 ? ? CA  A GLN 10 ? ? C   A GLN 10 ? ? 130.20 111.00 19.20  2.70 N 
26  1 O   A PRO 11 ? ? C   A PRO 11 ? ? N   A GLN 12 ? ? 140.09 122.70 17.39  1.60 Y 
27  1 OE1 A GLN 12 ? ? CD  A GLN 12 ? ? NE2 A GLN 12 ? ? 149.27 121.90 27.37  2.30 N 
28  1 CG  A GLN 12 ? ? CD  A GLN 12 ? ? OE1 A GLN 12 ? ? 109.45 121.60 -12.15 2.00 N 
29  1 CG  A GLN 12 ? ? CD  A GLN 12 ? ? NE2 A GLN 12 ? ? 101.28 116.70 -15.42 2.40 N 
30  1 CB  A THR 13 ? ? CA  A THR 13 ? ? C   A THR 13 ? ? 132.53 111.60 20.93  2.70 N 
31  1 N   A THR 13 ? ? CA  A THR 13 ? ? CB  A THR 13 ? ? 95.11  110.30 -15.19 1.90 N 
32  1 CA  A THR 13 ? ? CB  A THR 13 ? ? CG2 A THR 13 ? ? 99.74  112.40 -12.66 1.40 N 
33  1 O   A THR 13 ? ? C   A THR 13 ? ? N   A THR 14 ? ? 109.49 122.70 -13.21 1.60 Y 
34  1 OG1 A THR 14 ? ? CB  A THR 14 ? ? CG2 A THR 14 ? ? 128.16 110.00 18.16  2.30 N 
35  1 CB  A LYS 15 ? ? CA  A LYS 15 ? ? C   A LYS 15 ? ? 95.88  110.40 -14.52 2.00 N 
36  1 CA  A THR 16 ? ? CB  A THR 16 ? ? OG1 A THR 16 ? ? 93.14  109.00 -15.86 2.10 N 
37  1 CA  A THR 16 ? ? CB  A THR 16 ? ? CG2 A THR 16 ? ? 128.51 112.40 16.11  1.40 N 
38  1 O   A THR 16 ? ? C   A THR 16 ? ? N   A CYS 17 ? ? 136.15 122.70 13.45  1.60 Y 
39  1 CB  A CYS 17 ? ? CA  A CYS 17 ? ? C   A CYS 17 ? ? 119.48 111.50 7.98   1.20 N 
40  1 CA  A CYS 17 ? ? CB  A CYS 17 ? ? SG  A CYS 17 ? ? 124.46 114.20 10.26  1.10 N 
41  1 OE1 A GLU 21 ? ? CD  A GLU 21 ? ? OE2 A GLU 21 ? ? 130.86 123.30 7.56   1.20 N 
42  1 N   A SER 23 ? ? CA  A SER 23 ? ? CB  A SER 23 ? ? 92.94  110.50 -17.56 1.50 N 
43  1 N   A SER 23 ? ? CA  A SER 23 ? ? C   A SER 23 ? ? 133.71 111.00 22.71  2.70 N 
44  1 CA  A CYS 24 ? ? CB  A CYS 24 ? ? SG  A CYS 24 ? ? 131.32 114.20 17.12  1.10 N 
45  1 CA  A CYS 24 ? ? C   A CYS 24 ? ? O   A CYS 24 ? ? 101.86 120.10 -18.24 2.10 N 
46  1 CA  A CYS 24 ? ? C   A CYS 24 ? ? N   A TYR 25 ? ? 131.65 117.20 14.45  2.20 Y 
47  1 N   A TYR 25 ? ? CA  A TYR 25 ? ? CB  A TYR 25 ? ? 125.93 110.60 15.33  1.80 N 
48  1 CD1 A TYR 25 ? ? CG  A TYR 25 ? ? CD2 A TYR 25 ? ? 127.11 117.90 9.21   1.10 N 
49  1 CB  A TYR 25 ? ? CG  A TYR 25 ? ? CD1 A TYR 25 ? ? 114.78 121.00 -6.22  0.60 N 
50  1 CG  A TYR 25 ? ? CD2 A TYR 25 ? ? CE2 A TYR 25 ? ? 100.76 121.30 -20.54 0.80 N 
51  1 OH  A TYR 25 ? ? CZ  A TYR 25 ? ? CE2 A TYR 25 ? ? 153.02 120.10 32.92  2.70 N 
52  1 CE1 A TYR 25 ? ? CZ  A TYR 25 ? ? OH  A TYR 25 ? ? 102.70 120.10 -17.40 2.70 N 
53  1 CE1 A TYR 25 ? ? CZ  A TYR 25 ? ? CE2 A TYR 25 ? ? 104.10 119.80 -15.70 1.60 N 
54  1 CZ  A TYR 25 ? ? CE2 A TYR 25 ? ? CD2 A TYR 25 ? ? 147.33 119.80 27.53  0.90 N 
55  1 ND1 A HIS 26 ? ? CG  A HIS 26 ? ? CD2 A HIS 26 ? ? 93.42  106.00 -12.58 1.40 N 
56  1 CG  A HIS 26 ? ? ND1 A HIS 26 ? ? CE1 A HIS 26 ? ? 124.92 109.00 15.92  1.00 N 
57  1 ND1 A HIS 26 ? ? CE1 A HIS 26 ? ? NE2 A HIS 26 ? ? 96.81  108.50 -11.69 1.10 N 
58  1 CE1 A HIS 26 ? ? NE2 A HIS 26 ? ? CD2 A HIS 26 ? ? 115.19 109.00 6.19   0.70 N 
59  1 CD  A LYS 27 ? ? CE  A LYS 27 ? ? NZ  A LYS 27 ? ? 94.70  111.70 -17.00 2.30 N 
60  1 O   A LYS 27 ? ? C   A LYS 27 ? ? N   A GLN 28 ? ? 137.47 122.70 14.77  1.60 Y 
61  1 C   A LYS 27 ? ? N   A GLN 28 ? ? CA  A GLN 28 ? ? 104.94 121.70 -16.76 2.50 Y 
62  1 OE1 A GLN 28 ? ? CD  A GLN 28 ? ? NE2 A GLN 28 ? ? 145.42 121.90 23.52  2.30 N 
63  1 CG  A GLN 28 ? ? CD  A GLN 28 ? ? OE1 A GLN 28 ? ? 108.42 121.60 -13.18 2.00 N 
64  1 CB  A TRP 29 ? ? CG  A TRP 29 ? ? CD1 A TRP 29 ? ? 137.84 127.00 10.84  1.30 N 
65  1 CG  A TRP 29 ? ? CD1 A TRP 29 ? ? NE1 A TRP 29 ? ? 117.82 110.10 7.72   1.00 N 
66  1 CD1 A TRP 29 ? ? NE1 A TRP 29 ? ? CE2 A TRP 29 ? ? 96.29  109.00 -12.71 0.90 N 
67  1 NE1 A TRP 29 ? ? CE2 A TRP 29 ? ? CZ2 A TRP 29 ? ? 113.92 130.40 -16.48 1.10 N 
68  1 NE1 A TRP 29 ? ? CE2 A TRP 29 ? ? CD2 A TRP 29 ? ? 120.20 107.30 12.90  1.00 N 
69  1 CA  A ASP 31 ? ? CB  A ASP 31 ? ? CG  A ASP 31 ? ? 139.76 113.40 26.36  2.20 N 
70  1 CB  A ASP 31 ? ? CG  A ASP 31 ? ? OD1 A ASP 31 ? ? 145.75 118.30 27.45  0.90 N 
71  1 CB  A ASP 31 ? ? CG  A ASP 31 ? ? OD2 A ASP 31 ? ? 86.62  118.30 -31.68 0.90 N 
72  1 O   A ASP 31 ? ? C   A ASP 31 ? ? N   A PHE 32 ? ? 136.35 122.70 13.65  1.60 Y 
73  1 CB  A PHE 32 ? ? CA  A PHE 32 ? ? C   A PHE 32 ? ? 133.44 110.40 23.04  2.00 N 
74  1 CA  A PHE 32 ? ? CB  A PHE 32 ? ? CG  A PHE 32 ? ? 91.78  113.90 -22.12 2.40 N 
75  1 CB  A PHE 32 ? ? CG  A PHE 32 ? ? CD2 A PHE 32 ? ? 128.62 120.80 7.82   0.70 N 
76  1 CD1 A PHE 32 ? ? CG  A PHE 32 ? ? CD2 A PHE 32 ? ? 127.64 118.30 9.34   1.30 N 
77  1 CB  A PHE 32 ? ? CG  A PHE 32 ? ? CD1 A PHE 32 ? ? 103.60 120.80 -17.20 0.70 N 
78  1 CG  A PHE 32 ? ? CD1 A PHE 32 ? ? CE1 A PHE 32 ? ? 112.74 120.80 -8.06  1.10 N 
79  1 CE1 A PHE 32 ? ? CZ  A PHE 32 ? ? CE2 A PHE 32 ? ? 134.77 120.00 14.77  1.80 N 
80  1 CZ  A PHE 32 ? ? CE2 A PHE 32 ? ? CD2 A PHE 32 ? ? 108.32 120.10 -11.78 1.20 N 
81  1 CA  A PHE 32 ? ? C   A PHE 32 ? ? N   A ARG 33 ? ? 137.28 117.20 20.08  2.20 Y 
82  1 O   A PHE 32 ? ? C   A PHE 32 ? ? N   A ARG 33 ? ? 103.52 122.70 -19.18 1.60 Y 
83  1 CG  A ARG 33 ? ? CD  A ARG 33 ? ? NE  A ARG 33 ? ? 91.84  111.80 -19.96 2.10 N 
84  1 N   A ARG 33 ? ? CA  A ARG 33 ? ? C   A ARG 33 ? ? 92.81  111.00 -18.19 2.70 N 
85  1 CA  A ARG 33 ? ? C   A ARG 33 ? ? O   A ARG 33 ? ? 107.28 120.10 -12.82 2.10 N 
86  1 CA  A THR 35 ? ? CB  A THR 35 ? ? OG1 A THR 35 ? ? 95.46  109.00 -13.54 2.10 N 
87  1 N   A THR 35 ? ? CA  A THR 35 ? ? C   A THR 35 ? ? 93.76  111.00 -17.24 2.70 N 
88  1 CB  A ILE 36 ? ? CA  A ILE 36 ? ? C   A ILE 36 ? ? 97.45  111.60 -14.15 2.00 N 
89  1 O   A ILE 36 ? ? C   A ILE 36 ? ? N   A ILE 37 ? ? 137.64 122.70 14.94  1.60 Y 
90  1 N   A ILE 37 ? ? CA  A ILE 37 ? ? CB  A ILE 37 ? ? 134.51 110.80 23.71  2.30 N 
91  1 CA  A ILE 37 ? ? CB  A ILE 37 ? ? CG1 A ILE 37 ? ? 128.13 111.00 17.13  1.90 N 
92  1 CB  A ILE 37 ? ? CG1 A ILE 37 ? ? CD1 A ILE 37 ? ? 169.26 113.90 55.36  2.80 N 
93  1 CA  A ILE 37 ? ? CB  A ILE 37 ? ? CG2 A ILE 37 ? ? 92.49  110.90 -18.41 2.00 N 
94  1 CA  A GLU 38 ? ? CB  A GLU 38 ? ? CG  A GLU 38 ? ? 133.14 113.40 19.74  2.20 N 
95  1 O   A GLU 38 ? ? C   A GLU 38 ? ? N   A ARG 39 ? ? 133.26 122.70 10.56  1.60 Y 
96  1 N   A ARG 39 ? ? CA  A ARG 39 ? ? CB  A ARG 39 ? ? 122.82 110.60 12.22  1.80 N 
97  1 CG  A ARG 39 ? ? CD  A ARG 39 ? ? NE  A ARG 39 ? ? 93.11  111.80 -18.69 2.10 N 
98  1 CD  A ARG 39 ? ? NE  A ARG 39 ? ? CZ  A ARG 39 ? ? 98.89  123.60 -24.71 1.40 N 
99  1 NE  A ARG 39 ? ? CZ  A ARG 39 ? ? NH1 A ARG 39 ? ? 124.48 120.30 4.18   0.50 N 
100 1 NE  A ARG 39 ? ? CZ  A ARG 39 ? ? NH2 A ARG 39 ? ? 116.92 120.30 -3.38  0.50 N 
101 1 CA  A ARG 39 ? ? C   A ARG 39 ? ? O   A ARG 39 ? ? 134.66 120.10 14.56  2.10 N 
102 1 O   A ARG 39 ? ? C   A ARG 39 ? ? N   A GLY 40 ? ? 102.82 123.20 -20.38 1.70 Y 
103 1 CA  A GLY 40 ? ? C   A GLY 40 ? ? N   A CYS 41 ? ? 131.26 117.20 14.06  2.20 Y 
104 1 O   A GLY 40 ? ? C   A GLY 40 ? ? N   A CYS 41 ? ? 99.92  122.70 -22.78 1.60 Y 
105 1 C   A GLY 40 ? ? N   A CYS 41 ? ? CA  A CYS 41 ? ? 146.93 121.70 25.23  2.50 Y 
106 1 O   A CYS 41 ? ? C   A CYS 41 ? ? N   A GLY 42 ? ? 136.03 123.20 12.83  1.70 Y 
107 1 N   A GLY 42 ? ? CA  A GLY 42 ? ? C   A GLY 42 ? ? 150.69 113.10 37.59  2.50 N 
108 1 CA  A GLY 42 ? ? C   A GLY 42 ? ? O   A GLY 42 ? ? 159.27 120.60 38.67  1.80 N 
109 1 CA  A GLY 42 ? ? C   A GLY 42 ? ? N   A CYS 43 ? ? 100.79 117.20 -16.41 2.20 Y 
110 1 O   A GLY 42 ? ? C   A GLY 42 ? ? N   A CYS 43 ? ? 99.61  122.70 -23.09 1.60 Y 
111 1 CB  A CYS 43 ? ? CA  A CYS 43 ? ? C   A CYS 43 ? ? 120.13 111.50 8.63   1.20 N 
112 1 N   A CYS 43 ? ? CA  A CYS 43 ? ? CB  A CYS 43 ? ? 90.21  110.60 -20.39 1.80 N 
113 1 C   A CYS 43 ? ? N   A PRO 44 ? ? CD  A PRO 44 ? ? 99.33  128.40 -29.07 2.10 Y 
114 1 CA  A PRO 44 ? ? N   A PRO 44 ? ? CD  A PRO 44 ? ? 97.27  111.70 -14.43 1.40 N 
115 1 CB  A PRO 44 ? ? CA  A PRO 44 ? ? C   A PRO 44 ? ? 145.55 111.70 33.85  2.10 N 
116 1 N   A PRO 44 ? ? CA  A PRO 44 ? ? CB  A PRO 44 ? ? 95.91  103.30 -7.39  1.20 N 
117 1 CA  A PRO 44 ? ? CB  A PRO 44 ? ? CG  A PRO 44 ? ? 92.20  104.80 -12.60 1.90 N 
118 1 O   A PRO 44 ? ? C   A PRO 44 ? ? N   A THR 45 ? ? 105.50 122.70 -17.20 1.60 Y 
119 1 CB  A THR 45 ? ? CA  A THR 45 ? ? C   A THR 45 ? ? 90.65  111.60 -20.95 2.70 N 
120 1 CA  A THR 45 ? ? CB  A THR 45 ? ? CG2 A THR 45 ? ? 96.50  112.40 -15.90 1.40 N 
121 1 CA  A THR 45 ? ? C   A THR 45 ? ? O   A THR 45 ? ? 102.34 120.10 -17.76 2.10 N 
122 1 CA  A THR 45 ? ? C   A THR 45 ? ? N   A VAL 46 ? ? 140.88 117.20 23.68  2.20 Y 
123 1 N   A VAL 46 ? ? CA  A VAL 46 ? ? CB  A VAL 46 ? ? 87.03  111.50 -24.47 2.20 N 
124 1 CG1 A VAL 46 ? ? CB  A VAL 46 ? ? CG2 A VAL 46 ? ? 131.24 110.90 20.34  1.60 N 
125 1 CA  A VAL 46 ? ? C   A VAL 46 ? ? O   A VAL 46 ? ? 104.67 120.10 -15.43 2.10 N 
126 1 N   A LYS 47 ? ? CA  A LYS 47 ? ? CB  A LYS 47 ? ? 130.68 110.60 20.08  1.80 N 
127 1 CB  A LYS 47 ? ? CG  A LYS 47 ? ? CD  A LYS 47 ? ? 130.84 111.60 19.24  2.60 N 
128 1 CA  A LYS 47 ? ? C   A LYS 47 ? ? O   A LYS 47 ? ? 95.22  120.10 -24.88 2.10 N 
129 1 CA  A LYS 47 ? ? C   A LYS 47 ? ? N   A PRO 48 ? ? 149.14 117.10 32.04  2.80 Y 
130 1 C   A LYS 47 ? ? N   A PRO 48 ? ? CA  A PRO 48 ? ? 131.90 119.30 12.60  1.50 Y 
131 1 CA  A PRO 48 ? ? N   A PRO 48 ? ? CD  A PRO 48 ? ? 84.21  111.70 -27.49 1.40 N 
132 1 CB  A PRO 48 ? ? CA  A PRO 48 ? ? C   A PRO 48 ? ? 129.80 111.70 18.10  2.10 N 
133 1 N   A PRO 48 ? ? CA  A PRO 48 ? ? CB  A PRO 48 ? ? 91.28  103.30 -12.02 1.20 N 
134 1 O   A PRO 48 ? ? C   A PRO 48 ? ? N   A GLY 49 ? ? 112.60 123.20 -10.60 1.70 Y 
135 1 C   A PRO 48 ? ? N   A GLY 49 ? ? CA  A GLY 49 ? ? 108.85 122.30 -13.45 2.10 Y 
136 1 CA  A GLY 49 ? ? C   A GLY 49 ? ? O   A GLY 49 ? ? 134.08 120.60 13.48  1.80 N 
137 1 CA  A GLY 49 ? ? C   A GLY 49 ? ? N   A ILE 50 ? ? 101.64 117.20 -15.56 2.20 Y 
138 1 CB  A ILE 50 ? ? CA  A ILE 50 ? ? C   A ILE 50 ? ? 81.76  111.60 -29.84 2.00 N 
139 1 N   A ILE 50 ? ? CA  A ILE 50 ? ? CB  A ILE 50 ? ? 127.31 110.80 16.51  2.30 N 
140 1 CA  A ILE 50 ? ? CB  A ILE 50 ? ? CG2 A ILE 50 ? ? 124.30 110.90 13.40  2.00 N 
141 1 N   A ILE 50 ? ? CA  A ILE 50 ? ? C   A ILE 50 ? ? 129.96 111.00 18.96  2.70 N 
142 1 CA  A ILE 50 ? ? C   A ILE 50 ? ? N   A LYS 51 ? ? 100.64 117.20 -16.56 2.20 Y 
143 1 O   A ILE 50 ? ? C   A ILE 50 ? ? N   A LYS 51 ? ? 142.02 122.70 19.32  1.60 Y 
144 1 CD  A LYS 51 ? ? CE  A LYS 51 ? ? NZ  A LYS 51 ? ? 93.48  111.70 -18.22 2.30 N 
145 1 N   A LYS 51 ? ? CA  A LYS 51 ? ? C   A LYS 51 ? ? 130.12 111.00 19.12  2.70 N 
146 1 CA  A LYS 51 ? ? C   A LYS 51 ? ? O   A LYS 51 ? ? 106.95 120.10 -13.15 2.10 N 
147 1 N   A LEU 52 ? ? CA  A LEU 52 ? ? CB  A LEU 52 ? ? 126.66 110.40 16.26  2.00 N 
148 1 CA  A LEU 52 ? ? CB  A LEU 52 ? ? CG  A LEU 52 ? ? 146.66 115.30 31.36  2.30 N 
149 1 CB  A LEU 52 ? ? CG  A LEU 52 ? ? CD1 A LEU 52 ? ? 100.13 111.00 -10.87 1.70 N 
150 1 CB  A LEU 52 ? ? CG  A LEU 52 ? ? CD2 A LEU 52 ? ? 100.02 111.00 -10.98 1.70 N 
151 1 N   A SER 53 ? ? CA  A SER 53 ? ? CB  A SER 53 ? ? 96.42  110.50 -14.08 1.50 N 
152 1 CA  A SER 53 ? ? C   A SER 53 ? ? N   A CYS 54 ? ? 100.29 117.20 -16.91 2.20 Y 
153 1 O   A SER 53 ? ? C   A SER 53 ? ? N   A CYS 54 ? ? 142.78 122.70 20.08  1.60 Y 
154 1 CA  A CYS 54 ? ? C   A CYS 54 ? ? N   A CYS 55 ? ? 139.75 117.20 22.55  2.20 Y 
155 1 O   A CYS 54 ? ? C   A CYS 54 ? ? N   A CYS 55 ? ? 100.65 122.70 -22.05 1.60 Y 
156 1 CB  A CYS 55 ? ? CA  A CYS 55 ? ? C   A CYS 55 ? ? 124.19 111.50 12.69  1.20 N 
157 1 N   A CYS 55 ? ? CA  A CYS 55 ? ? CB  A CYS 55 ? ? 99.23  110.60 -11.37 1.80 N 
158 1 N   A CYS 55 ? ? CA  A CYS 55 ? ? C   A CYS 55 ? ? 91.10  111.00 -19.90 2.70 N 
159 1 CA  A CYS 55 ? ? C   A CYS 55 ? ? O   A CYS 55 ? ? 139.97 120.10 19.87  2.10 N 
160 1 O   A CYS 55 ? ? C   A CYS 55 ? ? N   A GLU 56 ? ? 100.56 122.70 -22.14 1.60 Y 
161 1 CB  A GLU 56 ? ? CA  A GLU 56 ? ? C   A GLU 56 ? ? 83.99  110.40 -26.41 2.00 N 
162 1 N   A GLU 56 ? ? CA  A GLU 56 ? ? CB  A GLU 56 ? ? 127.24 110.60 16.64  1.80 N 
163 1 OE1 A GLU 56 ? ? CD  A GLU 56 ? ? OE2 A GLU 56 ? ? 133.25 123.30 9.95   1.20 N 
164 1 CG  A GLU 56 ? ? CD  A GLU 56 ? ? OE1 A GLU 56 ? ? 100.04 118.30 -18.26 2.00 N 
165 1 N   A GLU 56 ? ? CA  A GLU 56 ? ? C   A GLU 56 ? ? 148.16 111.00 37.16  2.70 N 
166 1 CA  A SER 57 ? ? C   A SER 57 ? ? N   A GLU 58 ? ? 132.82 117.20 15.62  2.20 Y 
167 1 O   A SER 57 ? ? C   A SER 57 ? ? N   A GLU 58 ? ? 112.77 122.70 -9.93  1.60 Y 
168 1 C   A SER 57 ? ? N   A GLU 58 ? ? CA  A GLU 58 ? ? 144.55 121.70 22.85  2.50 Y 
169 1 OE1 A GLU 58 ? ? CD  A GLU 58 ? ? OE2 A GLU 58 ? ? 97.31  123.30 -25.99 1.20 N 
170 1 CG  A GLU 58 ? ? CD  A GLU 58 ? ? OE1 A GLU 58 ? ? 134.48 118.30 16.18  2.00 N 
171 1 CA  A GLU 58 ? ? C   A GLU 58 ? ? O   A GLU 58 ? ? 97.21  120.10 -22.89 2.10 N 
172 1 CA  A GLU 58 ? ? C   A GLU 58 ? ? N   A VAL 59 ? ? 141.03 117.20 23.83  2.20 Y 
173 1 CA  A VAL 59 ? ? C   A VAL 59 ? ? N   A CYS 60 ? ? 130.47 117.20 13.27  2.20 Y 
174 1 O   A VAL 59 ? ? C   A VAL 59 ? ? N   A CYS 60 ? ? 108.89 122.70 -13.81 1.60 Y 
175 1 C   A VAL 59 ? ? N   A CYS 60 ? ? CA  A CYS 60 ? ? 139.91 121.70 18.21  2.50 Y 
176 1 N   A CYS 60 ? ? CA  A CYS 60 ? ? CB  A CYS 60 ? ? 125.70 110.80 14.90  1.50 N 
177 1 O   A CYS 60 ? ? C   A CYS 60 ? ? N   A ASN 61 ? ? 102.74 122.70 -19.96 1.60 Y 
178 1 C   A CYS 60 ? ? N   A ASN 61 ? ? CA  A ASN 61 ? ? 145.34 121.70 23.64  2.50 Y 
179 1 CA  A ASN 61 ? ? CB  A ASN 61 ? ? CG  A ASN 61 ? ? 133.91 113.40 20.51  2.20 N 
180 1 CB  A ASN 61 ? ? CG  A ASN 61 ? ? OD1 A ASN 61 ? ? 91.69  121.60 -29.91 2.00 N 
181 1 CB  A ASN 61 ? ? CG  A ASN 61 ? ? ND2 A ASN 61 ? ? 131.68 116.70 14.98  2.40 N 
182 1 O   A ASN 61 ? ? C   A ASN 61 ? ? N   A ASN 62 ? ? 143.13 122.70 20.43  1.60 Y 
183 1 CB  A ASN 62 ? ? CA  A ASN 62 ? ? C   A ASN 62 ? ? 92.78  110.40 -17.62 2.00 N 
184 1 N   A ASN 62 ? ? CA  A ASN 62 ? ? CB  A ASN 62 ? ? 128.61 110.60 18.01  1.80 N 
185 1 CA  A ASN 62 ? ? CB  A ASN 62 ? ? CG  A ASN 62 ? ? 94.25  113.40 -19.15 2.20 N 
# 
loop_
_pdbx_validate_torsion.id 
_pdbx_validate_torsion.PDB_model_num 
_pdbx_validate_torsion.auth_comp_id 
_pdbx_validate_torsion.auth_asym_id 
_pdbx_validate_torsion.auth_seq_id 
_pdbx_validate_torsion.PDB_ins_code 
_pdbx_validate_torsion.label_alt_id 
_pdbx_validate_torsion.phi 
_pdbx_validate_torsion.psi 
1  1 SER A 8  ? ? 23.96   48.19   
2  1 SER A 9  ? ? 26.00   81.86   
3  1 GLN A 10 ? ? -32.88  176.88  
4  1 TRP A 29 ? ? -142.45 -155.77 
5  1 ASP A 31 ? ? 173.26  -175.78 
6  1 CYS A 43 ? ? -171.25 89.06   
7  1 PRO A 44 ? ? -6.01   144.93  
8  1 LYS A 47 ? ? 135.59  123.30  
9  1 PRO A 48 ? ? -3.96   94.57   
10 1 ILE A 50 ? ? -38.98  -75.64  
11 1 LYS A 51 ? ? 63.77   66.28   
12 1 GLU A 56 ? ? -46.71  63.06   
13 1 CYS A 60 ? ? -16.28  -49.18  
# 
loop_
_pdbx_validate_peptide_omega.id 
_pdbx_validate_peptide_omega.PDB_model_num 
_pdbx_validate_peptide_omega.auth_comp_id_1 
_pdbx_validate_peptide_omega.auth_asym_id_1 
_pdbx_validate_peptide_omega.auth_seq_id_1 
_pdbx_validate_peptide_omega.PDB_ins_code_1 
_pdbx_validate_peptide_omega.label_alt_id_1 
_pdbx_validate_peptide_omega.auth_comp_id_2 
_pdbx_validate_peptide_omega.auth_asym_id_2 
_pdbx_validate_peptide_omega.auth_seq_id_2 
_pdbx_validate_peptide_omega.PDB_ins_code_2 
_pdbx_validate_peptide_omega.label_alt_id_2 
_pdbx_validate_peptide_omega.omega 
1  1 CYS A 3  ? ? PHE A 4  ? ? 145.36  
2  1 SER A 9  ? ? GLN A 10 ? ? 88.46   
3  1 LYS A 15 ? ? THR A 16 ? ? 146.94  
4  1 PHE A 32 ? ? ARG A 33 ? ? -144.80 
5  1 GLY A 42 ? ? CYS A 43 ? ? 134.13  
6  1 THR A 45 ? ? VAL A 46 ? ? -114.44 
7  1 VAL A 46 ? ? LYS A 47 ? ? 116.31  
8  1 GLY A 49 ? ? ILE A 50 ? ? -144.75 
9  1 CYS A 55 ? ? GLU A 56 ? ? 106.39  
10 1 ASN A 61 ? ? ASN A 62 ? ? 123.15  
# 
loop_
_pdbx_validate_chiral.id 
_pdbx_validate_chiral.PDB_model_num 
_pdbx_validate_chiral.auth_atom_id 
_pdbx_validate_chiral.label_alt_id 
_pdbx_validate_chiral.auth_asym_id 
_pdbx_validate_chiral.auth_comp_id 
_pdbx_validate_chiral.auth_seq_id 
_pdbx_validate_chiral.PDB_ins_code 
_pdbx_validate_chiral.details 
_pdbx_validate_chiral.omega 
1 1 CA ? A ARG 1  ? PLANAR       . 
2 1 CA ? A HIS 7  ? PLANAR       . 
3 1 CB ? A THR 14 ? 'WRONG HAND' . 
4 1 CA ? A PHE 32 ? PLANAR       . 
5 1 CA ? A PRO 44 ? PLANAR       . 
6 1 CA ? A LYS 51 ? 'WRONG HAND' . 
7 1 CA ? A LEU 52 ? PLANAR       . 
8 1 CA ? A GLU 56 ? PLANAR       . 
9 1 CA ? A CYS 60 ? PLANAR       . 
# 
loop_
_pdbx_validate_planes.id 
_pdbx_validate_planes.PDB_model_num 
_pdbx_validate_planes.auth_comp_id 
_pdbx_validate_planes.auth_asym_id 
_pdbx_validate_planes.auth_seq_id 
_pdbx_validate_planes.PDB_ins_code 
_pdbx_validate_planes.label_alt_id 
_pdbx_validate_planes.rmsd 
_pdbx_validate_planes.type 
1 1 ARG A 1  ? ? 0.266 'SIDE CHAIN' 
2 1 ARG A 33 ? ? 0.151 'SIDE CHAIN' 
3 1 ARG A 39 ? ? 0.282 'SIDE CHAIN' 
# 
loop_
_pdbx_validate_main_chain_plane.id 
_pdbx_validate_main_chain_plane.PDB_model_num 
_pdbx_validate_main_chain_plane.auth_comp_id 
_pdbx_validate_main_chain_plane.auth_asym_id 
_pdbx_validate_main_chain_plane.auth_seq_id 
_pdbx_validate_main_chain_plane.PDB_ins_code 
_pdbx_validate_main_chain_plane.label_alt_id 
_pdbx_validate_main_chain_plane.improper_torsion_angle 
1 1 PRO A 44 ? ? 12.06  
2 1 LYS A 47 ? ? 21.37  
3 1 CYS A 54 ? ? 10.53  
4 1 SER A 57 ? ? -10.86 
# 
loop_
_pdbx_validate_polymer_linkage.id 
_pdbx_validate_polymer_linkage.PDB_model_num 
_pdbx_validate_polymer_linkage.auth_atom_id_1 
_pdbx_validate_polymer_linkage.auth_asym_id_1 
_pdbx_validate_polymer_linkage.auth_comp_id_1 
_pdbx_validate_polymer_linkage.auth_seq_id_1 
_pdbx_validate_polymer_linkage.PDB_ins_code_1 
_pdbx_validate_polymer_linkage.label_alt_id_1 
_pdbx_validate_polymer_linkage.auth_atom_id_2 
_pdbx_validate_polymer_linkage.auth_asym_id_2 
_pdbx_validate_polymer_linkage.auth_comp_id_2 
_pdbx_validate_polymer_linkage.auth_seq_id_2 
_pdbx_validate_polymer_linkage.PDB_ins_code_2 
_pdbx_validate_polymer_linkage.label_alt_id_2 
_pdbx_validate_polymer_linkage.dist 
1 1 C A THR 16 ? ? N A CYS 17 ? ? 0.83 
2 1 C A SER 22 ? ? N A SER 23 ? ? 1.77 
# 
loop_
_pdbx_distant_solvent_atoms.id 
_pdbx_distant_solvent_atoms.PDB_model_num 
_pdbx_distant_solvent_atoms.auth_atom_id 
_pdbx_distant_solvent_atoms.label_alt_id 
_pdbx_distant_solvent_atoms.auth_asym_id 
_pdbx_distant_solvent_atoms.auth_comp_id 
_pdbx_distant_solvent_atoms.auth_seq_id 
_pdbx_distant_solvent_atoms.PDB_ins_code 
_pdbx_distant_solvent_atoms.neighbor_macromolecule_distance 
_pdbx_distant_solvent_atoms.neighbor_ligand_distance 
1 1 O ? A HOH 65  ? 8.51  . 
2 1 O ? A HOH 92  ? 13.21 . 
3 1 O ? A HOH 94  ? 6.30  . 
4 1 O ? A HOH 95  ? 8.09  . 
5 1 O ? A HOH 129 ? 6.00  . 
# 
loop_
_chem_comp_atom.comp_id 
_chem_comp_atom.atom_id 
_chem_comp_atom.type_symbol 
_chem_comp_atom.pdbx_aromatic_flag 
_chem_comp_atom.pdbx_stereo_config 
_chem_comp_atom.pdbx_ordinal 
ARG N    N N N 1   
ARG CA   C N S 2   
ARG C    C N N 3   
ARG O    O N N 4   
ARG CB   C N N 5   
ARG CG   C N N 6   
ARG CD   C N N 7   
ARG NE   N N N 8   
ARG CZ   C N N 9   
ARG NH1  N N N 10  
ARG NH2  N N N 11  
ARG OXT  O N N 12  
ARG H    H N N 13  
ARG H2   H N N 14  
ARG HA   H N N 15  
ARG HB2  H N N 16  
ARG HB3  H N N 17  
ARG HG2  H N N 18  
ARG HG3  H N N 19  
ARG HD2  H N N 20  
ARG HD3  H N N 21  
ARG HE   H N N 22  
ARG HH11 H N N 23  
ARG HH12 H N N 24  
ARG HH21 H N N 25  
ARG HH22 H N N 26  
ARG HXT  H N N 27  
ASN N    N N N 28  
ASN CA   C N S 29  
ASN C    C N N 30  
ASN O    O N N 31  
ASN CB   C N N 32  
ASN CG   C N N 33  
ASN OD1  O N N 34  
ASN ND2  N N N 35  
ASN OXT  O N N 36  
ASN H    H N N 37  
ASN H2   H N N 38  
ASN HA   H N N 39  
ASN HB2  H N N 40  
ASN HB3  H N N 41  
ASN HD21 H N N 42  
ASN HD22 H N N 43  
ASN HXT  H N N 44  
ASP N    N N N 45  
ASP CA   C N S 46  
ASP C    C N N 47  
ASP O    O N N 48  
ASP CB   C N N 49  
ASP CG   C N N 50  
ASP OD1  O N N 51  
ASP OD2  O N N 52  
ASP OXT  O N N 53  
ASP H    H N N 54  
ASP H2   H N N 55  
ASP HA   H N N 56  
ASP HB2  H N N 57  
ASP HB3  H N N 58  
ASP HD2  H N N 59  
ASP HXT  H N N 60  
CYS N    N N N 61  
CYS CA   C N R 62  
CYS C    C N N 63  
CYS O    O N N 64  
CYS CB   C N N 65  
CYS SG   S N N 66  
CYS OXT  O N N 67  
CYS H    H N N 68  
CYS H2   H N N 69  
CYS HA   H N N 70  
CYS HB2  H N N 71  
CYS HB3  H N N 72  
CYS HG   H N N 73  
CYS HXT  H N N 74  
GLN N    N N N 75  
GLN CA   C N S 76  
GLN C    C N N 77  
GLN O    O N N 78  
GLN CB   C N N 79  
GLN CG   C N N 80  
GLN CD   C N N 81  
GLN OE1  O N N 82  
GLN NE2  N N N 83  
GLN OXT  O N N 84  
GLN H    H N N 85  
GLN H2   H N N 86  
GLN HA   H N N 87  
GLN HB2  H N N 88  
GLN HB3  H N N 89  
GLN HG2  H N N 90  
GLN HG3  H N N 91  
GLN HE21 H N N 92  
GLN HE22 H N N 93  
GLN HXT  H N N 94  
GLU N    N N N 95  
GLU CA   C N S 96  
GLU C    C N N 97  
GLU O    O N N 98  
GLU CB   C N N 99  
GLU CG   C N N 100 
GLU CD   C N N 101 
GLU OE1  O N N 102 
GLU OE2  O N N 103 
GLU OXT  O N N 104 
GLU H    H N N 105 
GLU H2   H N N 106 
GLU HA   H N N 107 
GLU HB2  H N N 108 
GLU HB3  H N N 109 
GLU HG2  H N N 110 
GLU HG3  H N N 111 
GLU HE2  H N N 112 
GLU HXT  H N N 113 
GLY N    N N N 114 
GLY CA   C N N 115 
GLY C    C N N 116 
GLY O    O N N 117 
GLY OXT  O N N 118 
GLY H    H N N 119 
GLY H2   H N N 120 
GLY HA2  H N N 121 
GLY HA3  H N N 122 
GLY HXT  H N N 123 
HIS N    N N N 124 
HIS CA   C N S 125 
HIS C    C N N 126 
HIS O    O N N 127 
HIS CB   C N N 128 
HIS CG   C Y N 129 
HIS ND1  N Y N 130 
HIS CD2  C Y N 131 
HIS CE1  C Y N 132 
HIS NE2  N Y N 133 
HIS OXT  O N N 134 
HIS H    H N N 135 
HIS H2   H N N 136 
HIS HA   H N N 137 
HIS HB2  H N N 138 
HIS HB3  H N N 139 
HIS HD1  H N N 140 
HIS HD2  H N N 141 
HIS HE1  H N N 142 
HIS HE2  H N N 143 
HIS HXT  H N N 144 
HOH O    O N N 145 
HOH H1   H N N 146 
HOH H2   H N N 147 
ILE N    N N N 148 
ILE CA   C N S 149 
ILE C    C N N 150 
ILE O    O N N 151 
ILE CB   C N S 152 
ILE CG1  C N N 153 
ILE CG2  C N N 154 
ILE CD1  C N N 155 
ILE OXT  O N N 156 
ILE H    H N N 157 
ILE H2   H N N 158 
ILE HA   H N N 159 
ILE HB   H N N 160 
ILE HG12 H N N 161 
ILE HG13 H N N 162 
ILE HG21 H N N 163 
ILE HG22 H N N 164 
ILE HG23 H N N 165 
ILE HD11 H N N 166 
ILE HD12 H N N 167 
ILE HD13 H N N 168 
ILE HXT  H N N 169 
LEU N    N N N 170 
LEU CA   C N S 171 
LEU C    C N N 172 
LEU O    O N N 173 
LEU CB   C N N 174 
LEU CG   C N N 175 
LEU CD1  C N N 176 
LEU CD2  C N N 177 
LEU OXT  O N N 178 
LEU H    H N N 179 
LEU H2   H N N 180 
LEU HA   H N N 181 
LEU HB2  H N N 182 
LEU HB3  H N N 183 
LEU HG   H N N 184 
LEU HD11 H N N 185 
LEU HD12 H N N 186 
LEU HD13 H N N 187 
LEU HD21 H N N 188 
LEU HD22 H N N 189 
LEU HD23 H N N 190 
LEU HXT  H N N 191 
LYS N    N N N 192 
LYS CA   C N S 193 
LYS C    C N N 194 
LYS O    O N N 195 
LYS CB   C N N 196 
LYS CG   C N N 197 
LYS CD   C N N 198 
LYS CE   C N N 199 
LYS NZ   N N N 200 
LYS OXT  O N N 201 
LYS H    H N N 202 
LYS H2   H N N 203 
LYS HA   H N N 204 
LYS HB2  H N N 205 
LYS HB3  H N N 206 
LYS HG2  H N N 207 
LYS HG3  H N N 208 
LYS HD2  H N N 209 
LYS HD3  H N N 210 
LYS HE2  H N N 211 
LYS HE3  H N N 212 
LYS HZ1  H N N 213 
LYS HZ2  H N N 214 
LYS HZ3  H N N 215 
LYS HXT  H N N 216 
PHE N    N N N 217 
PHE CA   C N S 218 
PHE C    C N N 219 
PHE O    O N N 220 
PHE CB   C N N 221 
PHE CG   C Y N 222 
PHE CD1  C Y N 223 
PHE CD2  C Y N 224 
PHE CE1  C Y N 225 
PHE CE2  C Y N 226 
PHE CZ   C Y N 227 
PHE OXT  O N N 228 
PHE H    H N N 229 
PHE H2   H N N 230 
PHE HA   H N N 231 
PHE HB2  H N N 232 
PHE HB3  H N N 233 
PHE HD1  H N N 234 
PHE HD2  H N N 235 
PHE HE1  H N N 236 
PHE HE2  H N N 237 
PHE HZ   H N N 238 
PHE HXT  H N N 239 
PRO N    N N N 240 
PRO CA   C N S 241 
PRO C    C N N 242 
PRO O    O N N 243 
PRO CB   C N N 244 
PRO CG   C N N 245 
PRO CD   C N N 246 
PRO OXT  O N N 247 
PRO H    H N N 248 
PRO HA   H N N 249 
PRO HB2  H N N 250 
PRO HB3  H N N 251 
PRO HG2  H N N 252 
PRO HG3  H N N 253 
PRO HD2  H N N 254 
PRO HD3  H N N 255 
PRO HXT  H N N 256 
SER N    N N N 257 
SER CA   C N S 258 
SER C    C N N 259 
SER O    O N N 260 
SER CB   C N N 261 
SER OG   O N N 262 
SER OXT  O N N 263 
SER H    H N N 264 
SER H2   H N N 265 
SER HA   H N N 266 
SER HB2  H N N 267 
SER HB3  H N N 268 
SER HG   H N N 269 
SER HXT  H N N 270 
SO4 S    S N N 271 
SO4 O1   O N N 272 
SO4 O2   O N N 273 
SO4 O3   O N N 274 
SO4 O4   O N N 275 
THR N    N N N 276 
THR CA   C N S 277 
THR C    C N N 278 
THR O    O N N 279 
THR CB   C N R 280 
THR OG1  O N N 281 
THR CG2  C N N 282 
THR OXT  O N N 283 
THR H    H N N 284 
THR H2   H N N 285 
THR HA   H N N 286 
THR HB   H N N 287 
THR HG1  H N N 288 
THR HG21 H N N 289 
THR HG22 H N N 290 
THR HG23 H N N 291 
THR HXT  H N N 292 
TRP N    N N N 293 
TRP CA   C N S 294 
TRP C    C N N 295 
TRP O    O N N 296 
TRP CB   C N N 297 
TRP CG   C Y N 298 
TRP CD1  C Y N 299 
TRP CD2  C Y N 300 
TRP NE1  N Y N 301 
TRP CE2  C Y N 302 
TRP CE3  C Y N 303 
TRP CZ2  C Y N 304 
TRP CZ3  C Y N 305 
TRP CH2  C Y N 306 
TRP OXT  O N N 307 
TRP H    H N N 308 
TRP H2   H N N 309 
TRP HA   H N N 310 
TRP HB2  H N N 311 
TRP HB3  H N N 312 
TRP HD1  H N N 313 
TRP HE1  H N N 314 
TRP HE3  H N N 315 
TRP HZ2  H N N 316 
TRP HZ3  H N N 317 
TRP HH2  H N N 318 
TRP HXT  H N N 319 
TYR N    N N N 320 
TYR CA   C N S 321 
TYR C    C N N 322 
TYR O    O N N 323 
TYR CB   C N N 324 
TYR CG   C Y N 325 
TYR CD1  C Y N 326 
TYR CD2  C Y N 327 
TYR CE1  C Y N 328 
TYR CE2  C Y N 329 
TYR CZ   C Y N 330 
TYR OH   O N N 331 
TYR OXT  O N N 332 
TYR H    H N N 333 
TYR H2   H N N 334 
TYR HA   H N N 335 
TYR HB2  H N N 336 
TYR HB3  H N N 337 
TYR HD1  H N N 338 
TYR HD2  H N N 339 
TYR HE1  H N N 340 
TYR HE2  H N N 341 
TYR HH   H N N 342 
TYR HXT  H N N 343 
VAL N    N N N 344 
VAL CA   C N S 345 
VAL C    C N N 346 
VAL O    O N N 347 
VAL CB   C N N 348 
VAL CG1  C N N 349 
VAL CG2  C N N 350 
VAL OXT  O N N 351 
VAL H    H N N 352 
VAL H2   H N N 353 
VAL HA   H N N 354 
VAL HB   H N N 355 
VAL HG11 H N N 356 
VAL HG12 H N N 357 
VAL HG13 H N N 358 
VAL HG21 H N N 359 
VAL HG22 H N N 360 
VAL HG23 H N N 361 
VAL HXT  H N N 362 
# 
loop_
_chem_comp_bond.comp_id 
_chem_comp_bond.atom_id_1 
_chem_comp_bond.atom_id_2 
_chem_comp_bond.value_order 
_chem_comp_bond.pdbx_aromatic_flag 
_chem_comp_bond.pdbx_stereo_config 
_chem_comp_bond.pdbx_ordinal 
ARG N   CA   sing N N 1   
ARG N   H    sing N N 2   
ARG N   H2   sing N N 3   
ARG CA  C    sing N N 4   
ARG CA  CB   sing N N 5   
ARG CA  HA   sing N N 6   
ARG C   O    doub N N 7   
ARG C   OXT  sing N N 8   
ARG CB  CG   sing N N 9   
ARG CB  HB2  sing N N 10  
ARG CB  HB3  sing N N 11  
ARG CG  CD   sing N N 12  
ARG CG  HG2  sing N N 13  
ARG CG  HG3  sing N N 14  
ARG CD  NE   sing N N 15  
ARG CD  HD2  sing N N 16  
ARG CD  HD3  sing N N 17  
ARG NE  CZ   sing N N 18  
ARG NE  HE   sing N N 19  
ARG CZ  NH1  sing N N 20  
ARG CZ  NH2  doub N N 21  
ARG NH1 HH11 sing N N 22  
ARG NH1 HH12 sing N N 23  
ARG NH2 HH21 sing N N 24  
ARG NH2 HH22 sing N N 25  
ARG OXT HXT  sing N N 26  
ASN N   CA   sing N N 27  
ASN N   H    sing N N 28  
ASN N   H2   sing N N 29  
ASN CA  C    sing N N 30  
ASN CA  CB   sing N N 31  
ASN CA  HA   sing N N 32  
ASN C   O    doub N N 33  
ASN C   OXT  sing N N 34  
ASN CB  CG   sing N N 35  
ASN CB  HB2  sing N N 36  
ASN CB  HB3  sing N N 37  
ASN CG  OD1  doub N N 38  
ASN CG  ND2  sing N N 39  
ASN ND2 HD21 sing N N 40  
ASN ND2 HD22 sing N N 41  
ASN OXT HXT  sing N N 42  
ASP N   CA   sing N N 43  
ASP N   H    sing N N 44  
ASP N   H2   sing N N 45  
ASP CA  C    sing N N 46  
ASP CA  CB   sing N N 47  
ASP CA  HA   sing N N 48  
ASP C   O    doub N N 49  
ASP C   OXT  sing N N 50  
ASP CB  CG   sing N N 51  
ASP CB  HB2  sing N N 52  
ASP CB  HB3  sing N N 53  
ASP CG  OD1  doub N N 54  
ASP CG  OD2  sing N N 55  
ASP OD2 HD2  sing N N 56  
ASP OXT HXT  sing N N 57  
CYS N   CA   sing N N 58  
CYS N   H    sing N N 59  
CYS N   H2   sing N N 60  
CYS CA  C    sing N N 61  
CYS CA  CB   sing N N 62  
CYS CA  HA   sing N N 63  
CYS C   O    doub N N 64  
CYS C   OXT  sing N N 65  
CYS CB  SG   sing N N 66  
CYS CB  HB2  sing N N 67  
CYS CB  HB3  sing N N 68  
CYS SG  HG   sing N N 69  
CYS OXT HXT  sing N N 70  
GLN N   CA   sing N N 71  
GLN N   H    sing N N 72  
GLN N   H2   sing N N 73  
GLN CA  C    sing N N 74  
GLN CA  CB   sing N N 75  
GLN CA  HA   sing N N 76  
GLN C   O    doub N N 77  
GLN C   OXT  sing N N 78  
GLN CB  CG   sing N N 79  
GLN CB  HB2  sing N N 80  
GLN CB  HB3  sing N N 81  
GLN CG  CD   sing N N 82  
GLN CG  HG2  sing N N 83  
GLN CG  HG3  sing N N 84  
GLN CD  OE1  doub N N 85  
GLN CD  NE2  sing N N 86  
GLN NE2 HE21 sing N N 87  
GLN NE2 HE22 sing N N 88  
GLN OXT HXT  sing N N 89  
GLU N   CA   sing N N 90  
GLU N   H    sing N N 91  
GLU N   H2   sing N N 92  
GLU CA  C    sing N N 93  
GLU CA  CB   sing N N 94  
GLU CA  HA   sing N N 95  
GLU C   O    doub N N 96  
GLU C   OXT  sing N N 97  
GLU CB  CG   sing N N 98  
GLU CB  HB2  sing N N 99  
GLU CB  HB3  sing N N 100 
GLU CG  CD   sing N N 101 
GLU CG  HG2  sing N N 102 
GLU CG  HG3  sing N N 103 
GLU CD  OE1  doub N N 104 
GLU CD  OE2  sing N N 105 
GLU OE2 HE2  sing N N 106 
GLU OXT HXT  sing N N 107 
GLY N   CA   sing N N 108 
GLY N   H    sing N N 109 
GLY N   H2   sing N N 110 
GLY CA  C    sing N N 111 
GLY CA  HA2  sing N N 112 
GLY CA  HA3  sing N N 113 
GLY C   O    doub N N 114 
GLY C   OXT  sing N N 115 
GLY OXT HXT  sing N N 116 
HIS N   CA   sing N N 117 
HIS N   H    sing N N 118 
HIS N   H2   sing N N 119 
HIS CA  C    sing N N 120 
HIS CA  CB   sing N N 121 
HIS CA  HA   sing N N 122 
HIS C   O    doub N N 123 
HIS C   OXT  sing N N 124 
HIS CB  CG   sing N N 125 
HIS CB  HB2  sing N N 126 
HIS CB  HB3  sing N N 127 
HIS CG  ND1  sing Y N 128 
HIS CG  CD2  doub Y N 129 
HIS ND1 CE1  doub Y N 130 
HIS ND1 HD1  sing N N 131 
HIS CD2 NE2  sing Y N 132 
HIS CD2 HD2  sing N N 133 
HIS CE1 NE2  sing Y N 134 
HIS CE1 HE1  sing N N 135 
HIS NE2 HE2  sing N N 136 
HIS OXT HXT  sing N N 137 
HOH O   H1   sing N N 138 
HOH O   H2   sing N N 139 
ILE N   CA   sing N N 140 
ILE N   H    sing N N 141 
ILE N   H2   sing N N 142 
ILE CA  C    sing N N 143 
ILE CA  CB   sing N N 144 
ILE CA  HA   sing N N 145 
ILE C   O    doub N N 146 
ILE C   OXT  sing N N 147 
ILE CB  CG1  sing N N 148 
ILE CB  CG2  sing N N 149 
ILE CB  HB   sing N N 150 
ILE CG1 CD1  sing N N 151 
ILE CG1 HG12 sing N N 152 
ILE CG1 HG13 sing N N 153 
ILE CG2 HG21 sing N N 154 
ILE CG2 HG22 sing N N 155 
ILE CG2 HG23 sing N N 156 
ILE CD1 HD11 sing N N 157 
ILE CD1 HD12 sing N N 158 
ILE CD1 HD13 sing N N 159 
ILE OXT HXT  sing N N 160 
LEU N   CA   sing N N 161 
LEU N   H    sing N N 162 
LEU N   H2   sing N N 163 
LEU CA  C    sing N N 164 
LEU CA  CB   sing N N 165 
LEU CA  HA   sing N N 166 
LEU C   O    doub N N 167 
LEU C   OXT  sing N N 168 
LEU CB  CG   sing N N 169 
LEU CB  HB2  sing N N 170 
LEU CB  HB3  sing N N 171 
LEU CG  CD1  sing N N 172 
LEU CG  CD2  sing N N 173 
LEU CG  HG   sing N N 174 
LEU CD1 HD11 sing N N 175 
LEU CD1 HD12 sing N N 176 
LEU CD1 HD13 sing N N 177 
LEU CD2 HD21 sing N N 178 
LEU CD2 HD22 sing N N 179 
LEU CD2 HD23 sing N N 180 
LEU OXT HXT  sing N N 181 
LYS N   CA   sing N N 182 
LYS N   H    sing N N 183 
LYS N   H2   sing N N 184 
LYS CA  C    sing N N 185 
LYS CA  CB   sing N N 186 
LYS CA  HA   sing N N 187 
LYS C   O    doub N N 188 
LYS C   OXT  sing N N 189 
LYS CB  CG   sing N N 190 
LYS CB  HB2  sing N N 191 
LYS CB  HB3  sing N N 192 
LYS CG  CD   sing N N 193 
LYS CG  HG2  sing N N 194 
LYS CG  HG3  sing N N 195 
LYS CD  CE   sing N N 196 
LYS CD  HD2  sing N N 197 
LYS CD  HD3  sing N N 198 
LYS CE  NZ   sing N N 199 
LYS CE  HE2  sing N N 200 
LYS CE  HE3  sing N N 201 
LYS NZ  HZ1  sing N N 202 
LYS NZ  HZ2  sing N N 203 
LYS NZ  HZ3  sing N N 204 
LYS OXT HXT  sing N N 205 
PHE N   CA   sing N N 206 
PHE N   H    sing N N 207 
PHE N   H2   sing N N 208 
PHE CA  C    sing N N 209 
PHE CA  CB   sing N N 210 
PHE CA  HA   sing N N 211 
PHE C   O    doub N N 212 
PHE C   OXT  sing N N 213 
PHE CB  CG   sing N N 214 
PHE CB  HB2  sing N N 215 
PHE CB  HB3  sing N N 216 
PHE CG  CD1  doub Y N 217 
PHE CG  CD2  sing Y N 218 
PHE CD1 CE1  sing Y N 219 
PHE CD1 HD1  sing N N 220 
PHE CD2 CE2  doub Y N 221 
PHE CD2 HD2  sing N N 222 
PHE CE1 CZ   doub Y N 223 
PHE CE1 HE1  sing N N 224 
PHE CE2 CZ   sing Y N 225 
PHE CE2 HE2  sing N N 226 
PHE CZ  HZ   sing N N 227 
PHE OXT HXT  sing N N 228 
PRO N   CA   sing N N 229 
PRO N   CD   sing N N 230 
PRO N   H    sing N N 231 
PRO CA  C    sing N N 232 
PRO CA  CB   sing N N 233 
PRO CA  HA   sing N N 234 
PRO C   O    doub N N 235 
PRO C   OXT  sing N N 236 
PRO CB  CG   sing N N 237 
PRO CB  HB2  sing N N 238 
PRO CB  HB3  sing N N 239 
PRO CG  CD   sing N N 240 
PRO CG  HG2  sing N N 241 
PRO CG  HG3  sing N N 242 
PRO CD  HD2  sing N N 243 
PRO CD  HD3  sing N N 244 
PRO OXT HXT  sing N N 245 
SER N   CA   sing N N 246 
SER N   H    sing N N 247 
SER N   H2   sing N N 248 
SER CA  C    sing N N 249 
SER CA  CB   sing N N 250 
SER CA  HA   sing N N 251 
SER C   O    doub N N 252 
SER C   OXT  sing N N 253 
SER CB  OG   sing N N 254 
SER CB  HB2  sing N N 255 
SER CB  HB3  sing N N 256 
SER OG  HG   sing N N 257 
SER OXT HXT  sing N N 258 
SO4 S   O1   doub N N 259 
SO4 S   O2   doub N N 260 
SO4 S   O3   sing N N 261 
SO4 S   O4   sing N N 262 
THR N   CA   sing N N 263 
THR N   H    sing N N 264 
THR N   H2   sing N N 265 
THR CA  C    sing N N 266 
THR CA  CB   sing N N 267 
THR CA  HA   sing N N 268 
THR C   O    doub N N 269 
THR C   OXT  sing N N 270 
THR CB  OG1  sing N N 271 
THR CB  CG2  sing N N 272 
THR CB  HB   sing N N 273 
THR OG1 HG1  sing N N 274 
THR CG2 HG21 sing N N 275 
THR CG2 HG22 sing N N 276 
THR CG2 HG23 sing N N 277 
THR OXT HXT  sing N N 278 
TRP N   CA   sing N N 279 
TRP N   H    sing N N 280 
TRP N   H2   sing N N 281 
TRP CA  C    sing N N 282 
TRP CA  CB   sing N N 283 
TRP CA  HA   sing N N 284 
TRP C   O    doub N N 285 
TRP C   OXT  sing N N 286 
TRP CB  CG   sing N N 287 
TRP CB  HB2  sing N N 288 
TRP CB  HB3  sing N N 289 
TRP CG  CD1  doub Y N 290 
TRP CG  CD2  sing Y N 291 
TRP CD1 NE1  sing Y N 292 
TRP CD1 HD1  sing N N 293 
TRP CD2 CE2  doub Y N 294 
TRP CD2 CE3  sing Y N 295 
TRP NE1 CE2  sing Y N 296 
TRP NE1 HE1  sing N N 297 
TRP CE2 CZ2  sing Y N 298 
TRP CE3 CZ3  doub Y N 299 
TRP CE3 HE3  sing N N 300 
TRP CZ2 CH2  doub Y N 301 
TRP CZ2 HZ2  sing N N 302 
TRP CZ3 CH2  sing Y N 303 
TRP CZ3 HZ3  sing N N 304 
TRP CH2 HH2  sing N N 305 
TRP OXT HXT  sing N N 306 
TYR N   CA   sing N N 307 
TYR N   H    sing N N 308 
TYR N   H2   sing N N 309 
TYR CA  C    sing N N 310 
TYR CA  CB   sing N N 311 
TYR CA  HA   sing N N 312 
TYR C   O    doub N N 313 
TYR C   OXT  sing N N 314 
TYR CB  CG   sing N N 315 
TYR CB  HB2  sing N N 316 
TYR CB  HB3  sing N N 317 
TYR CG  CD1  doub Y N 318 
TYR CG  CD2  sing Y N 319 
TYR CD1 CE1  sing Y N 320 
TYR CD1 HD1  sing N N 321 
TYR CD2 CE2  doub Y N 322 
TYR CD2 HD2  sing N N 323 
TYR CE1 CZ   doub Y N 324 
TYR CE1 HE1  sing N N 325 
TYR CE2 CZ   sing Y N 326 
TYR CE2 HE2  sing N N 327 
TYR CZ  OH   sing N N 328 
TYR OH  HH   sing N N 329 
TYR OXT HXT  sing N N 330 
VAL N   CA   sing N N 331 
VAL N   H    sing N N 332 
VAL N   H2   sing N N 333 
VAL CA  C    sing N N 334 
VAL CA  CB   sing N N 335 
VAL CA  HA   sing N N 336 
VAL C   O    doub N N 337 
VAL C   OXT  sing N N 338 
VAL CB  CG1  sing N N 339 
VAL CB  CG2  sing N N 340 
VAL CB  HB   sing N N 341 
VAL CG1 HG11 sing N N 342 
VAL CG1 HG12 sing N N 343 
VAL CG1 HG13 sing N N 344 
VAL CG2 HG21 sing N N 345 
VAL CG2 HG22 sing N N 346 
VAL CG2 HG23 sing N N 347 
VAL OXT HXT  sing N N 348 
# 
_atom_sites.entry_id                    1NXB 
_atom_sites.fract_transf_matrix[1][1]   0.01587886 
_atom_sites.fract_transf_matrix[1][2]   0.00285278 
_atom_sites.fract_transf_matrix[1][3]   0.01188803 
_atom_sites.fract_transf_matrix[2][1]   0.00956664 
_atom_sites.fract_transf_matrix[2][2]   -0.01714348 
_atom_sites.fract_transf_matrix[2][3]   -0.00866425 
_atom_sites.fract_transf_matrix[3][1]   0.01955100 
_atom_sites.fract_transf_matrix[3][2]   0.02743559 
_atom_sites.fract_transf_matrix[3][3]   -0.03269804 
_atom_sites.fract_transf_vector[1]      0.601571 
_atom_sites.fract_transf_vector[2]      0.309382 
_atom_sites.fract_transf_vector[3]      0.661955 
# 
loop_
_atom_type.symbol 
C 
N 
O 
S 
# 
loop_
_atom_site.group_PDB 
_atom_site.id 
_atom_site.type_symbol 
_atom_site.label_atom_id 
_atom_site.label_alt_id 
_atom_site.label_comp_id 
_atom_site.label_asym_id 
_atom_site.label_entity_id 
_atom_site.label_seq_id 
_atom_site.pdbx_PDB_ins_code 
_atom_site.Cartn_x 
_atom_site.Cartn_y 
_atom_site.Cartn_z 
_atom_site.occupancy 
_atom_site.B_iso_or_equiv 
_atom_site.pdbx_formal_charge 
_atom_site.auth_seq_id 
_atom_site.auth_comp_id 
_atom_site.auth_asym_id 
_atom_site.auth_atom_id 
_atom_site.pdbx_PDB_model_num 
ATOM   1   N N   . ARG A 1 1  ? 6.549   13.043  1.731  1.00 16.74 ? 1   ARG A N   1 
ATOM   2   C CA  . ARG A 1 1  ? 6.388   11.629  1.813  1.00 14.94 ? 1   ARG A CA  1 
ATOM   3   C C   . ARG A 1 1  ? 5.325   10.894  2.594  1.00 10.12 ? 1   ARG A C   1 
ATOM   4   O O   . ARG A 1 1  ? 5.377   10.217  3.566  1.00 15.48 ? 1   ARG A O   1 
ATOM   5   C CB  . ARG A 1 1  ? 7.305   10.913  0.948  1.00 15.31 ? 1   ARG A CB  1 
ATOM   6   C CG  . ARG A 1 1  ? 6.990   9.480   0.913  1.00 11.37 ? 1   ARG A CG  1 
ATOM   7   C CD  . ARG A 1 1  ? 5.845   9.079   -0.054 1.00 10.78 ? 1   ARG A CD  1 
ATOM   8   N NE  . ARG A 1 1  ? 5.742   9.674   -1.408 1.00 9.29  ? 1   ARG A NE  1 
ATOM   9   C CZ  . ARG A 1 1  ? 6.877   9.902   -2.107 1.00 10.45 ? 1   ARG A CZ  1 
ATOM   10  N NH1 . ARG A 1 1  ? 7.613   8.855   -2.395 1.00 14.25 ? 1   ARG A NH1 1 
ATOM   11  N NH2 . ARG A 1 1  ? 7.120   11.222  -2.587 1.00 14.91 ? 1   ARG A NH2 1 
ATOM   12  N N   . ILE A 1 2  ? 4.214   11.121  1.770  1.00 12.86 ? 2   ILE A N   1 
ATOM   13  C CA  . ILE A 1 2  ? 2.900   10.641  2.210  1.00 13.00 ? 2   ILE A CA  1 
ATOM   14  C C   . ILE A 1 2  ? 2.264   9.487   1.498  1.00 11.70 ? 2   ILE A C   1 
ATOM   15  O O   . ILE A 1 2  ? 2.065   9.842   0.374  1.00 14.10 ? 2   ILE A O   1 
ATOM   16  C CB  . ILE A 1 2  ? 2.116   11.874  2.547  1.00 13.89 ? 2   ILE A CB  1 
ATOM   17  C CG1 . ILE A 1 2  ? 2.921   12.681  3.702  1.00 14.80 ? 2   ILE A CG1 1 
ATOM   18  C CG2 . ILE A 1 2  ? 0.800   11.584  3.268  1.00 10.78 ? 2   ILE A CG2 1 
ATOM   19  C CD1 . ILE A 1 2  ? 1.779   13.616  4.165  1.00 14.90 ? 2   ILE A CD1 1 
ATOM   20  N N   . CYS A 1 3  ? 1.947   8.423   2.181  1.00 9.79  ? 3   CYS A N   1 
ATOM   21  C CA  . CYS A 1 3  ? 1.060   7.433   1.420  1.00 12.83 ? 3   CYS A CA  1 
ATOM   22  C C   . CYS A 1 3  ? -0.380  7.295   1.855  1.00 9.20  ? 3   CYS A C   1 
ATOM   23  O O   . CYS A 1 3  ? -0.528  7.584   3.123  1.00 9.42  ? 3   CYS A O   1 
ATOM   24  C CB  . CYS A 1 3  ? 1.660   6.131   1.130  1.00 8.19  ? 3   CYS A CB  1 
ATOM   25  S SG  . CYS A 1 3  ? 3.479   6.441   0.787  1.00 8.75  ? 3   CYS A SG  1 
ATOM   26  N N   . PHE A 1 4  ? -1.515  6.783   1.135  1.00 10.64 ? 4   PHE A N   1 
ATOM   27  C CA  . PHE A 1 4  ? -2.655  6.009   1.764  1.00 5.73  ? 4   PHE A CA  1 
ATOM   28  C C   . PHE A 1 4  ? -2.158  4.903   2.612  1.00 7.18  ? 4   PHE A C   1 
ATOM   29  O O   . PHE A 1 4  ? -1.139  4.165   2.161  1.00 8.75  ? 4   PHE A O   1 
ATOM   30  C CB  . PHE A 1 4  ? -3.584  5.590   0.652  1.00 9.56  ? 4   PHE A CB  1 
ATOM   31  C CG  . PHE A 1 4  ? -4.228  6.829   0.027  1.00 11.18 ? 4   PHE A CG  1 
ATOM   32  C CD1 . PHE A 1 4  ? -3.726  6.998   -1.195 1.00 10.27 ? 4   PHE A CD1 1 
ATOM   33  C CD2 . PHE A 1 4  ? -5.110  7.690   0.685  1.00 10.77 ? 4   PHE A CD2 1 
ATOM   34  C CE1 . PHE A 1 4  ? -4.274  8.115   -1.870 1.00 12.36 ? 4   PHE A CE1 1 
ATOM   35  C CE2 . PHE A 1 4  ? -5.585  8.924   0.009  1.00 11.89 ? 4   PHE A CE2 1 
ATOM   36  C CZ  . PHE A 1 4  ? -5.106  8.903   -1.282 1.00 12.41 ? 4   PHE A CZ  1 
ATOM   37  N N   . ASN A 1 5  ? -2.996  4.734   3.689  1.00 5.81  ? 5   ASN A N   1 
ATOM   38  C CA  . ASN A 1 5  ? -2.722  3.461   4.485  1.00 6.24  ? 5   ASN A CA  1 
ATOM   39  C C   . ASN A 1 5  ? -4.014  2.691   4.850  1.00 10.58 ? 5   ASN A C   1 
ATOM   40  O O   . ASN A 1 5  ? -4.165  2.006   5.880  1.00 14.11 ? 5   ASN A O   1 
ATOM   41  C CB  . ASN A 1 5  ? -1.733  3.528   5.724  1.00 7.71  ? 5   ASN A CB  1 
ATOM   42  C CG  . ASN A 1 5  ? -2.378  4.547   6.484  1.00 2.99  ? 5   ASN A CG  1 
ATOM   43  O OD1 . ASN A 1 5  ? -3.197  5.488   6.504  1.00 4.70  ? 5   ASN A OD1 1 
ATOM   44  N ND2 . ASN A 1 5  ? -2.215  4.300   7.785  1.00 12.54 ? 5   ASN A ND2 1 
ATOM   45  N N   . GLN A 1 6  ? -5.065  2.947   4.093  1.00 11.96 ? 6   GLN A N   1 
ATOM   46  C CA  . GLN A 1 6  ? -6.391  2.422   4.441  1.00 11.75 ? 6   GLN A CA  1 
ATOM   47  C C   . GLN A 1 6  ? -6.565  1.053   3.577  1.00 12.60 ? 6   GLN A C   1 
ATOM   48  O O   . GLN A 1 6  ? -5.901  0.964   2.541  1.00 12.32 ? 6   GLN A O   1 
ATOM   49  C CB  . GLN A 1 6  ? -7.384  3.343   3.666  1.00 14.15 ? 6   GLN A CB  1 
ATOM   50  C CG  . GLN A 1 6  ? -6.995  4.309   2.612  1.00 10.50 ? 6   GLN A CG  1 
ATOM   51  C CD  . GLN A 1 6  ? -8.007  4.143   1.550  1.00 12.58 ? 6   GLN A CD  1 
ATOM   52  O OE1 . GLN A 1 6  ? -7.803  4.727   0.554  1.00 14.67 ? 6   GLN A OE1 1 
ATOM   53  N NE2 . GLN A 1 6  ? -8.387  3.288   2.345  1.00 12.44 ? 6   GLN A NE2 1 
ATOM   54  N N   . HIS A 1 7  ? -7.157  -0.029  3.935  1.00 16.67 ? 7   HIS A N   1 
ATOM   55  C CA  . HIS A 1 7  ? -7.614  -1.300  3.583  1.00 18.07 ? 7   HIS A CA  1 
ATOM   56  C C   . HIS A 1 7  ? -8.756  -1.076  2.604  1.00 20.19 ? 7   HIS A C   1 
ATOM   57  O O   . HIS A 1 7  ? -9.647  -0.368  3.030  1.00 17.31 ? 7   HIS A O   1 
ATOM   58  C CB  . HIS A 1 7  ? -7.329  -2.737  3.905  1.00 24.46 ? 7   HIS A CB  1 
ATOM   59  C CG  . HIS A 1 7  ? -8.139  -3.493  4.862  1.00 26.02 ? 7   HIS A CG  1 
ATOM   60  N ND1 . HIS A 1 7  ? -8.966  -2.873  5.893  1.00 24.00 ? 7   HIS A ND1 1 
ATOM   61  C CD2 . HIS A 1 7  ? -8.313  -4.870  4.962  1.00 25.98 ? 7   HIS A CD2 1 
ATOM   62  C CE1 . HIS A 1 7  ? -9.635  -3.801  6.529  1.00 20.88 ? 7   HIS A CE1 1 
ATOM   63  N NE2 . HIS A 1 7  ? -9.273  -4.999  5.964  1.00 27.63 ? 7   HIS A NE2 1 
ATOM   64  N N   . SER A 1 8  ? -8.493  -1.924  1.478  1.00 19.80 ? 8   SER A N   1 
ATOM   65  C CA  . SER A 1 8  ? -9.674  -2.134  0.664  1.00 18.67 ? 8   SER A CA  1 
ATOM   66  C C   . SER A 1 8  ? -10.649 -1.012  0.846  1.00 23.57 ? 8   SER A C   1 
ATOM   67  O O   . SER A 1 8  ? -11.955 -0.959  0.946  1.00 19.79 ? 8   SER A O   1 
ATOM   68  C CB  . SER A 1 8  ? -10.230 -3.558  1.044  1.00 19.30 ? 8   SER A CB  1 
ATOM   69  O OG  . SER A 1 8  ? -9.517  -4.099  2.252  1.00 23.98 ? 8   SER A OG  1 
ATOM   70  N N   . SER A 1 9  ? -9.821  0.015   0.701  1.00 18.87 ? 9   SER A N   1 
ATOM   71  C CA  . SER A 1 9  ? -10.590 1.271   0.603  1.00 25.23 ? 9   SER A CA  1 
ATOM   72  C C   . SER A 1 9  ? -11.909 0.923   1.372  1.00 24.86 ? 9   SER A C   1 
ATOM   73  O O   . SER A 1 9  ? -13.050 0.581   0.893  1.00 24.68 ? 9   SER A O   1 
ATOM   74  C CB  . SER A 1 9  ? -10.601 1.173   -0.937 1.00 21.89 ? 9   SER A CB  1 
ATOM   75  O OG  . SER A 1 9  ? -11.859 1.219   -1.670 1.00 28.49 ? 9   SER A OG  1 
ATOM   76  N N   . GLN A 1 10 ? -11.961 0.985   2.734  1.00 17.69 ? 10  GLN A N   1 
ATOM   77  C CA  . GLN A 1 10 ? -12.267 2.032   3.604  1.00 18.41 ? 10  GLN A CA  1 
ATOM   78  C C   . GLN A 1 10 ? -12.009 3.548   3.468  1.00 17.81 ? 10  GLN A C   1 
ATOM   79  O O   . GLN A 1 10 ? -11.399 4.181   2.508  1.00 20.65 ? 10  GLN A O   1 
ATOM   80  C CB  . GLN A 1 10 ? -12.300 1.592   5.023  1.00 16.95 ? 10  GLN A CB  1 
ATOM   81  C CG  . GLN A 1 10 ? -10.907 1.214   5.601  1.00 22.39 ? 10  GLN A CG  1 
ATOM   82  C CD  . GLN A 1 10 ? -11.115 0.249   6.772  1.00 23.95 ? 10  GLN A CD  1 
ATOM   83  O OE1 . GLN A 1 10 ? -10.798 -0.284  7.848  1.00 22.97 ? 10  GLN A OE1 1 
ATOM   84  N NE2 . GLN A 1 10 ? -12.315 -0.306  6.512  1.00 28.54 ? 10  GLN A NE2 1 
ATOM   85  N N   . PRO A 1 11 ? -12.565 4.256   4.589  1.00 15.15 ? 11  PRO A N   1 
ATOM   86  C CA  . PRO A 1 11 ? -12.357 5.570   4.632  1.00 8.45  ? 11  PRO A CA  1 
ATOM   87  C C   . PRO A 1 11 ? -10.770 5.802   4.542  1.00 10.85 ? 11  PRO A C   1 
ATOM   88  O O   . PRO A 1 11 ? -10.242 5.030   5.120  1.00 8.05  ? 11  PRO A O   1 
ATOM   89  C CB  . PRO A 1 11 ? -12.954 6.128   5.818  1.00 12.58 ? 11  PRO A CB  1 
ATOM   90  C CG  . PRO A 1 11 ? -14.161 5.239   6.111  1.00 14.34 ? 11  PRO A CG  1 
ATOM   91  C CD  . PRO A 1 11 ? -13.392 3.941   5.799  1.00 16.75 ? 11  PRO A CD  1 
ATOM   92  N N   . GLN A 1 12 ? -10.535 6.814   3.887  1.00 14.31 ? 12  GLN A N   1 
ATOM   93  C CA  . GLN A 1 12 ? -9.155  7.064   3.352  1.00 14.06 ? 12  GLN A CA  1 
ATOM   94  C C   . GLN A 1 12 ? -8.451  7.423   4.632  1.00 15.76 ? 12  GLN A C   1 
ATOM   95  O O   . GLN A 1 12 ? -8.851  8.490   5.234  1.00 17.42 ? 12  GLN A O   1 
ATOM   96  C CB  . GLN A 1 12 ? -8.987  8.121   2.346  1.00 16.01 ? 12  GLN A CB  1 
ATOM   97  C CG  . GLN A 1 12 ? -9.690  7.684   1.038  1.00 15.02 ? 12  GLN A CG  1 
ATOM   98  C CD  . GLN A 1 12 ? -9.233  8.633   -0.082 1.00 16.24 ? 12  GLN A CD  1 
ATOM   99  O OE1 . GLN A 1 12 ? -9.006  9.887   0.444  1.00 11.74 ? 12  GLN A OE1 1 
ATOM   100 N NE2 . GLN A 1 12 ? -9.244  7.825   -1.127 1.00 14.14 ? 12  GLN A NE2 1 
ATOM   101 N N   . THR A 1 13 ? -7.397  6.683   4.919  1.00 11.25 ? 13  THR A N   1 
ATOM   102 C CA  . THR A 1 13 ? -6.386  7.256   5.894  1.00 8.77  ? 13  THR A CA  1 
ATOM   103 C C   . THR A 1 13 ? -5.096  7.578   5.148  1.00 12.76 ? 13  THR A C   1 
ATOM   104 O O   . THR A 1 13 ? -4.822  7.109   3.993  1.00 11.33 ? 13  THR A O   1 
ATOM   105 C CB  . THR A 1 13 ? -6.713  6.270   7.026  1.00 14.93 ? 13  THR A CB  1 
ATOM   106 O OG1 . THR A 1 13 ? -5.692  5.230   6.897  1.00 15.31 ? 13  THR A OG1 1 
ATOM   107 C CG2 . THR A 1 13 ? -8.075  5.747   6.531  1.00 17.42 ? 13  THR A CG2 1 
ATOM   108 N N   . THR A 1 14 ? -4.155  8.391   5.521  1.00 10.11 ? 14  THR A N   1 
ATOM   109 C CA  . THR A 1 14 ? -2.849  8.591   4.896  1.00 15.54 ? 14  THR A CA  1 
ATOM   110 C C   . THR A 1 14 ? -1.916  8.564   6.178  1.00 14.34 ? 14  THR A C   1 
ATOM   111 O O   . THR A 1 14 ? -2.366  8.857   7.291  1.00 17.40 ? 14  THR A O   1 
ATOM   112 C CB  . THR A 1 14 ? -2.879  10.001  4.427  1.00 12.86 ? 14  THR A CB  1 
ATOM   113 O OG1 . THR A 1 14 ? -3.383  10.202  3.131  1.00 16.32 ? 14  THR A OG1 1 
ATOM   114 C CG2 . THR A 1 14 ? -2.731  11.055  5.588  1.00 10.36 ? 14  THR A CG2 1 
ATOM   115 N N   . LYS A 1 15 ? -0.644  8.367   5.983  1.00 15.17 ? 15  LYS A N   1 
ATOM   116 C CA  . LYS A 1 15 ? 0.494   8.121   6.846  1.00 14.14 ? 15  LYS A CA  1 
ATOM   117 C C   . LYS A 1 15 ? 1.604   9.040   6.350  1.00 12.60 ? 15  LYS A C   1 
ATOM   118 O O   . LYS A 1 15 ? 2.063   8.789   5.219  1.00 9.84  ? 15  LYS A O   1 
ATOM   119 C CB  . LYS A 1 15 ? 1.085   6.767   6.171  1.00 14.07 ? 15  LYS A CB  1 
ATOM   120 C CG  . LYS A 1 15 ? 1.969   6.034   7.221  1.00 14.85 ? 15  LYS A CG  1 
ATOM   121 C CD  . LYS A 1 15 ? 1.654   4.597   7.290  1.00 17.02 ? 15  LYS A CD  1 
ATOM   122 C CE  . LYS A 1 15 ? 2.617   3.851   8.268  1.00 19.73 ? 15  LYS A CE  1 
ATOM   123 N NZ  . LYS A 1 15 ? 1.846   3.309   9.362  1.00 24.96 ? 15  LYS A NZ  1 
ATOM   124 N N   . THR A 1 16 ? 2.246   9.959   7.013  1.00 18.90 ? 16  THR A N   1 
ATOM   125 C CA  . THR A 1 16 ? 3.646   10.361  6.842  1.00 17.45 ? 16  THR A CA  1 
ATOM   126 C C   . THR A 1 16 ? 4.716   9.371   6.973  1.00 18.84 ? 16  THR A C   1 
ATOM   127 O O   . THR A 1 16 ? 4.795   8.890   8.119  1.00 18.64 ? 16  THR A O   1 
ATOM   128 C CB  . THR A 1 16 ? 4.044   11.597  7.714  1.00 17.47 ? 16  THR A CB  1 
ATOM   129 O OG1 . THR A 1 16 ? 2.881   12.361  7.304  1.00 18.47 ? 16  THR A OG1 1 
ATOM   130 C CG2 . THR A 1 16 ? 5.348   12.339  7.743  1.00 16.72 ? 16  THR A CG2 1 
ATOM   131 N N   . CYS A 1 17 ? 5.192   9.378   6.292  1.00 13.98 ? 17  CYS A N   1 
ATOM   132 C CA  . CYS A 1 17 ? 6.049   8.306   6.163  1.00 12.87 ? 17  CYS A CA  1 
ATOM   133 C C   . CYS A 1 17 ? 7.345   8.713   6.863  1.00 13.65 ? 17  CYS A C   1 
ATOM   134 O O   . CYS A 1 17 ? 7.492   9.843   7.340  1.00 14.66 ? 17  CYS A O   1 
ATOM   135 C CB  . CYS A 1 17 ? 6.093   7.845   4.697  1.00 8.43  ? 17  CYS A CB  1 
ATOM   136 S SG  . CYS A 1 17 ? 4.939   7.089   3.976  1.00 11.33 ? 17  CYS A SG  1 
ATOM   137 N N   . SER A 1 18 ? 8.281   7.782   6.915  1.00 14.00 ? 18  SER A N   1 
ATOM   138 C CA  . SER A 1 18 ? 9.562   8.042   7.569  1.00 14.00 ? 18  SER A CA  1 
ATOM   139 C C   . SER A 1 18 ? 10.473  8.811   6.605  1.00 14.00 ? 18  SER A C   1 
ATOM   140 O O   . SER A 1 18 ? 10.408  8.622   5.373  1.00 14.00 ? 18  SER A O   1 
ATOM   141 C CB  . SER A 1 18 ? 10.219  6.744   7.964  1.00 14.00 ? 18  SER A CB  1 
ATOM   142 O OG  . SER A 1 18 ? 10.837  6.096   6.856  1.00 14.00 ? 18  SER A OG  1 
ATOM   143 N N   . PRO A 1 19 ? 11.307  9.665   7.175  1.00 14.00 ? 19  PRO A N   1 
ATOM   144 C CA  . PRO A 1 19 ? 12.233  10.459  6.355  1.00 14.00 ? 19  PRO A CA  1 
ATOM   145 C C   . PRO A 1 19 ? 13.110  9.542   5.521  1.00 14.00 ? 19  PRO A C   1 
ATOM   146 O O   . PRO A 1 19 ? 13.712  8.588   6.042  1.00 14.00 ? 19  PRO A O   1 
ATOM   147 C CB  . PRO A 1 19 ? 12.996  11.260  7.369  1.00 14.00 ? 19  PRO A CB  1 
ATOM   148 C CG  . PRO A 1 19 ? 12.949  10.461  8.651  1.00 14.00 ? 19  PRO A CG  1 
ATOM   149 C CD  . PRO A 1 19 ? 11.615  9.742   8.600  1.00 14.00 ? 19  PRO A CD  1 
ATOM   150 N N   . GLY A 1 20 ? 13.322  9.749   4.329  1.00 14.00 ? 20  GLY A N   1 
ATOM   151 C CA  . GLY A 1 20 ? 14.142  8.930   3.413  1.00 14.00 ? 20  GLY A CA  1 
ATOM   152 C C   . GLY A 1 20 ? 13.229  8.165   2.456  1.00 14.00 ? 20  GLY A C   1 
ATOM   153 O O   . GLY A 1 20 ? 13.426  8.201   1.240  1.00 14.00 ? 20  GLY A O   1 
ATOM   154 N N   . GLU A 1 21 ? 12.227  7.506   3.026  1.00 14.00 ? 21  GLU A N   1 
ATOM   155 C CA  . GLU A 1 21 ? 11.292  6.729   2.218  1.00 14.00 ? 21  GLU A CA  1 
ATOM   156 C C   . GLU A 1 21 ? 10.628  7.646   1.183  1.00 14.00 ? 21  GLU A C   1 
ATOM   157 O O   . GLU A 1 21 ? 9.878   8.573   1.541  1.00 14.00 ? 21  GLU A O   1 
ATOM   158 C CB  . GLU A 1 21 ? 10.173  6.088   3.092  1.00 14.00 ? 21  GLU A CB  1 
ATOM   159 C CG  . GLU A 1 21 ? 9.980   4.559   2.958  1.00 14.00 ? 21  GLU A CG  1 
ATOM   160 C CD  . GLU A 1 21 ? 10.301  3.973   1.524  1.00 14.00 ? 21  GLU A CD  1 
ATOM   161 O OE1 . GLU A 1 21 ? 10.384  4.677   0.570  1.00 14.00 ? 21  GLU A OE1 1 
ATOM   162 O OE2 . GLU A 1 21 ? 10.422  2.757   1.638  1.00 14.00 ? 21  GLU A OE2 1 
ATOM   163 N N   . SER A 1 22 ? 10.913  7.378   -0.078 1.00 14.00 ? 22  SER A N   1 
ATOM   164 C CA  . SER A 1 22 ? 10.336  8.169   -1.166 1.00 14.00 ? 22  SER A CA  1 
ATOM   165 C C   . SER A 1 22 ? 9.257   7.371   -1.892 1.00 14.00 ? 22  SER A C   1 
ATOM   166 O O   . SER A 1 22 ? 8.686   7.833   -2.893 1.00 14.00 ? 22  SER A O   1 
ATOM   167 C CB  . SER A 1 22 ? 11.414  8.577   -2.146 1.00 14.00 ? 22  SER A CB  1 
ATOM   168 O OG  . SER A 1 22 ? 11.665  7.554   -3.113 1.00 14.00 ? 22  SER A OG  1 
ATOM   169 N N   . SER A 1 23 ? 9.180   5.610   -1.719 1.00 11.98 ? 23  SER A N   1 
ATOM   170 C CA  . SER A 1 23 ? 7.923   4.951   -1.973 1.00 14.05 ? 23  SER A CA  1 
ATOM   171 C C   . SER A 1 23 ? 6.635   4.806   -1.181 1.00 12.75 ? 23  SER A C   1 
ATOM   172 O O   . SER A 1 23 ? 6.502   4.980   -0.035 1.00 14.96 ? 23  SER A O   1 
ATOM   173 C CB  . SER A 1 23 ? 8.575   3.619   -2.177 1.00 15.39 ? 23  SER A CB  1 
ATOM   174 O OG  . SER A 1 23 ? 9.062   3.238   -3.372 1.00 19.70 ? 23  SER A OG  1 
ATOM   175 N N   . CYS A 1 24 ? 5.497   4.304   -2.037 1.00 10.27 ? 24  CYS A N   1 
ATOM   176 C CA  . CYS A 1 24 ? 4.376   3.833   -1.429 1.00 5.18  ? 24  CYS A CA  1 
ATOM   177 C C   . CYS A 1 24 ? 3.726   2.545   -1.954 1.00 10.45 ? 24  CYS A C   1 
ATOM   178 O O   . CYS A 1 24 ? 4.135   2.506   -3.095 1.00 13.97 ? 24  CYS A O   1 
ATOM   179 C CB  . CYS A 1 24 ? 3.339   4.848   -1.566 1.00 11.79 ? 24  CYS A CB  1 
ATOM   180 S SG  . CYS A 1 24 ? 3.321   6.510   -1.154 1.00 9.73  ? 24  CYS A SG  1 
ATOM   181 N N   . TYR A 1 25 ? 2.961   1.723   -1.413 1.00 11.85 ? 25  TYR A N   1 
ATOM   182 C CA  . TYR A 1 25 ? 2.719   0.421   -1.843 1.00 8.67  ? 25  TYR A CA  1 
ATOM   183 C C   . TYR A 1 25 ? 1.226   0.141   -1.886 1.00 4.36  ? 25  TYR A C   1 
ATOM   184 O O   . TYR A 1 25 ? 0.548   0.519   -1.049 1.00 6.71  ? 25  TYR A O   1 
ATOM   185 C CB  . TYR A 1 25 ? 3.468   -0.861  -1.356 1.00 8.93  ? 25  TYR A CB  1 
ATOM   186 C CG  . TYR A 1 25 ? 3.187   -1.118  0.102  1.00 12.11 ? 25  TYR A CG  1 
ATOM   187 C CD1 . TYR A 1 25 ? 2.083   -2.047  0.360  1.00 10.44 ? 25  TYR A CD1 1 
ATOM   188 C CD2 . TYR A 1 25 ? 3.877   -0.441  0.990  1.00 13.22 ? 25  TYR A CD2 1 
ATOM   189 C CE1 . TYR A 1 25 ? 1.727   -2.344  1.734  1.00 11.05 ? 25  TYR A CE1 1 
ATOM   190 C CE2 . TYR A 1 25 ? 3.339   -0.964  2.198  1.00 6.66  ? 25  TYR A CE2 1 
ATOM   191 C CZ  . TYR A 1 25 ? 2.391   -1.767  2.794  1.00 11.39 ? 25  TYR A CZ  1 
ATOM   192 O OH  . TYR A 1 25 ? 1.797   -2.359  3.881  1.00 14.32 ? 25  TYR A OH  1 
ATOM   193 N N   . HIS A 1 26 ? 0.812   -0.652  -2.912 1.00 8.78  ? 26  HIS A N   1 
ATOM   194 C CA  . HIS A 1 26 ? -0.685  -1.108  -2.949 1.00 8.87  ? 26  HIS A CA  1 
ATOM   195 C C   . HIS A 1 26 ? -0.490  -2.662  -3.044 1.00 4.30  ? 26  HIS A C   1 
ATOM   196 O O   . HIS A 1 26 ? 0.109   -3.102  -3.985 1.00 10.23 ? 26  HIS A O   1 
ATOM   197 C CB  . HIS A 1 26 ? -1.311  -0.434  -4.189 1.00 12.13 ? 26  HIS A CB  1 
ATOM   198 C CG  . HIS A 1 26 ? -2.714  -0.993  -4.494 1.00 10.39 ? 26  HIS A CG  1 
ATOM   199 N ND1 . HIS A 1 26 ? -3.829  -0.327  -4.660 1.00 13.51 ? 26  HIS A ND1 1 
ATOM   200 C CD2 . HIS A 1 26 ? -3.288  -2.166  -4.721 1.00 13.84 ? 26  HIS A CD2 1 
ATOM   201 C CE1 . HIS A 1 26 ? -4.988  -0.865  -4.941 1.00 10.76 ? 26  HIS A CE1 1 
ATOM   202 N NE2 . HIS A 1 26 ? -4.618  -1.985  -4.978 1.00 9.29  ? 26  HIS A NE2 1 
ATOM   203 N N   . LYS A 1 27 ? -0.950  -3.531  -2.097 1.00 6.21  ? 27  LYS A N   1 
ATOM   204 C CA  . LYS A 1 27 ? -0.888  -5.079  -2.336 1.00 9.14  ? 27  LYS A CA  1 
ATOM   205 C C   . LYS A 1 27 ? -2.336  -5.662  -2.444 1.00 11.65 ? 27  LYS A C   1 
ATOM   206 O O   . LYS A 1 27 ? -3.060  -5.175  -1.664 1.00 12.65 ? 27  LYS A O   1 
ATOM   207 C CB  . LYS A 1 27 ? -0.295  -6.006  -1.163 1.00 8.50  ? 27  LYS A CB  1 
ATOM   208 C CG  . LYS A 1 27 ? 0.604   -5.163  -0.364 1.00 17.29 ? 27  LYS A CG  1 
ATOM   209 C CD  . LYS A 1 27 ? 0.218   -5.123  1.136  1.00 15.92 ? 27  LYS A CD  1 
ATOM   210 C CE  . LYS A 1 27 ? 1.355   -6.027  1.797  1.00 15.67 ? 27  LYS A CE  1 
ATOM   211 N NZ  . LYS A 1 27 ? 1.158   -5.416  3.294  1.00 13.35 ? 27  LYS A NZ  1 
ATOM   212 N N   . GLN A 1 28 ? -2.348  -6.635  -3.232 1.00 8.57  ? 28  GLN A N   1 
ATOM   213 C CA  . GLN A 1 28 ? -3.854  -7.100  -3.281 1.00 12.29 ? 28  GLN A CA  1 
ATOM   214 C C   . GLN A 1 28 ? -3.549  -8.647  -3.296 1.00 9.53  ? 28  GLN A C   1 
ATOM   215 O O   . GLN A 1 28 ? -2.596  -9.094  -4.002 1.00 10.17 ? 28  GLN A O   1 
ATOM   216 C CB  . GLN A 1 28 ? -4.200  -6.753  -4.637 1.00 11.71 ? 28  GLN A CB  1 
ATOM   217 C CG  . GLN A 1 28 ? -5.610  -6.454  -5.104 1.00 16.41 ? 28  GLN A CG  1 
ATOM   218 C CD  . GLN A 1 28 ? -5.932  -7.170  -6.453 1.00 14.30 ? 28  GLN A CD  1 
ATOM   219 O OE1 . GLN A 1 28 ? -5.516  -6.442  -7.400 1.00 15.32 ? 28  GLN A OE1 1 
ATOM   220 N NE2 . GLN A 1 28 ? -6.313  -8.319  -6.123 1.00 21.33 ? 28  GLN A NE2 1 
ATOM   221 N N   . TRP A 1 29 ? -4.318  -9.253  -2.377 1.00 8.57  ? 29  TRP A N   1 
ATOM   222 C CA  . TRP A 1 29 ? -4.395  -10.715 -2.520 1.00 10.87 ? 29  TRP A CA  1 
ATOM   223 C C   . TRP A 1 29 ? -5.904  -11.091 -2.151 1.00 16.53 ? 29  TRP A C   1 
ATOM   224 O O   . TRP A 1 29 ? -6.815  -10.251 -2.273 1.00 15.12 ? 29  TRP A O   1 
ATOM   225 C CB  . TRP A 1 29 ? -3.593  -11.645 -1.584 1.00 10.37 ? 29  TRP A CB  1 
ATOM   226 C CG  . TRP A 1 29 ? -3.995  -11.513 -0.103 1.00 11.74 ? 29  TRP A CG  1 
ATOM   227 C CD1 . TRP A 1 29 ? -4.587  -12.257 0.828  1.00 10.62 ? 29  TRP A CD1 1 
ATOM   228 C CD2 . TRP A 1 29 ? -3.484  -10.383 0.683  1.00 9.49  ? 29  TRP A CD2 1 
ATOM   229 N NE1 . TRP A 1 29 ? -4.696  -11.696 2.196  1.00 11.17 ? 29  TRP A NE1 1 
ATOM   230 C CE2 . TRP A 1 29 ? -4.008  -10.624 1.965  1.00 12.62 ? 29  TRP A CE2 1 
ATOM   231 C CE3 . TRP A 1 29 ? -2.872  -9.134  0.428  1.00 13.10 ? 29  TRP A CE3 1 
ATOM   232 C CZ2 . TRP A 1 29 ? -3.877  -9.790  3.067  1.00 16.56 ? 29  TRP A CZ2 1 
ATOM   233 C CZ3 . TRP A 1 29 ? -2.651  -8.355  1.508  1.00 13.42 ? 29  TRP A CZ3 1 
ATOM   234 C CH2 . TRP A 1 29 ? -3.192  -8.580  2.818  1.00 17.32 ? 29  TRP A CH2 1 
ATOM   235 N N   . SER A 1 30 ? -6.218  -12.252 -1.731 1.00 19.20 ? 30  SER A N   1 
ATOM   236 C CA  . SER A 1 30 ? -7.621  -12.718 -1.426 1.00 21.05 ? 30  SER A CA  1 
ATOM   237 C C   . SER A 1 30 ? -7.482  -14.146 -0.931 1.00 15.11 ? 30  SER A C   1 
ATOM   238 O O   . SER A 1 30 ? -6.387  -14.738 -1.111 1.00 14.32 ? 30  SER A O   1 
ATOM   239 C CB  . SER A 1 30 ? -8.444  -12.782 -2.713 1.00 23.87 ? 30  SER A CB  1 
ATOM   240 O OG  . SER A 1 30 ? -8.205  -14.011 -3.383 1.00 25.65 ? 30  SER A OG  1 
ATOM   241 N N   . ASP A 1 31 ? -8.438  -14.654 -0.403 1.00 12.11 ? 31  ASP A N   1 
ATOM   242 C CA  . ASP A 1 31 ? -8.294  -15.757 0.592  1.00 12.81 ? 31  ASP A CA  1 
ATOM   243 C C   . ASP A 1 31 ? -9.723  -15.960 1.112  1.00 14.88 ? 31  ASP A C   1 
ATOM   244 O O   . ASP A 1 31 ? -10.452 -15.132 0.603  1.00 13.76 ? 31  ASP A O   1 
ATOM   245 C CB  . ASP A 1 31 ? -7.496  -15.147 1.805  1.00 9.54  ? 31  ASP A CB  1 
ATOM   246 C CG  . ASP A 1 31 ? -7.709  -14.397 2.905  1.00 15.70 ? 31  ASP A CG  1 
ATOM   247 O OD1 . ASP A 1 31 ? -8.497  -13.678 3.499  1.00 18.30 ? 31  ASP A OD1 1 
ATOM   248 O OD2 . ASP A 1 31 ? -6.520  -14.659 3.224  1.00 24.74 ? 31  ASP A OD2 1 
ATOM   249 N N   . PHE A 1 32 ? -9.823  -16.887 2.129  1.00 14.88 ? 32  PHE A N   1 
ATOM   250 C CA  . PHE A 1 32 ? -11.139 -17.372 2.582  1.00 15.82 ? 32  PHE A CA  1 
ATOM   251 C C   . PHE A 1 32 ? -12.005 -16.193 2.731  1.00 13.75 ? 32  PHE A C   1 
ATOM   252 O O   . PHE A 1 32 ? -13.239 -16.294 2.421  1.00 14.67 ? 32  PHE A O   1 
ATOM   253 C CB  . PHE A 1 32 ? -11.216 -18.745 3.078  1.00 15.17 ? 32  PHE A CB  1 
ATOM   254 C CG  . PHE A 1 32 ? -10.638 -18.354 4.386  1.00 21.53 ? 32  PHE A CG  1 
ATOM   255 C CD1 . PHE A 1 32 ? -9.277  -18.467 4.186  1.00 25.53 ? 32  PHE A CD1 1 
ATOM   256 C CD2 . PHE A 1 32 ? -11.298 -17.891 5.526  1.00 24.96 ? 32  PHE A CD2 1 
ATOM   257 C CE1 . PHE A 1 32 ? -8.502  -18.040 5.342  1.00 21.49 ? 32  PHE A CE1 1 
ATOM   258 C CE2 . PHE A 1 32 ? -10.459 -17.488 6.742  1.00 20.55 ? 32  PHE A CE2 1 
ATOM   259 C CZ  . PHE A 1 32 ? -9.167  -17.633 6.429  1.00 18.04 ? 32  PHE A CZ  1 
ATOM   260 N N   . ARG A 1 33 ? -11.866 -14.977 2.979  1.00 11.57 ? 33  ARG A N   1 
ATOM   261 C CA  . ARG A 1 33 ? -12.692 -13.920 3.759  1.00 12.78 ? 33  ARG A CA  1 
ATOM   262 C C   . ARG A 1 33 ? -12.896 -13.079 2.549  1.00 10.28 ? 33  ARG A C   1 
ATOM   263 O O   . ARG A 1 33 ? -14.110 -12.623 2.596  1.00 16.71 ? 33  ARG A O   1 
ATOM   264 C CB  . ARG A 1 33 ? -11.858 -13.135 4.761  1.00 15.28 ? 33  ARG A CB  1 
ATOM   265 C CG  . ARG A 1 33 ? -11.123 -14.018 5.881  1.00 17.25 ? 33  ARG A CG  1 
ATOM   266 C CD  . ARG A 1 33 ? -9.668  -13.603 6.031  1.00 14.16 ? 33  ARG A CD  1 
ATOM   267 N NE  . ARG A 1 33 ? -10.034 -12.475 6.953  1.00 19.13 ? 33  ARG A NE  1 
ATOM   268 C CZ  . ARG A 1 33 ? -9.261  -11.370 7.375  1.00 23.43 ? 33  ARG A CZ  1 
ATOM   269 N NH1 . ARG A 1 33 ? -7.853  -11.563 7.573  1.00 22.48 ? 33  ARG A NH1 1 
ATOM   270 N NH2 . ARG A 1 33 ? -9.804  -10.180 7.627  1.00 14.99 ? 33  ARG A NH2 1 
ATOM   271 N N   . GLY A 1 34 ? -12.051 -12.857 1.597  1.00 14.03 ? 34  GLY A N   1 
ATOM   272 C CA  . GLY A 1 34 ? -12.397 -12.113 0.282  1.00 10.41 ? 34  GLY A CA  1 
ATOM   273 C C   . GLY A 1 34 ? -11.081 -11.676 -0.380 1.00 11.69 ? 34  GLY A C   1 
ATOM   274 O O   . GLY A 1 34 ? -10.076 -12.453 -0.371 1.00 15.11 ? 34  GLY A O   1 
ATOM   275 N N   . THR A 1 35 ? -11.242 -10.394 -0.853 1.00 10.96 ? 35  THR A N   1 
ATOM   276 C CA  . THR A 1 35 ? -10.065 -10.047 -1.707 1.00 14.92 ? 35  THR A CA  1 
ATOM   277 C C   . THR A 1 35 ? -9.566  -8.971  -0.757 1.00 13.31 ? 35  THR A C   1 
ATOM   278 O O   . THR A 1 35 ? -10.483 -8.355  -0.186 1.00 17.07 ? 35  THR A O   1 
ATOM   279 C CB  . THR A 1 35 ? -10.543 -9.133  -2.896 1.00 15.13 ? 35  THR A CB  1 
ATOM   280 O OG1 . THR A 1 35 ? -11.003 -10.226 -3.733 1.00 13.83 ? 35  THR A OG1 1 
ATOM   281 C CG2 . THR A 1 35 ? -9.479  -8.479  -3.766 1.00 14.94 ? 35  THR A CG2 1 
ATOM   282 N N   . ILE A 1 36 ? -8.303  -8.573  -0.676 1.00 16.63 ? 36  ILE A N   1 
ATOM   283 C CA  . ILE A 1 36 ? -7.799  -7.409  0.264  1.00 14.89 ? 36  ILE A CA  1 
ATOM   284 C C   . ILE A 1 36 ? -6.773  -6.520  -0.480 1.00 12.95 ? 36  ILE A C   1 
ATOM   285 O O   . ILE A 1 36 ? -6.138  -7.166  -1.330 1.00 13.32 ? 36  ILE A O   1 
ATOM   286 C CB  . ILE A 1 36 ? -6.798  -8.029  1.330  1.00 15.52 ? 36  ILE A CB  1 
ATOM   287 C CG1 . ILE A 1 36 ? -7.319  -9.233  2.136  1.00 15.47 ? 36  ILE A CG1 1 
ATOM   288 C CG2 . ILE A 1 36 ? -6.445  -6.772  2.226  1.00 11.13 ? 36  ILE A CG2 1 
ATOM   289 C CD1 . ILE A 1 36 ? -8.497  -8.778  3.121  1.00 11.43 ? 36  ILE A CD1 1 
ATOM   290 N N   . ILE A 1 37 ? -6.790  -5.281  0.001  1.00 12.19 ? 37  ILE A N   1 
ATOM   291 C CA  . ILE A 1 37 ? -5.795  -4.501  -0.632 1.00 10.80 ? 37  ILE A CA  1 
ATOM   292 C C   . ILE A 1 37 ? -5.076  -3.855  0.542  1.00 9.78  ? 37  ILE A C   1 
ATOM   293 O O   . ILE A 1 37 ? -5.810  -3.294  1.456  1.00 13.39 ? 37  ILE A O   1 
ATOM   294 C CB  . ILE A 1 37 ? -5.777  -3.634  -1.750 1.00 14.87 ? 37  ILE A CB  1 
ATOM   295 C CG1 . ILE A 1 37 ? -4.808  -2.511  -2.044 1.00 13.80 ? 37  ILE A CG1 1 
ATOM   296 C CG2 . ILE A 1 37 ? -7.099  -2.952  -1.328 1.00 13.77 ? 37  ILE A CG2 1 
ATOM   297 C CD1 . ILE A 1 37 ? -3.715  -1.624  -2.431 1.00 17.63 ? 37  ILE A CD1 1 
ATOM   298 N N   . GLU A 1 38 ? -3.747  -3.886  0.691  1.00 12.37 ? 38  GLU A N   1 
ATOM   299 C CA  . GLU A 1 38 ? -3.307  -3.049  1.915  1.00 14.20 ? 38  GLU A CA  1 
ATOM   300 C C   . GLU A 1 38 ? -2.558  -1.954  1.138  1.00 12.19 ? 38  GLU A C   1 
ATOM   301 O O   . GLU A 1 38 ? -1.892  -2.237  0.087  1.00 14.38 ? 38  GLU A O   1 
ATOM   302 C CB  . GLU A 1 38 ? -2.099  -3.754  2.629  1.00 15.79 ? 38  GLU A CB  1 
ATOM   303 C CG  . GLU A 1 38 ? -1.634  -3.784  4.023  1.00 18.75 ? 38  GLU A CG  1 
ATOM   304 C CD  . GLU A 1 38 ? -0.538  -4.920  4.406  1.00 23.15 ? 38  GLU A CD  1 
ATOM   305 O OE1 . GLU A 1 38 ? 0.578   -4.337  4.579  1.00 19.28 ? 38  GLU A OE1 1 
ATOM   306 O OE2 . GLU A 1 38 ? -0.732  -6.099  4.585  1.00 19.57 ? 38  GLU A OE2 1 
ATOM   307 N N   . ARG A 1 39 ? -2.630  -0.952  1.844  1.00 11.03 ? 39  ARG A N   1 
ATOM   308 C CA  . ARG A 1 39 ? -1.881  0.276   1.442  1.00 13.01 ? 39  ARG A CA  1 
ATOM   309 C C   . ARG A 1 39 ? -0.941  0.743   2.600  1.00 11.63 ? 39  ARG A C   1 
ATOM   310 O O   . ARG A 1 39 ? -1.058  0.870   3.697  1.00 13.48 ? 39  ARG A O   1 
ATOM   311 C CB  . ARG A 1 39 ? -2.558  1.579   1.143  1.00 11.05 ? 39  ARG A CB  1 
ATOM   312 C CG  . ARG A 1 39 ? -3.345  1.899   -0.169 1.00 19.57 ? 39  ARG A CG  1 
ATOM   313 C CD  . ARG A 1 39 ? -4.619  1.065   -0.187 1.00 19.55 ? 39  ARG A CD  1 
ATOM   314 N NE  . ARG A 1 39 ? -5.355  2.056   -1.120 1.00 14.88 ? 39  ARG A NE  1 
ATOM   315 C CZ  . ARG A 1 39 ? -6.543  1.354   -1.285 1.00 12.54 ? 39  ARG A CZ  1 
ATOM   316 N NH1 . ARG A 1 39 ? -7.224  1.242   -2.478 1.00 15.02 ? 39  ARG A NH1 1 
ATOM   317 N NH2 . ARG A 1 39 ? -7.093  0.891   -0.227 1.00 14.35 ? 39  ARG A NH2 1 
ATOM   318 N N   . GLY A 1 40 ? 0.334   1.115   2.391  1.00 9.36  ? 40  GLY A N   1 
ATOM   319 C CA  . GLY A 1 40 ? 1.441   1.670   3.278  1.00 6.91  ? 40  GLY A CA  1 
ATOM   320 C C   . GLY A 1 40 ? 2.636   2.358   2.601  1.00 12.34 ? 40  GLY A C   1 
ATOM   321 O O   . GLY A 1 40 ? 2.776   2.721   1.338  1.00 11.60 ? 40  GLY A O   1 
ATOM   322 N N   . CYS A 1 41 ? 3.719   2.767   3.063  1.00 14.23 ? 41  CYS A N   1 
ATOM   323 C CA  . CYS A 1 41 ? 5.027   3.425   2.784  1.00 14.28 ? 41  CYS A CA  1 
ATOM   324 C C   . CYS A 1 41 ? 5.934   2.146   2.502  1.00 11.01 ? 41  CYS A C   1 
ATOM   325 O O   . CYS A 1 41 ? 5.825   1.191   3.322  1.00 14.13 ? 41  CYS A O   1 
ATOM   326 C CB  . CYS A 1 41 ? 5.386   3.991   4.144  1.00 10.32 ? 41  CYS A CB  1 
ATOM   327 S SG  . CYS A 1 41 ? 4.574   5.643   4.546  1.00 11.55 ? 41  CYS A SG  1 
ATOM   328 N N   . GLY A 1 42 ? 6.717   2.433   1.458  1.00 13.27 ? 42  GLY A N   1 
ATOM   329 C CA  . GLY A 1 42 ? 7.208   1.314   0.611  1.00 16.75 ? 42  GLY A CA  1 
ATOM   330 C C   . GLY A 1 42 ? 7.579   0.778   -0.684 1.00 14.31 ? 42  GLY A C   1 
ATOM   331 O O   . GLY A 1 42 ? 7.737   0.702   -2.059 1.00 14.61 ? 42  GLY A O   1 
ATOM   332 N N   . CYS A 1 43 ? 8.349   -0.322  -0.300 1.00 12.08 ? 43  CYS A N   1 
ATOM   333 C CA  . CYS A 1 43 ? 7.994   -1.497  -1.051 1.00 14.48 ? 43  CYS A CA  1 
ATOM   334 C C   . CYS A 1 43 ? 8.569   -2.759  -0.632 1.00 11.66 ? 43  CYS A C   1 
ATOM   335 O O   . CYS A 1 43 ? 9.553   -3.172  -1.425 1.00 16.35 ? 43  CYS A O   1 
ATOM   336 C CB  . CYS A 1 43 ? 8.445   -0.866  -2.261 1.00 7.47  ? 43  CYS A CB  1 
ATOM   337 S SG  . CYS A 1 43 ? 8.281   -1.907  -3.861 1.00 14.57 ? 43  CYS A SG  1 
ATOM   338 N N   . PRO A 1 44 ? 7.865   -3.425  0.277  1.00 15.27 ? 44  PRO A N   1 
ATOM   339 C CA  . PRO A 1 44 ? 7.801   -4.912  0.475  1.00 12.15 ? 44  PRO A CA  1 
ATOM   340 C C   . PRO A 1 44 ? 8.471   -5.707  -0.482 1.00 12.74 ? 44  PRO A C   1 
ATOM   341 O O   . PRO A 1 44 ? 8.910   -5.269  -1.635 1.00 17.55 ? 44  PRO A O   1 
ATOM   342 C CB  . PRO A 1 44 ? 6.740   -4.883  1.528  1.00 12.43 ? 44  PRO A CB  1 
ATOM   343 C CG  . PRO A 1 44 ? 5.694   -4.344  0.542  1.00 16.48 ? 44  PRO A CG  1 
ATOM   344 C CD  . PRO A 1 44 ? 6.459   -3.248  -0.318 1.00 16.69 ? 44  PRO A CD  1 
ATOM   345 N N   . THR A 1 45 ? 9.135   -6.894  -0.262 1.00 17.46 ? 45  THR A N   1 
ATOM   346 C CA  . THR A 1 45 ? 9.597   -8.005  -1.207 1.00 21.56 ? 45  THR A CA  1 
ATOM   347 C C   . THR A 1 45 ? 8.404   -8.821  -1.418 1.00 20.90 ? 45  THR A C   1 
ATOM   348 O O   . THR A 1 45 ? 8.056   -9.094  -0.246 1.00 22.58 ? 45  THR A O   1 
ATOM   349 C CB  . THR A 1 45 ? 10.208  -9.117  -0.227 1.00 23.25 ? 45  THR A CB  1 
ATOM   350 O OG1 . THR A 1 45 ? 10.794  -8.334  0.754  1.00 23.89 ? 45  THR A OG1 1 
ATOM   351 C CG2 . THR A 1 45 ? 11.453  -9.400  -1.044 1.00 24.55 ? 45  THR A CG2 1 
ATOM   352 N N   . VAL A 1 46 ? 7.605   -9.164  -2.326 1.00 25.50 ? 46  VAL A N   1 
ATOM   353 C CA  . VAL A 1 46 ? 6.214   -8.598  -2.028 1.00 23.73 ? 46  VAL A CA  1 
ATOM   354 C C   . VAL A 1 46 ? 5.207   -9.791  -2.027 1.00 22.71 ? 46  VAL A C   1 
ATOM   355 O O   . VAL A 1 46 ? 4.441   -9.563  -1.048 1.00 20.93 ? 46  VAL A O   1 
ATOM   356 C CB  . VAL A 1 46 ? 6.181   -8.130  -3.475 1.00 27.10 ? 46  VAL A CB  1 
ATOM   357 C CG1 . VAL A 1 46 ? 5.314   -9.118  -4.262 1.00 26.07 ? 46  VAL A CG1 1 
ATOM   358 C CG2 . VAL A 1 46 ? 6.685   -6.782  -3.823 1.00 27.11 ? 46  VAL A CG2 1 
ATOM   359 N N   . LYS A 1 47 ? 5.421   -10.942 -2.733 1.00 20.83 ? 47  LYS A N   1 
ATOM   360 C CA  . LYS A 1 47 ? 5.586   -12.235 -2.021 1.00 20.38 ? 47  LYS A CA  1 
ATOM   361 C C   . LYS A 1 47 ? 4.904   -13.541 -2.456 1.00 19.62 ? 47  LYS A C   1 
ATOM   362 O O   . LYS A 1 47 ? 3.953   -13.005 -2.957 1.00 18.97 ? 47  LYS A O   1 
ATOM   363 C CB  . LYS A 1 47 ? 6.051   -12.536 -0.595 1.00 15.96 ? 47  LYS A CB  1 
ATOM   364 C CG  . LYS A 1 47 ? 5.451   -13.795 -0.124 1.00 13.82 ? 47  LYS A CG  1 
ATOM   365 C CD  . LYS A 1 47 ? 4.042   -14.340 -0.276 1.00 17.64 ? 47  LYS A CD  1 
ATOM   366 C CE  . LYS A 1 47 ? 3.492   -15.132 0.802  1.00 13.46 ? 47  LYS A CE  1 
ATOM   367 N NZ  . LYS A 1 47 ? 4.470   -15.545 1.830  1.00 17.50 ? 47  LYS A NZ  1 
ATOM   368 N N   . PRO A 1 48 ? 5.006   -14.798 -2.818 1.00 20.07 ? 48  PRO A N   1 
ATOM   369 C CA  . PRO A 1 48 ? 3.977   -15.799 -3.289 1.00 20.27 ? 48  PRO A CA  1 
ATOM   370 C C   . PRO A 1 48 ? 2.606   -15.501 -3.341 1.00 19.57 ? 48  PRO A C   1 
ATOM   371 O O   . PRO A 1 48 ? 1.841   -15.644 -2.306 1.00 23.97 ? 48  PRO A O   1 
ATOM   372 C CB  . PRO A 1 48 ? 4.712   -16.948 -2.566 1.00 18.90 ? 48  PRO A CB  1 
ATOM   373 C CG  . PRO A 1 48 ? 6.057   -16.825 -3.254 1.00 17.67 ? 48  PRO A CG  1 
ATOM   374 C CD  . PRO A 1 48 ? 5.899   -15.442 -3.899 1.00 22.28 ? 48  PRO A CD  1 
ATOM   375 N N   . GLY A 1 49 ? 1.919   -15.040 -4.452 1.00 18.67 ? 49  GLY A N   1 
ATOM   376 C CA  . GLY A 1 49 ? 0.387   -15.003 -4.120 1.00 13.31 ? 49  GLY A CA  1 
ATOM   377 C C   . GLY A 1 49 ? -0.087  -13.586 -4.147 1.00 11.54 ? 49  GLY A C   1 
ATOM   378 O O   . GLY A 1 49 ? -1.150  -12.996 -3.750 1.00 17.45 ? 49  GLY A O   1 
ATOM   379 N N   . ILE A 1 50 ? 1.036   -12.930 -4.536 1.00 15.36 ? 50  ILE A N   1 
ATOM   380 C CA  . ILE A 1 50 ? 1.438   -11.676 -4.119 1.00 19.29 ? 50  ILE A CA  1 
ATOM   381 C C   . ILE A 1 50 ? 0.642   -10.466 -3.865 1.00 22.13 ? 50  ILE A C   1 
ATOM   382 O O   . ILE A 1 50 ? 0.534   -10.103 -2.685 1.00 26.84 ? 50  ILE A O   1 
ATOM   383 C CB  . ILE A 1 50 ? 2.303   -10.681 -4.885 1.00 14.06 ? 50  ILE A CB  1 
ATOM   384 C CG1 . ILE A 1 50 ? 1.708   -10.458 -6.261 1.00 13.28 ? 50  ILE A CG1 1 
ATOM   385 C CG2 . ILE A 1 50 ? 3.702   -10.907 -5.236 1.00 18.96 ? 50  ILE A CG2 1 
ATOM   386 C CD1 . ILE A 1 50 ? 1.457   -9.153  -7.029 1.00 18.40 ? 50  ILE A CD1 1 
ATOM   387 N N   . LYS A 1 51 ? 0.378   -10.052 -5.172 1.00 15.10 ? 51  LYS A N   1 
ATOM   388 C CA  . LYS A 1 51 ? -0.101  -8.848  -5.587 1.00 18.45 ? 51  LYS A CA  1 
ATOM   389 C C   . LYS A 1 51 ? 0.526   -7.427  -5.480 1.00 15.28 ? 51  LYS A C   1 
ATOM   390 O O   . LYS A 1 51 ? -0.054  -6.872  -4.693 1.00 9.72  ? 51  LYS A O   1 
ATOM   391 C CB  . LYS A 1 51 ? -0.806  -8.773  -6.915 1.00 14.75 ? 51  LYS A CB  1 
ATOM   392 C CG  . LYS A 1 51 ? -0.786  -10.095 -7.705 1.00 19.28 ? 51  LYS A CG  1 
ATOM   393 C CD  . LYS A 1 51 ? -1.750  -9.933  -8.896 1.00 21.94 ? 51  LYS A CD  1 
ATOM   394 C CE  . LYS A 1 51 ? -1.131  -11.174 -9.774 1.00 16.12 ? 51  LYS A CE  1 
ATOM   395 N NZ  . LYS A 1 51 ? -1.088  -12.125 -8.573 1.00 19.28 ? 51  LYS A NZ  1 
ATOM   396 N N   . LEU A 1 52 ? 1.668   -7.032  -6.141 1.00 15.65 ? 52  LEU A N   1 
ATOM   397 C CA  . LEU A 1 52 ? 2.243   -5.767  -5.672 1.00 11.22 ? 52  LEU A CA  1 
ATOM   398 C C   . LEU A 1 52 ? 2.703   -4.736  -6.738 1.00 13.49 ? 52  LEU A C   1 
ATOM   399 O O   . LEU A 1 52 ? 3.233   -4.926  -7.799 1.00 14.77 ? 52  LEU A O   1 
ATOM   400 C CB  . LEU A 1 52 ? 2.171   -5.217  -4.292 1.00 15.98 ? 52  LEU A CB  1 
ATOM   401 C CG  . LEU A 1 52 ? 2.977   -4.790  -2.987 1.00 15.79 ? 52  LEU A CG  1 
ATOM   402 C CD1 . LEU A 1 52 ? 4.307   -4.955  -3.450 1.00 14.71 ? 52  LEU A CD1 1 
ATOM   403 C CD2 . LEU A 1 52 ? 2.777   -3.191  -3.045 1.00 18.83 ? 52  LEU A CD2 1 
ATOM   404 N N   . SER A 1 53 ? 2.439   -3.458  -6.235 1.00 13.36 ? 53  SER A N   1 
ATOM   405 C CA  . SER A 1 53 ? 2.775   -2.183  -6.781 1.00 13.35 ? 53  SER A CA  1 
ATOM   406 C C   . SER A 1 53 ? 3.132   -1.034  -5.778 1.00 15.20 ? 53  SER A C   1 
ATOM   407 O O   . SER A 1 53 ? 2.422   -0.918  -4.803 1.00 13.05 ? 53  SER A O   1 
ATOM   408 C CB  . SER A 1 53 ? 1.426   -1.935  -7.480 1.00 8.69  ? 53  SER A CB  1 
ATOM   409 O OG  . SER A 1 53 ? 1.257   -0.616  -8.011 1.00 18.15 ? 53  SER A OG  1 
ATOM   410 N N   . CYS A 1 54 ? 4.238   -0.539  -6.365 1.00 16.77 ? 54  CYS A N   1 
ATOM   411 C CA  . CYS A 1 54 ? 4.977   0.576   -5.677 1.00 10.78 ? 54  CYS A CA  1 
ATOM   412 C C   . CYS A 1 54 ? 5.079   1.880   -6.394 1.00 9.94  ? 54  CYS A C   1 
ATOM   413 O O   . CYS A 1 54 ? 5.206   1.865   -7.704 1.00 16.66 ? 54  CYS A O   1 
ATOM   414 C CB  . CYS A 1 54 ? 6.416   0.213   -5.264 1.00 13.58 ? 54  CYS A CB  1 
ATOM   415 S SG  . CYS A 1 54 ? 6.470   -1.310  -4.353 1.00 14.39 ? 54  CYS A SG  1 
ATOM   416 N N   . CYS A 1 55 ? 4.869   3.086   -6.198 1.00 11.24 ? 55  CYS A N   1 
ATOM   417 C CA  . CYS A 1 55 ? 5.019   4.351   -6.969 1.00 11.91 ? 55  CYS A CA  1 
ATOM   418 C C   . CYS A 1 55 ? 5.887   4.976   -5.833 1.00 10.31 ? 55  CYS A C   1 
ATOM   419 O O   . CYS A 1 55 ? 6.071   4.867   -4.679 1.00 10.98 ? 55  CYS A O   1 
ATOM   420 C CB  . CYS A 1 55 ? 3.576   4.666   -7.193 1.00 12.18 ? 55  CYS A CB  1 
ATOM   421 S SG  . CYS A 1 55 ? 2.407   4.597   -5.708 1.00 10.15 ? 55  CYS A SG  1 
ATOM   422 N N   . GLU A 1 56 ? 6.819   5.747   -6.142 1.00 12.25 ? 56  GLU A N   1 
ATOM   423 C CA  . GLU A 1 56 ? 7.052   7.130   -6.079 1.00 16.78 ? 56  GLU A CA  1 
ATOM   424 C C   . GLU A 1 56 ? 6.565   8.469   -6.320 1.00 16.59 ? 56  GLU A C   1 
ATOM   425 O O   . GLU A 1 56 ? 7.300   9.339   -6.977 1.00 19.10 ? 56  GLU A O   1 
ATOM   426 C CB  . GLU A 1 56 ? 8.227   7.880   -5.291 1.00 20.60 ? 56  GLU A CB  1 
ATOM   427 C CG  . GLU A 1 56 ? 9.366   6.999   -4.592 1.00 26.43 ? 56  GLU A CG  1 
ATOM   428 C CD  . GLU A 1 56 ? 10.048  6.380   -5.849 1.00 24.86 ? 56  GLU A CD  1 
ATOM   429 O OE1 . GLU A 1 56 ? 9.066   6.146   -6.530 1.00 20.91 ? 56  GLU A OE1 1 
ATOM   430 O OE2 . GLU A 1 56 ? 11.210  6.263   -6.035 1.00 29.23 ? 56  GLU A OE2 1 
ATOM   431 N N   . SER A 1 57 ? 5.536   8.801   -5.651 1.00 17.46 ? 57  SER A N   1 
ATOM   432 C CA  . SER A 1 57 ? 5.138   10.189  -5.402 1.00 18.14 ? 57  SER A CA  1 
ATOM   433 C C   . SER A 1 57 ? 4.060   10.246  -4.382 1.00 15.36 ? 57  SER A C   1 
ATOM   434 O O   . SER A 1 57 ? 3.416   9.179   -4.305 1.00 17.17 ? 57  SER A O   1 
ATOM   435 C CB  . SER A 1 57 ? 4.521   10.742  -6.740 1.00 17.69 ? 57  SER A CB  1 
ATOM   436 O OG  . SER A 1 57 ? 3.642   9.874   -7.398 1.00 16.75 ? 57  SER A OG  1 
ATOM   437 N N   . GLU A 1 58 ? 3.488   11.211  -3.780 1.00 18.80 ? 58  GLU A N   1 
ATOM   438 C CA  . GLU A 1 58 ? 2.491   11.566  -2.744 1.00 16.56 ? 58  GLU A CA  1 
ATOM   439 C C   . GLU A 1 58 ? 1.187   10.923  -2.837 1.00 13.97 ? 58  GLU A C   1 
ATOM   440 O O   . GLU A 1 58 ? 0.936   11.242  -4.054 1.00 16.98 ? 58  GLU A O   1 
ATOM   441 C CB  . GLU A 1 58 ? 2.468   13.150  -2.534 1.00 19.95 ? 58  GLU A CB  1 
ATOM   442 C CG  . GLU A 1 58 ? 3.976   13.567  -2.476 1.00 17.19 ? 58  GLU A CG  1 
ATOM   443 C CD  . GLU A 1 58 ? 4.770   12.680  -1.475 1.00 17.93 ? 58  GLU A CD  1 
ATOM   444 O OE1 . GLU A 1 58 ? 5.840   11.959  -1.554 1.00 17.94 ? 58  GLU A OE1 1 
ATOM   445 O OE2 . GLU A 1 58 ? 4.533   12.467  -0.385 1.00 19.83 ? 58  GLU A OE2 1 
ATOM   446 N N   . VAL A 1 59 ? 0.398   10.142  -2.167 1.00 13.34 ? 59  VAL A N   1 
ATOM   447 C CA  . VAL A 1 59 ? -0.997  9.686   -2.372 1.00 14.83 ? 59  VAL A CA  1 
ATOM   448 C C   . VAL A 1 59 ? -0.945  8.837   -3.580 1.00 11.03 ? 59  VAL A C   1 
ATOM   449 O O   . VAL A 1 59 ? -2.078  8.521   -4.207 1.00 18.49 ? 59  VAL A O   1 
ATOM   450 N N   . CYS A 1 60 ? 0.049   8.508   -4.327 1.00 11.46 ? 60  CYS A N   1 
ATOM   451 C CA  . CYS A 1 60 ? 0.406   7.540   -5.252 1.00 7.87  ? 60  CYS A CA  1 
ATOM   452 C C   . CYS A 1 60 ? -0.402  6.248   -5.345 1.00 12.24 ? 60  CYS A C   1 
ATOM   453 O O   . CYS A 1 60 ? -0.774  5.565   -6.422 1.00 11.67 ? 60  CYS A O   1 
ATOM   454 C CB  . CYS A 1 60 ? 1.613   7.505   -5.984 1.00 6.64  ? 60  CYS A CB  1 
ATOM   455 S SG  . CYS A 1 60 ? 2.851   6.545   -4.954 1.00 10.74 ? 60  CYS A SG  1 
ATOM   456 N N   . ASN A 1 61 ? -0.766  5.439   -4.343 1.00 12.72 ? 61  ASN A N   1 
ATOM   457 C CA  . ASN A 1 61 ? -1.135  4.081   -3.975 1.00 9.67  ? 61  ASN A CA  1 
ATOM   458 C C   . ASN A 1 61 ? -2.646  3.961   -3.811 1.00 16.45 ? 61  ASN A C   1 
ATOM   459 O O   . ASN A 1 61 ? -2.896  2.858   -3.378 1.00 19.72 ? 61  ASN A O   1 
ATOM   460 C CB  . ASN A 1 61 ? -0.207  3.674   -2.825 1.00 4.22  ? 61  ASN A CB  1 
ATOM   461 C CG  . ASN A 1 61 ? -0.222  3.908   -1.361 1.00 2.00  ? 61  ASN A CG  1 
ATOM   462 O OD1 . ASN A 1 61 ? -0.409  5.122   -1.519 1.00 6.01  ? 61  ASN A OD1 1 
ATOM   463 N ND2 . ASN A 1 61 ? -0.402  3.253   -0.541 1.00 6.93  ? 61  ASN A ND2 1 
ATOM   464 N N   . ASN A 1 62 ? -3.201  5.120   -4.157 1.00 19.53 ? 62  ASN A N   1 
ATOM   465 C CA  . ASN A 1 62 ? -4.185  5.339   -5.141 1.00 24.47 ? 62  ASN A CA  1 
ATOM   466 C C   . ASN A 1 62 ? -4.579  6.805   -5.636 1.00 21.02 ? 62  ASN A C   1 
ATOM   467 O O   . ASN A 1 62 ? -3.888  7.450   -6.412 1.00 19.18 ? 62  ASN A O   1 
ATOM   468 C CB  . ASN A 1 62 ? -5.647  4.858   -5.162 1.00 24.27 ? 62  ASN A CB  1 
ATOM   469 C CG  . ASN A 1 62 ? -5.296  3.446   -5.216 1.00 19.73 ? 62  ASN A CG  1 
ATOM   470 O OD1 . ASN A 1 62 ? -5.670  2.676   -4.207 1.00 17.95 ? 62  ASN A OD1 1 
ATOM   471 N ND2 . ASN A 1 62 ? -4.623  2.890   -5.989 1.00 19.82 ? 62  ASN A ND2 1 
ATOM   472 O OXT . ASN A 1 62 ? -5.834  7.077   -5.145 1.00 23.35 ? 62  ASN A OXT 1 
HETATM 473 S S   . SO4 B 2 .  ? 3.817   13.651  -0.611 1.00 23.06 ? 63  SO4 A S   1 
HETATM 474 O O1  . SO4 B 2 .  ? 4.208   14.249  0.799  1.00 23.19 ? 63  SO4 A O1  1 
HETATM 475 O O2  . SO4 B 2 .  ? 3.156   12.345  -0.264 1.00 28.20 ? 63  SO4 A O2  1 
HETATM 476 S S   . SO4 C 2 .  ? -0.188  2.606   9.540  1.00 20.00 ? 64  SO4 A S   1 
HETATM 477 O O   . HOH D 3 .  ? -3.323  -1.127  14.455 1.00 20.00 ? 65  HOH A O   1 
HETATM 478 O O   . HOH D 3 .  ? -2.938  -6.874  8.915  1.00 20.00 ? 66  HOH A O   1 
HETATM 479 O O   . HOH D 3 .  ? 2.618   7.530   1.408  1.00 20.00 ? 67  HOH A O   1 
HETATM 480 O O   . HOH D 3 .  ? -2.465  10.637  2.900  1.00 20.00 ? 68  HOH A O   1 
HETATM 481 O O   . HOH D 3 .  ? -1.397  8.169   -1.390 1.00 20.00 ? 69  HOH A O   1 
HETATM 482 O O   . HOH D 3 .  ? -5.035  5.171   6.296  1.00 20.00 ? 70  HOH A O   1 
HETATM 483 O O   . HOH D 3 .  ? -4.350  -1.227  4.725  1.00 20.00 ? 71  HOH A O   1 
HETATM 484 O O   . HOH D 3 .  ? -8.591  2.634   4.912  1.00 20.00 ? 72  HOH A O   1 
HETATM 485 O O   . HOH D 3 .  ? -7.182  -4.420  5.565  1.00 20.00 ? 73  HOH A O   1 
HETATM 486 O O   . HOH D 3 .  ? -7.451  -4.541  7.859  1.00 20.00 ? 74  HOH A O   1 
HETATM 487 O O   . HOH D 3 .  ? -7.420  -3.785  4.045  1.00 20.00 ? 75  HOH A O   1 
HETATM 488 O O   . HOH D 3 .  ? -11.047 -1.496  6.655  1.00 20.00 ? 76  HOH A O   1 
HETATM 489 O O   . HOH D 3 .  ? -8.447  -1.468  8.233  1.00 20.00 ? 77  HOH A O   1 
HETATM 490 O O   . HOH D 3 .  ? -12.614 5.016   -0.132 1.00 20.00 ? 78  HOH A O   1 
HETATM 491 O O   . HOH D 3 .  ? -7.857  5.011   -2.202 1.00 20.00 ? 79  HOH A O   1 
HETATM 492 O O   . HOH D 3 .  ? -4.587  6.027   6.335  1.00 20.00 ? 80  HOH A O   1 
HETATM 493 O O   . HOH D 3 .  ? -3.506  9.877   7.339  1.00 20.00 ? 81  HOH A O   1 
HETATM 494 O O   . HOH D 3 .  ? -1.456  3.666   7.776  1.00 20.00 ? 82  HOH A O   1 
HETATM 495 O O   . HOH D 3 .  ? 0.279   5.640   10.886 1.00 20.00 ? 83  HOH A O   1 
HETATM 496 O O   . HOH D 3 .  ? 3.527   0.654   8.587  1.00 20.00 ? 84  HOH A O   1 
HETATM 497 O O   . HOH D 3 .  ? 2.375   1.461   5.718  1.00 20.00 ? 85  HOH A O   1 
HETATM 498 O O   . HOH D 3 .  ? 5.778   15.479  8.933  1.00 20.00 ? 86  HOH A O   1 
HETATM 499 O O   . HOH D 3 .  ? 4.774   7.063   8.924  1.00 20.00 ? 87  HOH A O   1 
HETATM 500 O O   . HOH D 3 .  ? 5.020   4.498   6.345  1.00 20.00 ? 88  HOH A O   1 
HETATM 501 O O   . HOH D 3 .  ? 8.300   8.409   10.970 1.00 20.00 ? 89  HOH A O   1 
HETATM 502 O O   . HOH D 3 .  ? 12.616  7.907   10.215 1.00 20.00 ? 90  HOH A O   1 
HETATM 503 O O   . HOH D 3 .  ? 13.569  6.763   6.350  1.00 20.00 ? 91  HOH A O   1 
HETATM 504 O O   . HOH D 3 .  ? 6.813   -5.795  17.546 1.00 20.00 ? 92  HOH A O   1 
HETATM 505 O O   . HOH D 3 .  ? 8.391   4.601   6.149  1.00 20.00 ? 93  HOH A O   1 
HETATM 506 O O   . HOH D 3 .  ? 0.823   -6.899  10.640 1.00 20.00 ? 94  HOH A O   1 
HETATM 507 O O   . HOH D 3 .  ? -1.267  -3.421  12.596 1.00 20.00 ? 95  HOH A O   1 
HETATM 508 O O   . HOH D 3 .  ? 5.540   0.510   -4.013 1.00 20.00 ? 96  HOH A O   1 
HETATM 509 O O   . HOH D 3 .  ? -0.299  2.450   -1.569 1.00 20.00 ? 97  HOH A O   1 
HETATM 510 O O   . HOH D 3 .  ? 0.062   3.006   0.850  1.00 20.00 ? 98  HOH A O   1 
HETATM 511 O O   . HOH D 3 .  ? 1.162   -1.833  2.229  1.00 20.00 ? 99  HOH A O   1 
HETATM 512 O O   . HOH D 3 .  ? 1.596   -3.238  -4.420 1.00 20.00 ? 100 HOH A O   1 
HETATM 513 O O   . HOH D 3 .  ? -1.934  -7.865  4.305  1.00 20.00 ? 101 HOH A O   1 
HETATM 514 O O   . HOH D 3 .  ? -3.664  -8.007  -0.295 1.00 20.00 ? 102 HOH A O   1 
HETATM 515 O O   . HOH D 3 .  ? -1.062  -5.542  -0.318 1.00 20.00 ? 103 HOH A O   1 
HETATM 516 O O   . HOH D 3 .  ? -7.237  -9.991  -3.981 1.00 20.00 ? 104 HOH A O   1 
HETATM 517 O O   . HOH D 3 .  ? -5.772  -10.972 -4.186 1.00 20.00 ? 105 HOH A O   1 
HETATM 518 O O   . HOH D 3 .  ? -1.209  -11.904 3.934  1.00 20.00 ? 106 HOH A O   1 
HETATM 519 O O   . HOH D 3 .  ? -12.505 -15.494 -1.187 1.00 20.00 ? 107 HOH A O   1 
HETATM 520 O O   . HOH D 3 .  ? 1.932   0.277   -6.050 1.00 20.00 ? 108 HOH A O   1 
HETATM 521 O O   . HOH D 3 .  ? -8.155  -12.920 -2.221 1.00 20.00 ? 109 HOH A O   1 
HETATM 522 O O   . HOH D 3 .  ? -11.127 -7.186  -1.987 1.00 20.00 ? 110 HOH A O   1 
HETATM 523 O O   . HOH D 3 .  ? -9.472  0.814   -0.386 1.00 20.00 ? 111 HOH A O   1 
HETATM 524 O O   . HOH D 3 .  ? 1.704   1.004   5.881  1.00 20.00 ? 112 HOH A O   1 
HETATM 525 O O   . HOH D 3 .  ? 3.843   0.247   -0.166 1.00 20.00 ? 113 HOH A O   1 
HETATM 526 O O   . HOH D 3 .  ? 10.055  -0.990  2.453  1.00 20.00 ? 114 HOH A O   1 
HETATM 527 O O   . HOH D 3 .  ? 9.845   -4.774  -2.427 1.00 20.00 ? 115 HOH A O   1 
HETATM 528 O O   . HOH D 3 .  ? 3.647   -8.756  1.582  1.00 20.00 ? 116 HOH A O   1 
HETATM 529 O O   . HOH D 3 .  ? 3.081   -11.554 3.347  1.00 20.00 ? 117 HOH A O   1 
HETATM 530 O O   . HOH D 3 .  ? 1.979   -14.116 3.410  1.00 20.00 ? 118 HOH A O   1 
HETATM 531 O O   . HOH D 3 .  ? 6.924   -14.952 4.085  1.00 20.00 ? 119 HOH A O   1 
HETATM 532 O O   . HOH D 3 .  ? 4.834   -13.516 -1.559 1.00 20.00 ? 120 HOH A O   1 
HETATM 533 O O   . HOH D 3 .  ? 1.176   -10.756 -2.392 1.00 20.00 ? 121 HOH A O   1 
HETATM 534 O O   . HOH D 3 .  ? 3.413   -9.332  -5.216 1.00 20.00 ? 122 HOH A O   1 
HETATM 535 O O   . HOH D 3 .  ? 4.069   -9.780  -2.614 1.00 20.00 ? 123 HOH A O   1 
HETATM 536 O O   . HOH D 3 .  ? 4.542   -10.492 0.803  1.00 20.00 ? 124 HOH A O   1 
HETATM 537 O O   . HOH D 3 .  ? 6.102   -8.753  0.324  1.00 20.00 ? 125 HOH A O   1 
HETATM 538 O O   . HOH D 3 .  ? 4.161   -7.265  -0.306 1.00 20.00 ? 126 HOH A O   1 
HETATM 539 O O   . HOH D 3 .  ? -3.230  -12.124 -5.787 1.00 20.00 ? 127 HOH A O   1 
HETATM 540 O O   . HOH D 3 .  ? -2.383  -7.531  9.342  1.00 20.00 ? 128 HOH A O   1 
HETATM 541 O O   . HOH D 3 .  ? -7.463  -0.113  12.830 1.00 20.00 ? 129 HOH A O   1 
HETATM 542 O O   . HOH D 3 .  ? -2.287  7.631   -0.493 1.00 20.00 ? 130 HOH A O   1 
HETATM 543 O O   . HOH D 3 .  ? -5.206  4.367   -5.925 1.00 20.00 ? 131 HOH A O   1 
# 
